data_1XT3
# 
_entry.id   1XT3 
# 
_audit_conform.dict_name       mmcif_pdbx.dic 
_audit_conform.dict_version    5.397 
_audit_conform.dict_location   http://mmcif.pdb.org/dictionaries/ascii/mmcif_pdbx.dic 
# 
loop_
_database_2.database_id 
_database_2.database_code 
_database_2.pdbx_database_accession 
_database_2.pdbx_DOI 
PDB   1XT3         pdb_00001xt3 10.2210/pdb1xt3/pdb 
RCSB  RCSB030736   ?            ?                   
WWPDB D_1000030736 ?            ?                   
# 
loop_
_pdbx_audit_revision_history.ordinal 
_pdbx_audit_revision_history.data_content_type 
_pdbx_audit_revision_history.major_revision 
_pdbx_audit_revision_history.minor_revision 
_pdbx_audit_revision_history.revision_date 
1 'Structure model' 1 0 2004-12-14 
2 'Structure model' 1 1 2008-04-30 
3 'Structure model' 1 2 2011-07-13 
4 'Structure model' 1 3 2017-10-11 
5 'Structure model' 2 0 2020-07-29 
6 'Structure model' 2 1 2024-10-09 
# 
loop_
_pdbx_audit_revision_details.ordinal 
_pdbx_audit_revision_details.revision_ordinal 
_pdbx_audit_revision_details.data_content_type 
_pdbx_audit_revision_details.provider 
_pdbx_audit_revision_details.type 
_pdbx_audit_revision_details.description 
_pdbx_audit_revision_details.details 
1 1 'Structure model' repository 'Initial release' ?                          ? 
2 5 'Structure model' repository Remediation       'Carbohydrate remediation' ? 
# 
loop_
_pdbx_audit_revision_group.ordinal 
_pdbx_audit_revision_group.revision_ordinal 
_pdbx_audit_revision_group.data_content_type 
_pdbx_audit_revision_group.group 
1  2 'Structure model' 'Version format compliance' 
2  3 'Structure model' 'Non-polymer description'   
3  3 'Structure model' 'Version format compliance' 
4  4 'Structure model' 'Refinement description'    
5  5 'Structure model' Advisory                    
6  5 'Structure model' 'Atomic model'              
7  5 'Structure model' 'Data collection'           
8  5 'Structure model' 'Derived calculations'      
9  5 'Structure model' 'Structure summary'         
10 6 'Structure model' 'Data collection'           
11 6 'Structure model' 'Database references'       
12 6 'Structure model' 'Structure summary'         
# 
loop_
_pdbx_audit_revision_category.ordinal 
_pdbx_audit_revision_category.revision_ordinal 
_pdbx_audit_revision_category.data_content_type 
_pdbx_audit_revision_category.category 
1  4 'Structure model' software                      
2  5 'Structure model' atom_site                     
3  5 'Structure model' chem_comp                     
4  5 'Structure model' database_PDB_caveat           
5  5 'Structure model' entity                        
6  5 'Structure model' pdbx_branch_scheme            
7  5 'Structure model' pdbx_chem_comp_identifier     
8  5 'Structure model' pdbx_entity_branch            
9  5 'Structure model' pdbx_entity_branch_descriptor 
10 5 'Structure model' pdbx_entity_branch_link       
11 5 'Structure model' pdbx_entity_branch_list       
12 5 'Structure model' pdbx_entity_nonpoly           
13 5 'Structure model' pdbx_nonpoly_scheme           
14 5 'Structure model' pdbx_struct_assembly_gen      
15 5 'Structure model' pdbx_unobs_or_zero_occ_atoms  
16 5 'Structure model' pdbx_validate_chiral          
17 5 'Structure model' struct_asym                   
18 5 'Structure model' struct_conn                   
19 5 'Structure model' struct_site                   
20 5 'Structure model' struct_site_gen               
21 6 'Structure model' chem_comp                     
22 6 'Structure model' chem_comp_atom                
23 6 'Structure model' chem_comp_bond                
24 6 'Structure model' database_2                    
25 6 'Structure model' pdbx_entry_details            
26 6 'Structure model' pdbx_modification_feature     
# 
loop_
_pdbx_audit_revision_item.ordinal 
_pdbx_audit_revision_item.revision_ordinal 
_pdbx_audit_revision_item.data_content_type 
_pdbx_audit_revision_item.item 
1  4 'Structure model' '_software.classification'                   
2  4 'Structure model' '_software.name'                             
3  5 'Structure model' '_atom_site.B_iso_or_equiv'                  
4  5 'Structure model' '_atom_site.Cartn_x'                         
5  5 'Structure model' '_atom_site.Cartn_y'                         
6  5 'Structure model' '_atom_site.Cartn_z'                         
7  5 'Structure model' '_atom_site.auth_asym_id'                    
8  5 'Structure model' '_atom_site.auth_atom_id'                    
9  5 'Structure model' '_atom_site.auth_comp_id'                    
10 5 'Structure model' '_atom_site.auth_seq_id'                     
11 5 'Structure model' '_atom_site.label_asym_id'                   
12 5 'Structure model' '_atom_site.label_atom_id'                   
13 5 'Structure model' '_atom_site.label_comp_id'                   
14 5 'Structure model' '_atom_site.label_entity_id'                 
15 5 'Structure model' '_atom_site.type_symbol'                     
16 5 'Structure model' '_chem_comp.mon_nstd_flag'                   
17 5 'Structure model' '_chem_comp.name'                            
18 5 'Structure model' '_chem_comp.type'                            
19 5 'Structure model' '_pdbx_struct_assembly_gen.asym_id_list'     
20 5 'Structure model' '_pdbx_unobs_or_zero_occ_atoms.auth_asym_id' 
21 5 'Structure model' '_pdbx_unobs_or_zero_occ_atoms.auth_seq_id'  
22 5 'Structure model' '_pdbx_unobs_or_zero_occ_atoms.label_seq_id' 
23 5 'Structure model' '_pdbx_validate_chiral.auth_asym_id'         
24 5 'Structure model' '_pdbx_validate_chiral.auth_seq_id'          
25 5 'Structure model' '_struct_conn.pdbx_dist_value'               
26 5 'Structure model' '_struct_conn.pdbx_leaving_atom_flag'        
27 5 'Structure model' '_struct_conn.ptnr1_auth_asym_id'            
28 5 'Structure model' '_struct_conn.ptnr1_auth_comp_id'            
29 5 'Structure model' '_struct_conn.ptnr1_auth_seq_id'             
30 5 'Structure model' '_struct_conn.ptnr1_label_asym_id'           
31 5 'Structure model' '_struct_conn.ptnr1_label_atom_id'           
32 5 'Structure model' '_struct_conn.ptnr1_label_comp_id'           
33 5 'Structure model' '_struct_conn.ptnr2_auth_asym_id'            
34 5 'Structure model' '_struct_conn.ptnr2_auth_comp_id'            
35 5 'Structure model' '_struct_conn.ptnr2_auth_seq_id'             
36 5 'Structure model' '_struct_conn.ptnr2_label_asym_id'           
37 5 'Structure model' '_struct_conn.ptnr2_label_atom_id'           
38 5 'Structure model' '_struct_conn.ptnr2_label_comp_id'           
39 5 'Structure model' '_struct_conn.ptnr2_label_seq_id'            
40 6 'Structure model' '_chem_comp.pdbx_synonyms'                   
41 6 'Structure model' '_database_2.pdbx_DOI'                       
42 6 'Structure model' '_database_2.pdbx_database_accession'        
# 
_database_PDB_caveat.id     1 
_database_PDB_caveat.text   'IDS C 6 HAS WRONG CHIRALITY AT ATOM C5' 
# 
_pdbx_database_status.status_code                     REL 
_pdbx_database_status.entry_id                        1XT3 
_pdbx_database_status.recvd_initial_deposition_date   2004-10-21 
_pdbx_database_status.deposit_site                    RCSB 
_pdbx_database_status.process_site                    PDBJ 
_pdbx_database_status.status_code_sf                  ? 
_pdbx_database_status.status_code_mr                  ? 
_pdbx_database_status.SG_entry                        ? 
_pdbx_database_status.pdb_format_compatible           Y 
_pdbx_database_status.status_code_cs                  ? 
_pdbx_database_status.methods_development_category    ? 
_pdbx_database_status.status_code_nmr_data            ? 
# 
loop_
_audit_author.name 
_audit_author.pdbx_ordinal 
'Lee, S.-C.'   1 
'Guan, H.-H.'  2 
'Wang, C.-H.'  3 
'Huang, W.-N.' 4 
'Chen, C.-J.'  5 
'Wu, W.-G.'    6 
# 
_citation.id                        primary 
_citation.title                     
'Structural basis of citrate-dependent and heparan sulfate-mediated cell surface retention of cobra cardiotoxin A3' 
_citation.journal_abbrev            J.Biol.Chem. 
_citation.journal_volume            280 
_citation.page_first                9567 
_citation.page_last                 9577 
_citation.year                      2005 
_citation.journal_id_ASTM           JBCHA3 
_citation.country                   US 
_citation.journal_id_ISSN           0021-9258 
_citation.journal_id_CSD            0071 
_citation.book_publisher            ? 
_citation.pdbx_database_id_PubMed   15590643 
_citation.pdbx_database_id_DOI      10.1074/jbc.M412398200 
# 
loop_
_citation_author.citation_id 
_citation_author.name 
_citation_author.ordinal 
_citation_author.identifier_ORCID 
primary 'Lee, S.-C.'   1 ? 
primary 'Guan, H.-H.'  2 ? 
primary 'Wang, C.-H.'  3 ? 
primary 'Huang, W.-N.' 4 ? 
primary 'Tjong, S.-C.' 5 ? 
primary 'Chen, C.-J.'  6 ? 
primary 'Wu, W.-G.'    7 ? 
# 
loop_
_entity.id 
_entity.type 
_entity.src_method 
_entity.pdbx_description 
_entity.formula_weight 
_entity.pdbx_number_of_molecules 
_entity.pdbx_ec 
_entity.pdbx_mutation 
_entity.pdbx_fragment 
_entity.details 
1 polymer     nat 'Cytotoxin 3' 6758.330 2  ? ? ? ? 
2 branched    man 
;2-O-sulfo-alpha-L-idopyranuronic acid-(1-4)-2-deoxy-6-O-sulfo-2-(sulfoamino)-alpha-D-glucopyranose-(1-4)-2-O-sulfo-alpha-L-idopyranuronic acid-(1-4)-2-deoxy-6-O-sulfo-2-(sulfoamino)-alpha-D-glucopyranose-(1-4)-2-O-sulfo-alpha-L-idopyranuronic acid-(1-4)-2-deoxy-6-O-sulfo-2-(sulfoamino)-alpha-D-glucopyranose
;
1750.427 1  ? ? ? ? 
3 non-polymer syn 'CITRIC ACID' 192.124  1  ? ? ? ? 
4 water       nat water 18.015   10 ? ? ? ? 
# 
_entity_name_com.entity_id   1 
_entity_name_com.name        'Cardiotoxin 3, CTX-3, Cardiotoxin analog III, CTX III' 
# 
_entity_poly.entity_id                      1 
_entity_poly.type                           'polypeptide(L)' 
_entity_poly.nstd_linkage                   no 
_entity_poly.nstd_monomer                   no 
_entity_poly.pdbx_seq_one_letter_code       LKCNKLVPLFYKTCPAGKNLCYKMFMVATPKVPVKRGCIDVCPKSSLLVKYVCCNTDRCN 
_entity_poly.pdbx_seq_one_letter_code_can   LKCNKLVPLFYKTCPAGKNLCYKMFMVATPKVPVKRGCIDVCPKSSLLVKYVCCNTDRCN 
_entity_poly.pdbx_strand_id                 A,B 
_entity_poly.pdbx_target_identifier         ? 
# 
loop_
_pdbx_entity_nonpoly.entity_id 
_pdbx_entity_nonpoly.name 
_pdbx_entity_nonpoly.comp_id 
3 'CITRIC ACID' CIT 
4 water         HOH 
# 
loop_
_entity_poly_seq.entity_id 
_entity_poly_seq.num 
_entity_poly_seq.mon_id 
_entity_poly_seq.hetero 
1 1  LEU n 
1 2  LYS n 
1 3  CYS n 
1 4  ASN n 
1 5  LYS n 
1 6  LEU n 
1 7  VAL n 
1 8  PRO n 
1 9  LEU n 
1 10 PHE n 
1 11 TYR n 
1 12 LYS n 
1 13 THR n 
1 14 CYS n 
1 15 PRO n 
1 16 ALA n 
1 17 GLY n 
1 18 LYS n 
1 19 ASN n 
1 20 LEU n 
1 21 CYS n 
1 22 TYR n 
1 23 LYS n 
1 24 MET n 
1 25 PHE n 
1 26 MET n 
1 27 VAL n 
1 28 ALA n 
1 29 THR n 
1 30 PRO n 
1 31 LYS n 
1 32 VAL n 
1 33 PRO n 
1 34 VAL n 
1 35 LYS n 
1 36 ARG n 
1 37 GLY n 
1 38 CYS n 
1 39 ILE n 
1 40 ASP n 
1 41 VAL n 
1 42 CYS n 
1 43 PRO n 
1 44 LYS n 
1 45 SER n 
1 46 SER n 
1 47 LEU n 
1 48 LEU n 
1 49 VAL n 
1 50 LYS n 
1 51 TYR n 
1 52 VAL n 
1 53 CYS n 
1 54 CYS n 
1 55 ASN n 
1 56 THR n 
1 57 ASP n 
1 58 ARG n 
1 59 CYS n 
1 60 ASN n 
# 
_entity_src_nat.entity_id                  1 
_entity_src_nat.pdbx_src_id                1 
_entity_src_nat.pdbx_alt_source_flag       sample 
_entity_src_nat.pdbx_beg_seq_num           ? 
_entity_src_nat.pdbx_end_seq_num           ? 
_entity_src_nat.common_name                'Chinese cobra' 
_entity_src_nat.pdbx_organism_scientific   'Naja atra' 
_entity_src_nat.pdbx_ncbi_taxonomy_id      8656 
_entity_src_nat.genus                      Naja 
_entity_src_nat.species                    ? 
_entity_src_nat.strain                     ? 
_entity_src_nat.tissue                     ? 
_entity_src_nat.tissue_fraction            ? 
_entity_src_nat.pdbx_secretion             ? 
_entity_src_nat.pdbx_fragment              ? 
_entity_src_nat.pdbx_variant               ? 
_entity_src_nat.pdbx_cell_line             ? 
_entity_src_nat.pdbx_atcc                  ? 
_entity_src_nat.pdbx_cellular_location     ? 
_entity_src_nat.pdbx_organ                 ? 
_entity_src_nat.pdbx_organelle             ? 
_entity_src_nat.pdbx_cell                  ? 
_entity_src_nat.pdbx_plasmid_name          ? 
_entity_src_nat.pdbx_plasmid_details       ? 
_entity_src_nat.details                    ? 
# 
_pdbx_entity_branch.entity_id   2 
_pdbx_entity_branch.type        oligosaccharide 
# 
loop_
_pdbx_entity_branch_descriptor.ordinal 
_pdbx_entity_branch_descriptor.entity_id 
_pdbx_entity_branch_descriptor.descriptor 
_pdbx_entity_branch_descriptor.type 
_pdbx_entity_branch_descriptor.program 
_pdbx_entity_branch_descriptor.program_version 
1 2 
'WURCS=2.0/2,6,5/[a2122h-1a_1-5_2*NSO/3=O/3=O_6*OSO/3=O/3=O][a2121A-1a_1-5_2*OSO/3=O/3=O]/1-2-1-2-1-2/a4-b1_b4-c1_c4-d1_d4-e1_e4-f1' 
WURCS  PDB2Glycan 1.1.0 
2 2 
;[][a-D-GlcpNSO36SO3]{[(4+1)][a-L-IdopA2SO3]{[(4+1)][a-D-GlcpNSO36SO3]{[(4+1)][a-L-IdopA2SO3]{[(4+1)][a-D-GlcpNSO36SO3]{[(4+1)][a-L-4-deoxy-IdopA2SO3]{}}}}}}
;
LINUCS PDB-CARE   ?     
# 
loop_
_pdbx_entity_branch_link.link_id 
_pdbx_entity_branch_link.entity_id 
_pdbx_entity_branch_link.entity_branch_list_num_1 
_pdbx_entity_branch_link.comp_id_1 
_pdbx_entity_branch_link.atom_id_1 
_pdbx_entity_branch_link.leaving_atom_id_1 
_pdbx_entity_branch_link.entity_branch_list_num_2 
_pdbx_entity_branch_link.comp_id_2 
_pdbx_entity_branch_link.atom_id_2 
_pdbx_entity_branch_link.leaving_atom_id_2 
_pdbx_entity_branch_link.value_order 
_pdbx_entity_branch_link.details 
1 2 2 IDS C1 O1 1 SGN O4 HO4 sing ? 
2 2 3 SGN C1 O1 2 IDS O4 HO4 sing ? 
3 2 4 IDS C1 O1 3 SGN O4 HO4 sing ? 
4 2 5 SGN C1 O1 4 IDS O4 HO4 sing ? 
5 2 6 IDS C1 O1 5 SGN O4 HO4 sing ? 
# 
loop_
_chem_comp.id 
_chem_comp.type 
_chem_comp.mon_nstd_flag 
_chem_comp.name 
_chem_comp.pdbx_synonyms 
_chem_comp.formula 
_chem_comp.formula_weight 
ALA 'L-peptide linking'           y ALANINE                                                  ? 'C3 H7 N O2'      89.093  
ARG 'L-peptide linking'           y ARGININE                                                 ? 'C6 H15 N4 O2 1'  175.209 
ASN 'L-peptide linking'           y ASPARAGINE                                               ? 'C4 H8 N2 O3'     132.118 
ASP 'L-peptide linking'           y 'ASPARTIC ACID'                                          ? 'C4 H7 N O4'      133.103 
CIT non-polymer                   . 'CITRIC ACID'                                            ? 'C6 H8 O7'        192.124 
CYS 'L-peptide linking'           y CYSTEINE                                                 ? 'C3 H7 N O2 S'    121.158 
GLY 'peptide linking'             y GLYCINE                                                  ? 'C2 H5 N O2'      75.067  
HOH non-polymer                   . WATER                                                    ? 'H2 O'            18.015  
IDS 'L-saccharide, alpha linking' n '2-O-sulfo-alpha-L-idopyranuronic acid'                  
'O2-SULFO-GLUCURONIC ACID; 2-O-sulfo-alpha-L-iduronic acid; 2-O-sulfo-L-iduronic acid; 2-O-sulfo-iduronic acid' 'C6 H10 O10 S'    
274.203 
ILE 'L-peptide linking'           y ISOLEUCINE                                               ? 'C6 H13 N O2'     131.173 
LEU 'L-peptide linking'           y LEUCINE                                                  ? 'C6 H13 N O2'     131.173 
LYS 'L-peptide linking'           y LYSINE                                                   ? 'C6 H15 N2 O2 1'  147.195 
MET 'L-peptide linking'           y METHIONINE                                               ? 'C5 H11 N O2 S'   149.211 
PHE 'L-peptide linking'           y PHENYLALANINE                                            ? 'C9 H11 N O2'     165.189 
PRO 'L-peptide linking'           y PROLINE                                                  ? 'C5 H9 N O2'      115.130 
SER 'L-peptide linking'           y SERINE                                                   ? 'C3 H7 N O3'      105.093 
SGN 'D-saccharide, alpha linking' n '2-deoxy-6-O-sulfo-2-(sulfoamino)-alpha-D-glucopyranose' 
;N,O6-DISULFO-GLUCOSAMINE; 6-O-sulfo-N-sulfo-alpha-D-glucosamine; 2-deoxy-6-O-sulfo-2-(sulfoamino)-alpha-D-glucose; 2-deoxy-6-O-sulfo-2-(sulfoamino)-D-glucose; 2-deoxy-6-O-sulfo-2-(sulfoamino)-glucose
;
'C6 H13 N O11 S2' 339.298 
THR 'L-peptide linking'           y THREONINE                                                ? 'C4 H9 N O3'      119.119 
TYR 'L-peptide linking'           y TYROSINE                                                 ? 'C9 H11 N O3'     181.189 
VAL 'L-peptide linking'           y VALINE                                                   ? 'C5 H11 N O2'     117.146 
# 
loop_
_pdbx_chem_comp_identifier.comp_id 
_pdbx_chem_comp_identifier.type 
_pdbx_chem_comp_identifier.program 
_pdbx_chem_comp_identifier.program_version 
_pdbx_chem_comp_identifier.identifier 
IDS 'IUPAC CARBOHYDRATE SYMBOL'           PDB-CARE 1.0 a-L-IdopA2SO3                     
SGN 'CONDENSED IUPAC CARBOHYDRATE SYMBOL' GMML     1.0 'DGlcpNS[6S]a'                    
SGN 'COMMON NAME'                         GMML     1.0 N-sulfo-6-sulfo-a-D-glucopyranose 
SGN 'IUPAC CARBOHYDRATE SYMBOL'           PDB-CARE 1.0 a-D-GlcpNSO36SO3                  
# 
loop_
_pdbx_poly_seq_scheme.asym_id 
_pdbx_poly_seq_scheme.entity_id 
_pdbx_poly_seq_scheme.seq_id 
_pdbx_poly_seq_scheme.mon_id 
_pdbx_poly_seq_scheme.ndb_seq_num 
_pdbx_poly_seq_scheme.pdb_seq_num 
_pdbx_poly_seq_scheme.auth_seq_num 
_pdbx_poly_seq_scheme.pdb_mon_id 
_pdbx_poly_seq_scheme.auth_mon_id 
_pdbx_poly_seq_scheme.pdb_strand_id 
_pdbx_poly_seq_scheme.pdb_ins_code 
_pdbx_poly_seq_scheme.hetero 
A 1 1  LEU 1  1  1  LEU LEU A . n 
A 1 2  LYS 2  2  2  LYS LYS A . n 
A 1 3  CYS 3  3  3  CYS CYS A . n 
A 1 4  ASN 4  4  4  ASN ASN A . n 
A 1 5  LYS 5  5  5  LYS LYS A . n 
A 1 6  LEU 6  6  6  LEU LEU A . n 
A 1 7  VAL 7  7  7  VAL VAL A . n 
A 1 8  PRO 8  8  8  PRO PRO A . n 
A 1 9  LEU 9  9  9  LEU LEU A . n 
A 1 10 PHE 10 10 10 PHE PHE A . n 
A 1 11 TYR 11 11 11 TYR TYR A . n 
A 1 12 LYS 12 12 12 LYS LYS A . n 
A 1 13 THR 13 13 13 THR THR A . n 
A 1 14 CYS 14 14 14 CYS CYS A . n 
A 1 15 PRO 15 15 15 PRO PRO A . n 
A 1 16 ALA 16 16 16 ALA ALA A . n 
A 1 17 GLY 17 17 17 GLY GLY A . n 
A 1 18 LYS 18 18 18 LYS LYS A . n 
A 1 19 ASN 19 19 19 ASN ASN A . n 
A 1 20 LEU 20 20 20 LEU LEU A . n 
A 1 21 CYS 21 21 21 CYS CYS A . n 
A 1 22 TYR 22 22 22 TYR TYR A . n 
A 1 23 LYS 23 23 23 LYS LYS A . n 
A 1 24 MET 24 24 24 MET MET A . n 
A 1 25 PHE 25 25 25 PHE PHE A . n 
A 1 26 MET 26 26 26 MET MET A . n 
A 1 27 VAL 27 27 27 VAL VAL A . n 
A 1 28 ALA 28 28 28 ALA ALA A . n 
A 1 29 THR 29 29 29 THR THR A . n 
A 1 30 PRO 30 30 30 PRO PRO A . n 
A 1 31 LYS 31 31 31 LYS LYS A . n 
A 1 32 VAL 32 32 32 VAL VAL A . n 
A 1 33 PRO 33 33 33 PRO PRO A . n 
A 1 34 VAL 34 34 34 VAL VAL A . n 
A 1 35 LYS 35 35 35 LYS LYS A . n 
A 1 36 ARG 36 36 36 ARG ARG A . n 
A 1 37 GLY 37 37 37 GLY GLY A . n 
A 1 38 CYS 38 38 38 CYS CYS A . n 
A 1 39 ILE 39 39 39 ILE ILE A . n 
A 1 40 ASP 40 40 40 ASP ASP A . n 
A 1 41 VAL 41 41 41 VAL VAL A . n 
A 1 42 CYS 42 42 42 CYS CYS A . n 
A 1 43 PRO 43 43 43 PRO PRO A . n 
A 1 44 LYS 44 44 44 LYS LYS A . n 
A 1 45 SER 45 45 45 SER SER A . n 
A 1 46 SER 46 46 46 SER SER A . n 
A 1 47 LEU 47 47 47 LEU LEU A . n 
A 1 48 LEU 48 48 48 LEU LEU A . n 
A 1 49 VAL 49 49 49 VAL VAL A . n 
A 1 50 LYS 50 50 50 LYS LYS A . n 
A 1 51 TYR 51 51 51 TYR TYR A . n 
A 1 52 VAL 52 52 52 VAL VAL A . n 
A 1 53 CYS 53 53 53 CYS CYS A . n 
A 1 54 CYS 54 54 54 CYS CYS A . n 
A 1 55 ASN 55 55 55 ASN ASN A . n 
A 1 56 THR 56 56 56 THR THR A . n 
A 1 57 ASP 57 57 57 ASP ASP A . n 
A 1 58 ARG 58 58 58 ARG ARG A . n 
A 1 59 CYS 59 59 59 CYS CYS A . n 
A 1 60 ASN 60 60 60 ASN ASN A . n 
B 1 1  LEU 1  1  1  LEU LEU B . n 
B 1 2  LYS 2  2  2  LYS LYS B . n 
B 1 3  CYS 3  3  3  CYS CYS B . n 
B 1 4  ASN 4  4  4  ASN ASN B . n 
B 1 5  LYS 5  5  5  LYS LYS B . n 
B 1 6  LEU 6  6  6  LEU LEU B . n 
B 1 7  VAL 7  7  7  VAL VAL B . n 
B 1 8  PRO 8  8  8  PRO PRO B . n 
B 1 9  LEU 9  9  9  LEU LEU B . n 
B 1 10 PHE 10 10 10 PHE PHE B . n 
B 1 11 TYR 11 11 11 TYR TYR B . n 
B 1 12 LYS 12 12 12 LYS LYS B . n 
B 1 13 THR 13 13 13 THR THR B . n 
B 1 14 CYS 14 14 14 CYS CYS B . n 
B 1 15 PRO 15 15 15 PRO PRO B . n 
B 1 16 ALA 16 16 16 ALA ALA B . n 
B 1 17 GLY 17 17 17 GLY GLY B . n 
B 1 18 LYS 18 18 18 LYS LYS B . n 
B 1 19 ASN 19 19 19 ASN ASN B . n 
B 1 20 LEU 20 20 20 LEU LEU B . n 
B 1 21 CYS 21 21 21 CYS CYS B . n 
B 1 22 TYR 22 22 22 TYR TYR B . n 
B 1 23 LYS 23 23 23 LYS LYS B . n 
B 1 24 MET 24 24 24 MET MET B . n 
B 1 25 PHE 25 25 25 PHE PHE B . n 
B 1 26 MET 26 26 26 MET MET B . n 
B 1 27 VAL 27 27 27 VAL VAL B . n 
B 1 28 ALA 28 28 28 ALA ALA B . n 
B 1 29 THR 29 29 29 THR THR B . n 
B 1 30 PRO 30 30 30 PRO PRO B . n 
B 1 31 LYS 31 31 31 LYS LYS B . n 
B 1 32 VAL 32 32 32 VAL VAL B . n 
B 1 33 PRO 33 33 33 PRO PRO B . n 
B 1 34 VAL 34 34 34 VAL VAL B . n 
B 1 35 LYS 35 35 35 LYS LYS B . n 
B 1 36 ARG 36 36 36 ARG ARG B . n 
B 1 37 GLY 37 37 37 GLY GLY B . n 
B 1 38 CYS 38 38 38 CYS CYS B . n 
B 1 39 ILE 39 39 39 ILE ILE B . n 
B 1 40 ASP 40 40 40 ASP ASP B . n 
B 1 41 VAL 41 41 41 VAL VAL B . n 
B 1 42 CYS 42 42 42 CYS CYS B . n 
B 1 43 PRO 43 43 43 PRO PRO B . n 
B 1 44 LYS 44 44 44 LYS LYS B . n 
B 1 45 SER 45 45 45 SER SER B . n 
B 1 46 SER 46 46 46 SER SER B . n 
B 1 47 LEU 47 47 47 LEU LEU B . n 
B 1 48 LEU 48 48 48 LEU LEU B . n 
B 1 49 VAL 49 49 49 VAL VAL B . n 
B 1 50 LYS 50 50 50 LYS LYS B . n 
B 1 51 TYR 51 51 51 TYR TYR B . n 
B 1 52 VAL 52 52 52 VAL VAL B . n 
B 1 53 CYS 53 53 53 CYS CYS B . n 
B 1 54 CYS 54 54 54 CYS CYS B . n 
B 1 55 ASN 55 55 55 ASN ASN B . n 
B 1 56 THR 56 56 56 THR THR B . n 
B 1 57 ASP 57 57 57 ASP ASP B . n 
B 1 58 ARG 58 58 58 ARG ARG B . n 
B 1 59 CYS 59 59 59 CYS CYS B . n 
B 1 60 ASN 60 60 60 ASN ASN B . n 
# 
loop_
_pdbx_branch_scheme.asym_id 
_pdbx_branch_scheme.entity_id 
_pdbx_branch_scheme.mon_id 
_pdbx_branch_scheme.num 
_pdbx_branch_scheme.pdb_asym_id 
_pdbx_branch_scheme.pdb_mon_id 
_pdbx_branch_scheme.pdb_seq_num 
_pdbx_branch_scheme.auth_asym_id 
_pdbx_branch_scheme.auth_mon_id 
_pdbx_branch_scheme.auth_seq_num 
_pdbx_branch_scheme.hetero 
C 2 SGN 1 C SGN 1 A SGN 66 n 
C 2 IDS 2 C IDS 2 A IDS 65 n 
C 2 SGN 3 C SGN 3 A SGN 64 n 
C 2 IDS 4 C IDS 4 A IDS 63 n 
C 2 SGN 5 C SGN 5 A SGN 62 n 
C 2 IDS 6 C IDS 6 A IDS 61 n 
# 
loop_
_pdbx_nonpoly_scheme.asym_id 
_pdbx_nonpoly_scheme.entity_id 
_pdbx_nonpoly_scheme.mon_id 
_pdbx_nonpoly_scheme.ndb_seq_num 
_pdbx_nonpoly_scheme.pdb_seq_num 
_pdbx_nonpoly_scheme.auth_seq_num 
_pdbx_nonpoly_scheme.pdb_mon_id 
_pdbx_nonpoly_scheme.auth_mon_id 
_pdbx_nonpoly_scheme.pdb_strand_id 
_pdbx_nonpoly_scheme.pdb_ins_code 
D 3 CIT 1 101 101 CIT CIT A . 
E 4 HOH 1 102 102 HOH HOH A . 
E 4 HOH 2 103 103 HOH HOH A . 
E 4 HOH 3 104 104 HOH HOH A . 
E 4 HOH 4 105 105 HOH HOH A . 
E 4 HOH 5 106 106 HOH HOH A . 
E 4 HOH 6 107 107 HOH HOH A . 
E 4 HOH 7 108 108 HOH HOH A . 
E 4 HOH 8 109 109 HOH HOH A . 
E 4 HOH 9 110 110 HOH HOH A . 
F 4 HOH 1 61  61  HOH HOH B . 
# 
_pdbx_unobs_or_zero_occ_atoms.id               1 
_pdbx_unobs_or_zero_occ_atoms.PDB_model_num    1 
_pdbx_unobs_or_zero_occ_atoms.polymer_flag     N 
_pdbx_unobs_or_zero_occ_atoms.occupancy_flag   1 
_pdbx_unobs_or_zero_occ_atoms.auth_asym_id     C 
_pdbx_unobs_or_zero_occ_atoms.auth_comp_id     IDS 
_pdbx_unobs_or_zero_occ_atoms.auth_seq_id      6 
_pdbx_unobs_or_zero_occ_atoms.PDB_ins_code     ? 
_pdbx_unobs_or_zero_occ_atoms.auth_atom_id     O4 
_pdbx_unobs_or_zero_occ_atoms.label_alt_id     ? 
_pdbx_unobs_or_zero_occ_atoms.label_asym_id    C 
_pdbx_unobs_or_zero_occ_atoms.label_comp_id    IDS 
_pdbx_unobs_or_zero_occ_atoms.label_seq_id     6 
_pdbx_unobs_or_zero_occ_atoms.label_atom_id    O4 
# 
loop_
_software.name 
_software.classification 
_software.version 
_software.citation_id 
_software.pdbx_ordinal 
XDS       'data scaling'   . ? 1 
SCALEPACK 'data scaling'   . ? 2 
CNS       refinement       . ? 3 
XDS       'data reduction' . ? 4 
CNS       phasing          . ? 5 
# 
_cell.entry_id           1XT3 
_cell.length_a           43.903 
_cell.length_b           59.447 
_cell.length_c           98.620 
_cell.angle_alpha        90.00 
_cell.angle_beta         90.00 
_cell.angle_gamma        90.00 
_cell.Z_PDB              16 
_cell.pdbx_unique_axis   ? 
_cell.length_a_esd       ? 
_cell.length_b_esd       ? 
_cell.length_c_esd       ? 
_cell.angle_alpha_esd    ? 
_cell.angle_beta_esd     ? 
_cell.angle_gamma_esd    ? 
# 
_symmetry.entry_id                         1XT3 
_symmetry.space_group_name_H-M             'C 2 2 21' 
_symmetry.pdbx_full_space_group_name_H-M   ? 
_symmetry.cell_setting                     ? 
_symmetry.Int_Tables_number                20 
_symmetry.space_group_name_Hall            ? 
# 
_exptl.entry_id          1XT3 
_exptl.method            'X-RAY DIFFRACTION' 
_exptl.crystals_number   1 
# 
_exptl_crystal.id                    1 
_exptl_crystal.density_meas          ? 
_exptl_crystal.density_Matthews      1.893 
_exptl_crystal.density_percent_sol   35.07 
_exptl_crystal.description           ? 
_exptl_crystal.F_000                 ? 
_exptl_crystal.preparation           ? 
# 
_exptl_crystal_grow.crystal_id      1 
_exptl_crystal_grow.method          'VAPOR DIFFUSION, HANGING DROP' 
_exptl_crystal_grow.temp            291 
_exptl_crystal_grow.temp_details    ? 
_exptl_crystal_grow.pH              5.6 
_exptl_crystal_grow.pdbx_details    
'PEG4000, isopropanol, trisodium citrate, pH 5.6, VAPOR DIFFUSION, HANGING DROP, temperature 291K' 
_exptl_crystal_grow.pdbx_pH_range   . 
# 
_diffrn.id                     1 
_diffrn.ambient_temp           110 
_diffrn.ambient_temp_details   ? 
_diffrn.crystal_id             1 
# 
_diffrn_detector.diffrn_id              1 
_diffrn_detector.detector               'IMAGE PLATE' 
_diffrn_detector.type                   MARRESEARCH 
_diffrn_detector.pdbx_collection_date   2004-07-15 
_diffrn_detector.details                ? 
# 
_diffrn_radiation.diffrn_id                        1 
_diffrn_radiation.wavelength_id                    1 
_diffrn_radiation.pdbx_monochromatic_or_laue_m_l   M 
_diffrn_radiation.monochromator                    'Si 111 CHANNEL' 
_diffrn_radiation.pdbx_diffrn_protocol             'SINGLE WAVELENGTH' 
_diffrn_radiation.pdbx_scattering_type             x-ray 
# 
_diffrn_radiation_wavelength.id           1 
_diffrn_radiation_wavelength.wavelength   1.1274 
_diffrn_radiation_wavelength.wt           1.0 
# 
_diffrn_source.diffrn_id                   1 
_diffrn_source.source                      SYNCHROTRON 
_diffrn_source.type                        'NSRRC BEAMLINE BL17B2' 
_diffrn_source.pdbx_synchrotron_site       NSRRC 
_diffrn_source.pdbx_synchrotron_beamline   BL17B2 
_diffrn_source.pdbx_wavelength             ? 
_diffrn_source.pdbx_wavelength_list        1.1274 
# 
_reflns.entry_id                     1XT3 
_reflns.observed_criterion_sigma_F   0 
_reflns.observed_criterion_sigma_I   0 
_reflns.d_resolution_high            2.4 
_reflns.d_resolution_low             25 
_reflns.number_all                   5051 
_reflns.number_obs                   4889 
_reflns.percent_possible_obs         96.8 
_reflns.pdbx_Rmerge_I_obs            ? 
_reflns.pdbx_Rsym_value              0.038 
_reflns.pdbx_netI_over_sigmaI        ? 
_reflns.B_iso_Wilson_estimate        ? 
_reflns.pdbx_redundancy              4.1 
_reflns.R_free_details               ? 
_reflns.limit_h_max                  ? 
_reflns.limit_h_min                  ? 
_reflns.limit_k_max                  ? 
_reflns.limit_k_min                  ? 
_reflns.limit_l_max                  ? 
_reflns.limit_l_min                  ? 
_reflns.observed_criterion_F_max     ? 
_reflns.observed_criterion_F_min     ? 
_reflns.pdbx_chi_squared             ? 
_reflns.pdbx_scaling_rejects         ? 
_reflns.pdbx_ordinal                 1 
_reflns.pdbx_diffrn_id               1 
# 
_reflns_shell.d_res_high             2.4 
_reflns_shell.d_res_low              2.48 
_reflns_shell.percent_possible_all   83.6 
_reflns_shell.Rmerge_I_obs           ? 
_reflns_shell.pdbx_Rsym_value        ? 
_reflns_shell.meanI_over_sigI_obs    ? 
_reflns_shell.pdbx_redundancy        ? 
_reflns_shell.percent_possible_obs   ? 
_reflns_shell.number_unique_all      ? 
_reflns_shell.number_measured_all    ? 
_reflns_shell.number_measured_obs    ? 
_reflns_shell.number_unique_obs      ? 
_reflns_shell.pdbx_chi_squared       ? 
_reflns_shell.pdbx_ordinal           1 
_reflns_shell.pdbx_diffrn_id         1 
# 
_refine.entry_id                                 1XT3 
_refine.ls_d_res_high                            2.4 
_refine.ls_d_res_low                             25 
_refine.pdbx_ls_sigma_F                          0 
_refine.pdbx_ls_sigma_I                          ? 
_refine.ls_number_reflns_all                     5051 
_refine.ls_number_reflns_obs                     4889 
_refine.ls_number_reflns_R_free                  245 
_refine.ls_percent_reflns_obs                    ? 
_refine.ls_R_factor_all                          0.242 
_refine.ls_R_factor_obs                          0.231 
_refine.ls_R_factor_R_work                       0.227 
_refine.ls_R_factor_R_free                       0.25 
_refine.ls_redundancy_reflns_obs                 ? 
_refine.pdbx_data_cutoff_high_absF               ? 
_refine.pdbx_data_cutoff_low_absF                ? 
_refine.ls_number_parameters                     ? 
_refine.ls_number_restraints                     ? 
_refine.ls_percent_reflns_R_free                 ? 
_refine.ls_R_factor_R_free_error                 ? 
_refine.ls_R_factor_R_free_error_details         ? 
_refine.pdbx_method_to_determine_struct          'MOLECULAR REPLACEMENT' 
_refine.pdbx_starting_model                      ? 
_refine.pdbx_ls_cross_valid_method               ? 
_refine.pdbx_R_Free_selection_details            RANDOM 
_refine.pdbx_stereochem_target_val_spec_case     ? 
_refine.pdbx_stereochemistry_target_values       'Engh & Huber' 
_refine.solvent_model_details                    ? 
_refine.solvent_model_param_bsol                 ? 
_refine.solvent_model_param_ksol                 ? 
_refine.occupancy_max                            ? 
_refine.occupancy_min                            ? 
_refine.pdbx_isotropic_thermal_model             ? 
_refine.B_iso_mean                               ? 
_refine.aniso_B[1][1]                            ? 
_refine.aniso_B[1][2]                            ? 
_refine.aniso_B[1][3]                            ? 
_refine.aniso_B[2][2]                            ? 
_refine.aniso_B[2][3]                            ? 
_refine.aniso_B[3][3]                            ? 
_refine.details                                  ? 
_refine.B_iso_min                                ? 
_refine.B_iso_max                                ? 
_refine.correlation_coeff_Fo_to_Fc               ? 
_refine.correlation_coeff_Fo_to_Fc_free          ? 
_refine.pdbx_solvent_vdw_probe_radii             ? 
_refine.pdbx_solvent_ion_probe_radii             ? 
_refine.pdbx_solvent_shrinkage_radii             ? 
_refine.overall_SU_R_Cruickshank_DPI             ? 
_refine.overall_SU_R_free                        ? 
_refine.overall_SU_B                             ? 
_refine.overall_SU_ML                            ? 
_refine.pdbx_overall_ESU_R                       ? 
_refine.pdbx_overall_ESU_R_Free                  ? 
_refine.pdbx_data_cutoff_high_rms_absF           ? 
_refine.ls_wR_factor_R_free                      ? 
_refine.ls_wR_factor_R_work                      ? 
_refine.overall_FOM_free_R_set                   ? 
_refine.overall_FOM_work_R_set                   ? 
_refine.pdbx_refine_id                           'X-RAY DIFFRACTION' 
_refine.pdbx_overall_phase_error                 ? 
_refine.pdbx_diffrn_id                           1 
_refine.pdbx_TLS_residual_ADP_flag               ? 
_refine.pdbx_overall_SU_R_free_Cruickshank_DPI   ? 
_refine.pdbx_overall_SU_R_Blow_DPI               ? 
_refine.pdbx_overall_SU_R_free_Blow_DPI          ? 
# 
_refine_hist.pdbx_refine_id                   'X-RAY DIFFRACTION' 
_refine_hist.cycle_id                         LAST 
_refine_hist.pdbx_number_atoms_protein        930 
_refine_hist.pdbx_number_atoms_nucleic_acid   0 
_refine_hist.pdbx_number_atoms_ligand         118 
_refine_hist.number_atoms_solvent             10 
_refine_hist.number_atoms_total               1058 
_refine_hist.d_res_high                       2.4 
_refine_hist.d_res_low                        25 
# 
loop_
_refine_ls_restr.type 
_refine_ls_restr.dev_ideal 
_refine_ls_restr.dev_ideal_target 
_refine_ls_restr.weight 
_refine_ls_restr.number 
_refine_ls_restr.pdbx_refine_id 
_refine_ls_restr.pdbx_restraint_function 
c_bond_d    0.005 ? ? ? 'X-RAY DIFFRACTION' ? 
c_angle_deg 1.170 ? ? ? 'X-RAY DIFFRACTION' ? 
# 
_struct.entry_id                  1XT3 
_struct.title                     
'Structure Basis of Venom Citrate-Dependent Heparin Sulfate-Mediated Cell Surface Retention of Cobra Cardiotoxin A3' 
_struct.pdbx_model_details        ? 
_struct.pdbx_CASP_flag            ? 
_struct.pdbx_model_type_details   ? 
# 
_struct_keywords.entry_id        1XT3 
_struct_keywords.pdbx_keywords   TOXIN 
_struct_keywords.text            'CTX-3, heparin, citrate, Toxin' 
# 
loop_
_struct_asym.id 
_struct_asym.pdbx_blank_PDB_chainid_flag 
_struct_asym.pdbx_modified 
_struct_asym.entity_id 
_struct_asym.details 
A N N 1 ? 
B N N 1 ? 
C N N 2 ? 
D N N 3 ? 
E N N 4 ? 
F N N 4 ? 
# 
_struct_ref.id                         1 
_struct_ref.db_name                    UNP 
_struct_ref.db_code                    CTX3_NAJAT 
_struct_ref.pdbx_db_accession          P60301 
_struct_ref.entity_id                  1 
_struct_ref.pdbx_seq_one_letter_code   LKCNKLVPLFYKTCPAGKNLCYKMFMVATPKVPVKRGCIDVCPKSSLLVKYVCCNTDRCN 
_struct_ref.pdbx_align_begin           22 
_struct_ref.pdbx_db_isoform            ? 
# 
loop_
_struct_ref_seq.align_id 
_struct_ref_seq.ref_id 
_struct_ref_seq.pdbx_PDB_id_code 
_struct_ref_seq.pdbx_strand_id 
_struct_ref_seq.seq_align_beg 
_struct_ref_seq.pdbx_seq_align_beg_ins_code 
_struct_ref_seq.seq_align_end 
_struct_ref_seq.pdbx_seq_align_end_ins_code 
_struct_ref_seq.pdbx_db_accession 
_struct_ref_seq.db_align_beg 
_struct_ref_seq.pdbx_db_align_beg_ins_code 
_struct_ref_seq.db_align_end 
_struct_ref_seq.pdbx_db_align_end_ins_code 
_struct_ref_seq.pdbx_auth_seq_align_beg 
_struct_ref_seq.pdbx_auth_seq_align_end 
1 1 1XT3 A 1 ? 60 ? P60301 22 ? 81 ? 1 60 
2 1 1XT3 B 1 ? 60 ? P60301 22 ? 81 ? 1 60 
# 
_pdbx_struct_assembly.id                   1 
_pdbx_struct_assembly.details              author_and_software_defined_assembly 
_pdbx_struct_assembly.method_details       PISA 
_pdbx_struct_assembly.oligomeric_details   dimeric 
_pdbx_struct_assembly.oligomeric_count     2 
# 
loop_
_pdbx_struct_assembly_prop.biol_id 
_pdbx_struct_assembly_prop.type 
_pdbx_struct_assembly_prop.value 
_pdbx_struct_assembly_prop.details 
1 'ABSA (A^2)' 2780 ? 
1 MORE         -1   ? 
1 'SSA (A^2)'  8100 ? 
# 
loop_
_pdbx_struct_assembly_gen.assembly_id 
_pdbx_struct_assembly_gen.oper_expression 
_pdbx_struct_assembly_gen.asym_id_list 
1 1 A,C,D,E 
1 2 B,F     
# 
loop_
_pdbx_struct_oper_list.id 
_pdbx_struct_oper_list.type 
_pdbx_struct_oper_list.name 
_pdbx_struct_oper_list.symmetry_operation 
_pdbx_struct_oper_list.matrix[1][1] 
_pdbx_struct_oper_list.matrix[1][2] 
_pdbx_struct_oper_list.matrix[1][3] 
_pdbx_struct_oper_list.vector[1] 
_pdbx_struct_oper_list.matrix[2][1] 
_pdbx_struct_oper_list.matrix[2][2] 
_pdbx_struct_oper_list.matrix[2][3] 
_pdbx_struct_oper_list.vector[2] 
_pdbx_struct_oper_list.matrix[3][1] 
_pdbx_struct_oper_list.matrix[3][2] 
_pdbx_struct_oper_list.matrix[3][3] 
_pdbx_struct_oper_list.vector[3] 
1 'identity operation'         1_555 x,y,z               1.0000000000  0.0000000000 0.0000000000 0.0000000000 0.0000000000 1.0000000000  0.0000000000 0.0000000000  0.0000000000 0.0000000000 1.0000000000 0.0000000000  
2 'crystal symmetry operation' 7_555 -x+1/2,y+1/2,-z+1/2 -0.9980975666 0.0412235957 0.0458460756 2.6236718393 0.0412235957 -0.1067309553 0.9934329964 22.5430247745 0.0458460756 0.9934329964 0.1048285219 19.6125105441 
# 
_struct_biol.id   1 
# 
loop_
_struct_conn.id 
_struct_conn.conn_type_id 
_struct_conn.pdbx_leaving_atom_flag 
_struct_conn.pdbx_PDB_id 
_struct_conn.ptnr1_label_asym_id 
_struct_conn.ptnr1_label_comp_id 
_struct_conn.ptnr1_label_seq_id 
_struct_conn.ptnr1_label_atom_id 
_struct_conn.pdbx_ptnr1_label_alt_id 
_struct_conn.pdbx_ptnr1_PDB_ins_code 
_struct_conn.pdbx_ptnr1_standard_comp_id 
_struct_conn.ptnr1_symmetry 
_struct_conn.ptnr2_label_asym_id 
_struct_conn.ptnr2_label_comp_id 
_struct_conn.ptnr2_label_seq_id 
_struct_conn.ptnr2_label_atom_id 
_struct_conn.pdbx_ptnr2_label_alt_id 
_struct_conn.pdbx_ptnr2_PDB_ins_code 
_struct_conn.ptnr1_auth_asym_id 
_struct_conn.ptnr1_auth_comp_id 
_struct_conn.ptnr1_auth_seq_id 
_struct_conn.ptnr2_auth_asym_id 
_struct_conn.ptnr2_auth_comp_id 
_struct_conn.ptnr2_auth_seq_id 
_struct_conn.ptnr2_symmetry 
_struct_conn.pdbx_ptnr3_label_atom_id 
_struct_conn.pdbx_ptnr3_label_seq_id 
_struct_conn.pdbx_ptnr3_label_comp_id 
_struct_conn.pdbx_ptnr3_label_asym_id 
_struct_conn.pdbx_ptnr3_label_alt_id 
_struct_conn.pdbx_ptnr3_PDB_ins_code 
_struct_conn.details 
_struct_conn.pdbx_dist_value 
_struct_conn.pdbx_value_order 
_struct_conn.pdbx_role 
disulf1 disulf ?    ? A CYS 3  SG ? ? ? 1_555 A CYS 21 SG ? ? A CYS 3  A CYS 21 1_555 ? ? ? ? ? ? ? 2.027 ? ? 
disulf2 disulf ?    ? A CYS 14 SG ? ? ? 1_555 A CYS 38 SG ? ? A CYS 14 A CYS 38 1_555 ? ? ? ? ? ? ? 2.029 ? ? 
disulf3 disulf ?    ? A CYS 42 SG ? ? ? 1_555 A CYS 53 SG ? ? A CYS 42 A CYS 53 1_555 ? ? ? ? ? ? ? 2.029 ? ? 
disulf4 disulf ?    ? A CYS 54 SG ? ? ? 1_555 A CYS 59 SG ? ? A CYS 54 A CYS 59 1_555 ? ? ? ? ? ? ? 2.023 ? ? 
disulf5 disulf ?    ? B CYS 3  SG ? ? ? 1_555 B CYS 14 SG ? ? B CYS 3  B CYS 14 1_555 ? ? ? ? ? ? ? 2.030 ? ? 
disulf6 disulf ?    ? B CYS 3  SG ? ? ? 1_555 B CYS 21 SG ? ? B CYS 3  B CYS 21 1_555 ? ? ? ? ? ? ? 2.027 ? ? 
disulf7 disulf ?    ? B CYS 14 SG ? ? ? 1_555 B CYS 38 SG ? ? B CYS 14 B CYS 38 1_555 ? ? ? ? ? ? ? 2.026 ? ? 
disulf8 disulf ?    ? B CYS 42 SG ? ? ? 1_555 B CYS 53 SG ? ? B CYS 42 B CYS 53 1_555 ? ? ? ? ? ? ? 2.031 ? ? 
disulf9 disulf ?    ? B CYS 54 SG ? ? ? 1_555 B CYS 59 SG ? ? B CYS 54 B CYS 59 1_555 ? ? ? ? ? ? ? 2.029 ? ? 
covale1 covale both ? C SGN .  O4 ? ? ? 1_555 C IDS .  C1 ? ? C SGN 1  C IDS 2  1_555 ? ? ? ? ? ? ? 1.420 ? ? 
covale2 covale both ? C IDS .  O4 ? ? ? 1_555 C SGN .  C1 ? ? C IDS 2  C SGN 3  1_555 ? ? ? ? ? ? ? 1.428 ? ? 
covale3 covale both ? C SGN .  O4 ? ? ? 1_555 C IDS .  C1 ? ? C SGN 3  C IDS 4  1_555 ? ? ? ? ? ? ? 1.461 ? ? 
covale4 covale both ? C IDS .  O4 ? ? ? 1_555 C SGN .  C1 ? ? C IDS 4  C SGN 5  1_555 ? ? ? ? ? ? ? 1.433 ? ? 
covale5 covale both ? C SGN .  O4 ? ? ? 1_555 C IDS .  C1 ? ? C SGN 5  C IDS 6  1_555 ? ? ? ? ? ? ? 1.442 ? ? 
# 
loop_
_struct_conn_type.id 
_struct_conn_type.criteria 
_struct_conn_type.reference 
disulf ? ? 
covale ? ? 
# 
loop_
_pdbx_modification_feature.ordinal 
_pdbx_modification_feature.label_comp_id 
_pdbx_modification_feature.label_asym_id 
_pdbx_modification_feature.label_seq_id 
_pdbx_modification_feature.label_alt_id 
_pdbx_modification_feature.modified_residue_label_comp_id 
_pdbx_modification_feature.modified_residue_label_asym_id 
_pdbx_modification_feature.modified_residue_label_seq_id 
_pdbx_modification_feature.modified_residue_label_alt_id 
_pdbx_modification_feature.auth_comp_id 
_pdbx_modification_feature.auth_asym_id 
_pdbx_modification_feature.auth_seq_id 
_pdbx_modification_feature.PDB_ins_code 
_pdbx_modification_feature.symmetry 
_pdbx_modification_feature.modified_residue_auth_comp_id 
_pdbx_modification_feature.modified_residue_auth_asym_id 
_pdbx_modification_feature.modified_residue_auth_seq_id 
_pdbx_modification_feature.modified_residue_PDB_ins_code 
_pdbx_modification_feature.modified_residue_symmetry 
_pdbx_modification_feature.comp_id_linking_atom 
_pdbx_modification_feature.modified_residue_id_linking_atom 
_pdbx_modification_feature.modified_residue_id 
_pdbx_modification_feature.ref_pcm_id 
_pdbx_modification_feature.ref_comp_id 
_pdbx_modification_feature.type 
_pdbx_modification_feature.category 
1 CYS A 3  ? CYS A 21 ? CYS A 3  ? 1_555 CYS A 21 ? 1_555 SG SG . . . None 'Disulfide bridge' 
2 CYS A 14 ? CYS A 38 ? CYS A 14 ? 1_555 CYS A 38 ? 1_555 SG SG . . . None 'Disulfide bridge' 
3 CYS A 42 ? CYS A 53 ? CYS A 42 ? 1_555 CYS A 53 ? 1_555 SG SG . . . None 'Disulfide bridge' 
4 CYS A 54 ? CYS A 59 ? CYS A 54 ? 1_555 CYS A 59 ? 1_555 SG SG . . . None 'Disulfide bridge' 
5 CYS B 3  ? CYS B 14 ? CYS B 3  ? 1_555 CYS B 14 ? 1_555 SG SG . . . None 'Disulfide bridge' 
6 CYS B 3  ? CYS B 21 ? CYS B 3  ? 1_555 CYS B 21 ? 1_555 SG SG . . . None 'Disulfide bridge' 
7 CYS B 14 ? CYS B 38 ? CYS B 14 ? 1_555 CYS B 38 ? 1_555 SG SG . . . None 'Disulfide bridge' 
8 CYS B 42 ? CYS B 53 ? CYS B 42 ? 1_555 CYS B 53 ? 1_555 SG SG . . . None 'Disulfide bridge' 
9 CYS B 54 ? CYS B 59 ? CYS B 54 ? 1_555 CYS B 59 ? 1_555 SG SG . . . None 'Disulfide bridge' 
# 
loop_
_struct_sheet.id 
_struct_sheet.type 
_struct_sheet.number_strands 
_struct_sheet.details 
A ? 2 ? 
B ? 3 ? 
C ? 3 ? 
# 
loop_
_struct_sheet_order.sheet_id 
_struct_sheet_order.range_id_1 
_struct_sheet_order.range_id_2 
_struct_sheet_order.offset 
_struct_sheet_order.sense 
A 1 2 ? anti-parallel 
B 1 2 ? anti-parallel 
B 2 3 ? anti-parallel 
C 1 2 ? anti-parallel 
C 2 3 ? anti-parallel 
# 
loop_
_struct_sheet_range.sheet_id 
_struct_sheet_range.id 
_struct_sheet_range.beg_label_comp_id 
_struct_sheet_range.beg_label_asym_id 
_struct_sheet_range.beg_label_seq_id 
_struct_sheet_range.pdbx_beg_PDB_ins_code 
_struct_sheet_range.end_label_comp_id 
_struct_sheet_range.end_label_asym_id 
_struct_sheet_range.end_label_seq_id 
_struct_sheet_range.pdbx_end_PDB_ins_code 
_struct_sheet_range.beg_auth_comp_id 
_struct_sheet_range.beg_auth_asym_id 
_struct_sheet_range.beg_auth_seq_id 
_struct_sheet_range.end_auth_comp_id 
_struct_sheet_range.end_auth_asym_id 
_struct_sheet_range.end_auth_seq_id 
A 1 LYS A 2  ? ASN A 4  ? LYS A 2  ASN A 4  
A 2 TYR A 11 ? THR A 13 ? TYR A 11 THR A 13 
B 1 LYS A 35 ? CYS A 38 ? LYS A 35 CYS A 38 
B 2 CYS A 21 ? MET A 26 ? CYS A 21 MET A 26 
B 3 VAL A 49 ? CYS A 54 ? VAL A 49 CYS A 54 
C 1 LYS B 35 ? CYS B 38 ? LYS B 35 CYS B 38 
C 2 CYS B 21 ? MET B 26 ? CYS B 21 MET B 26 
C 3 VAL B 49 ? CYS B 54 ? VAL B 49 CYS B 54 
# 
loop_
_pdbx_struct_sheet_hbond.sheet_id 
_pdbx_struct_sheet_hbond.range_id_1 
_pdbx_struct_sheet_hbond.range_id_2 
_pdbx_struct_sheet_hbond.range_1_label_atom_id 
_pdbx_struct_sheet_hbond.range_1_label_comp_id 
_pdbx_struct_sheet_hbond.range_1_label_asym_id 
_pdbx_struct_sheet_hbond.range_1_label_seq_id 
_pdbx_struct_sheet_hbond.range_1_PDB_ins_code 
_pdbx_struct_sheet_hbond.range_1_auth_atom_id 
_pdbx_struct_sheet_hbond.range_1_auth_comp_id 
_pdbx_struct_sheet_hbond.range_1_auth_asym_id 
_pdbx_struct_sheet_hbond.range_1_auth_seq_id 
_pdbx_struct_sheet_hbond.range_2_label_atom_id 
_pdbx_struct_sheet_hbond.range_2_label_comp_id 
_pdbx_struct_sheet_hbond.range_2_label_asym_id 
_pdbx_struct_sheet_hbond.range_2_label_seq_id 
_pdbx_struct_sheet_hbond.range_2_PDB_ins_code 
_pdbx_struct_sheet_hbond.range_2_auth_atom_id 
_pdbx_struct_sheet_hbond.range_2_auth_comp_id 
_pdbx_struct_sheet_hbond.range_2_auth_asym_id 
_pdbx_struct_sheet_hbond.range_2_auth_seq_id 
A 1 2 N CYS A 3  ? N CYS A 3  O LYS A 12 ? O LYS A 12 
B 1 2 O GLY A 37 ? O GLY A 37 N TYR A 22 ? N TYR A 22 
B 2 3 N LYS A 23 ? N LYS A 23 O VAL A 52 ? O VAL A 52 
C 1 2 O LYS B 35 ? O LYS B 35 N MET B 24 ? N MET B 24 
C 2 3 N CYS B 21 ? N CYS B 21 O CYS B 54 ? O CYS B 54 
# 
_pdbx_entry_details.entry_id                   1XT3 
_pdbx_entry_details.compound_details           ? 
_pdbx_entry_details.source_details             ? 
_pdbx_entry_details.nonpolymer_details         ? 
_pdbx_entry_details.sequence_details           ? 
_pdbx_entry_details.has_ligand_of_interest     ? 
_pdbx_entry_details.has_protein_modification   Y 
# 
_pdbx_validate_symm_contact.id                1 
_pdbx_validate_symm_contact.PDB_model_num     1 
_pdbx_validate_symm_contact.auth_atom_id_1    O2 
_pdbx_validate_symm_contact.auth_asym_id_1    A 
_pdbx_validate_symm_contact.auth_comp_id_1    CIT 
_pdbx_validate_symm_contact.auth_seq_id_1     101 
_pdbx_validate_symm_contact.PDB_ins_code_1    ? 
_pdbx_validate_symm_contact.label_alt_id_1    ? 
_pdbx_validate_symm_contact.site_symmetry_1   1_555 
_pdbx_validate_symm_contact.auth_atom_id_2    O2 
_pdbx_validate_symm_contact.auth_asym_id_2    A 
_pdbx_validate_symm_contact.auth_comp_id_2    CIT 
_pdbx_validate_symm_contact.auth_seq_id_2     101 
_pdbx_validate_symm_contact.PDB_ins_code_2    ? 
_pdbx_validate_symm_contact.label_alt_id_2    ? 
_pdbx_validate_symm_contact.site_symmetry_2   3_555 
_pdbx_validate_symm_contact.dist              2.19 
# 
loop_
_pdbx_validate_torsion.id 
_pdbx_validate_torsion.PDB_model_num 
_pdbx_validate_torsion.auth_comp_id 
_pdbx_validate_torsion.auth_asym_id 
_pdbx_validate_torsion.auth_seq_id 
_pdbx_validate_torsion.PDB_ins_code 
_pdbx_validate_torsion.label_alt_id 
_pdbx_validate_torsion.phi 
_pdbx_validate_torsion.psi 
1  1 LEU A 9  ? ? -60.89  2.30    
2  1 ALA A 16 ? ? -31.28  135.49  
3  1 LYS A 18 ? ? -52.28  92.70   
4  1 ASN A 19 ? ? -105.25 49.61   
5  1 SER A 46 ? ? -93.65  -134.16 
6  1 LEU A 47 ? ? -98.26  -62.58  
7  1 THR B 13 ? ? -50.01  103.49  
8  1 PRO B 15 ? ? -59.33  -179.01 
9  1 VAL B 27 ? ? -20.26  -43.15  
10 1 THR B 29 ? ? -150.31 73.82   
11 1 VAL B 32 ? ? -102.68 64.26   
12 1 ASP B 40 ? ? -61.42  -90.97  
13 1 SER B 45 ? ? -80.87  -159.55 
14 1 SER B 46 ? ? -148.17 -157.71 
# 
_pdbx_validate_chiral.id              1 
_pdbx_validate_chiral.PDB_model_num   1 
_pdbx_validate_chiral.auth_atom_id    C5 
_pdbx_validate_chiral.label_alt_id    ? 
_pdbx_validate_chiral.auth_asym_id    C 
_pdbx_validate_chiral.auth_comp_id    IDS 
_pdbx_validate_chiral.auth_seq_id     6 
_pdbx_validate_chiral.PDB_ins_code    ? 
_pdbx_validate_chiral.details         PLANAR 
_pdbx_validate_chiral.omega           . 
# 
loop_
_chem_comp_atom.comp_id 
_chem_comp_atom.atom_id 
_chem_comp_atom.type_symbol 
_chem_comp_atom.pdbx_aromatic_flag 
_chem_comp_atom.pdbx_stereo_config 
_chem_comp_atom.pdbx_ordinal 
ALA N    N N N 1   
ALA CA   C N S 2   
ALA C    C N N 3   
ALA O    O N N 4   
ALA CB   C N N 5   
ALA OXT  O N N 6   
ALA H    H N N 7   
ALA H2   H N N 8   
ALA HA   H N N 9   
ALA HB1  H N N 10  
ALA HB2  H N N 11  
ALA HB3  H N N 12  
ALA HXT  H N N 13  
ARG N    N N N 14  
ARG CA   C N S 15  
ARG C    C N N 16  
ARG O    O N N 17  
ARG CB   C N N 18  
ARG CG   C N N 19  
ARG CD   C N N 20  
ARG NE   N N N 21  
ARG CZ   C N N 22  
ARG NH1  N N N 23  
ARG NH2  N N N 24  
ARG OXT  O N N 25  
ARG H    H N N 26  
ARG H2   H N N 27  
ARG HA   H N N 28  
ARG HB2  H N N 29  
ARG HB3  H N N 30  
ARG HG2  H N N 31  
ARG HG3  H N N 32  
ARG HD2  H N N 33  
ARG HD3  H N N 34  
ARG HE   H N N 35  
ARG HH11 H N N 36  
ARG HH12 H N N 37  
ARG HH21 H N N 38  
ARG HH22 H N N 39  
ARG HXT  H N N 40  
ASN N    N N N 41  
ASN CA   C N S 42  
ASN C    C N N 43  
ASN O    O N N 44  
ASN CB   C N N 45  
ASN CG   C N N 46  
ASN OD1  O N N 47  
ASN ND2  N N N 48  
ASN OXT  O N N 49  
ASN H    H N N 50  
ASN H2   H N N 51  
ASN HA   H N N 52  
ASN HB2  H N N 53  
ASN HB3  H N N 54  
ASN HD21 H N N 55  
ASN HD22 H N N 56  
ASN HXT  H N N 57  
ASP N    N N N 58  
ASP CA   C N S 59  
ASP C    C N N 60  
ASP O    O N N 61  
ASP CB   C N N 62  
ASP CG   C N N 63  
ASP OD1  O N N 64  
ASP OD2  O N N 65  
ASP OXT  O N N 66  
ASP H    H N N 67  
ASP H2   H N N 68  
ASP HA   H N N 69  
ASP HB2  H N N 70  
ASP HB3  H N N 71  
ASP HD2  H N N 72  
ASP HXT  H N N 73  
CIT C1   C N N 74  
CIT O1   O N N 75  
CIT O2   O N N 76  
CIT C2   C N N 77  
CIT C3   C N N 78  
CIT O7   O N N 79  
CIT C4   C N N 80  
CIT C5   C N N 81  
CIT O3   O N N 82  
CIT O4   O N N 83  
CIT C6   C N N 84  
CIT O5   O N N 85  
CIT O6   O N N 86  
CIT HO2  H N N 87  
CIT H21  H N N 88  
CIT H22  H N N 89  
CIT HO7  H N N 90  
CIT H41  H N N 91  
CIT H42  H N N 92  
CIT HO4  H N N 93  
CIT HO6  H N N 94  
CYS N    N N N 95  
CYS CA   C N R 96  
CYS C    C N N 97  
CYS O    O N N 98  
CYS CB   C N N 99  
CYS SG   S N N 100 
CYS OXT  O N N 101 
CYS H    H N N 102 
CYS H2   H N N 103 
CYS HA   H N N 104 
CYS HB2  H N N 105 
CYS HB3  H N N 106 
CYS HG   H N N 107 
CYS HXT  H N N 108 
GLY N    N N N 109 
GLY CA   C N N 110 
GLY C    C N N 111 
GLY O    O N N 112 
GLY OXT  O N N 113 
GLY H    H N N 114 
GLY H2   H N N 115 
GLY HA2  H N N 116 
GLY HA3  H N N 117 
GLY HXT  H N N 118 
HOH O    O N N 119 
HOH H1   H N N 120 
HOH H2   H N N 121 
IDS C1   C N R 122 
IDS C2   C N R 123 
IDS C3   C N S 124 
IDS C4   C N S 125 
IDS C5   C N R 126 
IDS C6   C N N 127 
IDS O1   O N N 128 
IDS O2   O N N 129 
IDS O3   O N N 130 
IDS O4   O N N 131 
IDS O5   O N N 132 
IDS O6A  O N N 133 
IDS O6B  O N N 134 
IDS S    S N N 135 
IDS O1S  O N N 136 
IDS O2S  O N N 137 
IDS O3S  O N N 138 
IDS H1   H N N 139 
IDS H2   H N N 140 
IDS H3   H N N 141 
IDS H4   H N N 142 
IDS H5   H N N 143 
IDS HO1  H N N 144 
IDS HO3  H N N 145 
IDS HO4  H N N 146 
IDS HO6B H N N 147 
IDS HOS3 H N N 148 
ILE N    N N N 149 
ILE CA   C N S 150 
ILE C    C N N 151 
ILE O    O N N 152 
ILE CB   C N S 153 
ILE CG1  C N N 154 
ILE CG2  C N N 155 
ILE CD1  C N N 156 
ILE OXT  O N N 157 
ILE H    H N N 158 
ILE H2   H N N 159 
ILE HA   H N N 160 
ILE HB   H N N 161 
ILE HG12 H N N 162 
ILE HG13 H N N 163 
ILE HG21 H N N 164 
ILE HG22 H N N 165 
ILE HG23 H N N 166 
ILE HD11 H N N 167 
ILE HD12 H N N 168 
ILE HD13 H N N 169 
ILE HXT  H N N 170 
LEU N    N N N 171 
LEU CA   C N S 172 
LEU C    C N N 173 
LEU O    O N N 174 
LEU CB   C N N 175 
LEU CG   C N N 176 
LEU CD1  C N N 177 
LEU CD2  C N N 178 
LEU OXT  O N N 179 
LEU H    H N N 180 
LEU H2   H N N 181 
LEU HA   H N N 182 
LEU HB2  H N N 183 
LEU HB3  H N N 184 
LEU HG   H N N 185 
LEU HD11 H N N 186 
LEU HD12 H N N 187 
LEU HD13 H N N 188 
LEU HD21 H N N 189 
LEU HD22 H N N 190 
LEU HD23 H N N 191 
LEU HXT  H N N 192 
LYS N    N N N 193 
LYS CA   C N S 194 
LYS C    C N N 195 
LYS O    O N N 196 
LYS CB   C N N 197 
LYS CG   C N N 198 
LYS CD   C N N 199 
LYS CE   C N N 200 
LYS NZ   N N N 201 
LYS OXT  O N N 202 
LYS H    H N N 203 
LYS H2   H N N 204 
LYS HA   H N N 205 
LYS HB2  H N N 206 
LYS HB3  H N N 207 
LYS HG2  H N N 208 
LYS HG3  H N N 209 
LYS HD2  H N N 210 
LYS HD3  H N N 211 
LYS HE2  H N N 212 
LYS HE3  H N N 213 
LYS HZ1  H N N 214 
LYS HZ2  H N N 215 
LYS HZ3  H N N 216 
LYS HXT  H N N 217 
MET N    N N N 218 
MET CA   C N S 219 
MET C    C N N 220 
MET O    O N N 221 
MET CB   C N N 222 
MET CG   C N N 223 
MET SD   S N N 224 
MET CE   C N N 225 
MET OXT  O N N 226 
MET H    H N N 227 
MET H2   H N N 228 
MET HA   H N N 229 
MET HB2  H N N 230 
MET HB3  H N N 231 
MET HG2  H N N 232 
MET HG3  H N N 233 
MET HE1  H N N 234 
MET HE2  H N N 235 
MET HE3  H N N 236 
MET HXT  H N N 237 
PHE N    N N N 238 
PHE CA   C N S 239 
PHE C    C N N 240 
PHE O    O N N 241 
PHE CB   C N N 242 
PHE CG   C Y N 243 
PHE CD1  C Y N 244 
PHE CD2  C Y N 245 
PHE CE1  C Y N 246 
PHE CE2  C Y N 247 
PHE CZ   C Y N 248 
PHE OXT  O N N 249 
PHE H    H N N 250 
PHE H2   H N N 251 
PHE HA   H N N 252 
PHE HB2  H N N 253 
PHE HB3  H N N 254 
PHE HD1  H N N 255 
PHE HD2  H N N 256 
PHE HE1  H N N 257 
PHE HE2  H N N 258 
PHE HZ   H N N 259 
PHE HXT  H N N 260 
PRO N    N N N 261 
PRO CA   C N S 262 
PRO C    C N N 263 
PRO O    O N N 264 
PRO CB   C N N 265 
PRO CG   C N N 266 
PRO CD   C N N 267 
PRO OXT  O N N 268 
PRO H    H N N 269 
PRO HA   H N N 270 
PRO HB2  H N N 271 
PRO HB3  H N N 272 
PRO HG2  H N N 273 
PRO HG3  H N N 274 
PRO HD2  H N N 275 
PRO HD3  H N N 276 
PRO HXT  H N N 277 
SER N    N N N 278 
SER CA   C N S 279 
SER C    C N N 280 
SER O    O N N 281 
SER CB   C N N 282 
SER OG   O N N 283 
SER OXT  O N N 284 
SER H    H N N 285 
SER H2   H N N 286 
SER HA   H N N 287 
SER HB2  H N N 288 
SER HB3  H N N 289 
SER HG   H N N 290 
SER HXT  H N N 291 
SGN C1   C N S 292 
SGN C2   C N R 293 
SGN C3   C N R 294 
SGN C4   C N S 295 
SGN C5   C N R 296 
SGN C6   C N N 297 
SGN N2   N N N 298 
SGN O1   O N N 299 
SGN O3   O N N 300 
SGN O4   O N N 301 
SGN O5   O N N 302 
SGN O6   O N N 303 
SGN S1   S N N 304 
SGN O1S  O N N 305 
SGN O2S  O N N 306 
SGN O3S  O N N 307 
SGN S2   S N N 308 
SGN O4S  O N N 309 
SGN O5S  O N N 310 
SGN O6S  O N N 311 
SGN H1   H N N 312 
SGN H2   H N N 313 
SGN H3   H N N 314 
SGN H4   H N N 315 
SGN H5   H N N 316 
SGN H61  H N N 317 
SGN H62  H N N 318 
SGN HN21 H N N 319 
SGN HO1  H N N 320 
SGN HO3  H N N 321 
SGN HO4  H N N 322 
SGN HOS3 H N N 323 
SGN HOS6 H N N 324 
THR N    N N N 325 
THR CA   C N S 326 
THR C    C N N 327 
THR O    O N N 328 
THR CB   C N R 329 
THR OG1  O N N 330 
THR CG2  C N N 331 
THR OXT  O N N 332 
THR H    H N N 333 
THR H2   H N N 334 
THR HA   H N N 335 
THR HB   H N N 336 
THR HG1  H N N 337 
THR HG21 H N N 338 
THR HG22 H N N 339 
THR HG23 H N N 340 
THR HXT  H N N 341 
TYR N    N N N 342 
TYR CA   C N S 343 
TYR C    C N N 344 
TYR O    O N N 345 
TYR CB   C N N 346 
TYR CG   C Y N 347 
TYR CD1  C Y N 348 
TYR CD2  C Y N 349 
TYR CE1  C Y N 350 
TYR CE2  C Y N 351 
TYR CZ   C Y N 352 
TYR OH   O N N 353 
TYR OXT  O N N 354 
TYR H    H N N 355 
TYR H2   H N N 356 
TYR HA   H N N 357 
TYR HB2  H N N 358 
TYR HB3  H N N 359 
TYR HD1  H N N 360 
TYR HD2  H N N 361 
TYR HE1  H N N 362 
TYR HE2  H N N 363 
TYR HH   H N N 364 
TYR HXT  H N N 365 
VAL N    N N N 366 
VAL CA   C N S 367 
VAL C    C N N 368 
VAL O    O N N 369 
VAL CB   C N N 370 
VAL CG1  C N N 371 
VAL CG2  C N N 372 
VAL OXT  O N N 373 
VAL H    H N N 374 
VAL H2   H N N 375 
VAL HA   H N N 376 
VAL HB   H N N 377 
VAL HG11 H N N 378 
VAL HG12 H N N 379 
VAL HG13 H N N 380 
VAL HG21 H N N 381 
VAL HG22 H N N 382 
VAL HG23 H N N 383 
VAL HXT  H N N 384 
# 
loop_
_chem_comp_bond.comp_id 
_chem_comp_bond.atom_id_1 
_chem_comp_bond.atom_id_2 
_chem_comp_bond.value_order 
_chem_comp_bond.pdbx_aromatic_flag 
_chem_comp_bond.pdbx_stereo_config 
_chem_comp_bond.pdbx_ordinal 
ALA N   CA   sing N N 1   
ALA N   H    sing N N 2   
ALA N   H2   sing N N 3   
ALA CA  C    sing N N 4   
ALA CA  CB   sing N N 5   
ALA CA  HA   sing N N 6   
ALA C   O    doub N N 7   
ALA C   OXT  sing N N 8   
ALA CB  HB1  sing N N 9   
ALA CB  HB2  sing N N 10  
ALA CB  HB3  sing N N 11  
ALA OXT HXT  sing N N 12  
ARG N   CA   sing N N 13  
ARG N   H    sing N N 14  
ARG N   H2   sing N N 15  
ARG CA  C    sing N N 16  
ARG CA  CB   sing N N 17  
ARG CA  HA   sing N N 18  
ARG C   O    doub N N 19  
ARG C   OXT  sing N N 20  
ARG CB  CG   sing N N 21  
ARG CB  HB2  sing N N 22  
ARG CB  HB3  sing N N 23  
ARG CG  CD   sing N N 24  
ARG CG  HG2  sing N N 25  
ARG CG  HG3  sing N N 26  
ARG CD  NE   sing N N 27  
ARG CD  HD2  sing N N 28  
ARG CD  HD3  sing N N 29  
ARG NE  CZ   sing N N 30  
ARG NE  HE   sing N N 31  
ARG CZ  NH1  sing N N 32  
ARG CZ  NH2  doub N N 33  
ARG NH1 HH11 sing N N 34  
ARG NH1 HH12 sing N N 35  
ARG NH2 HH21 sing N N 36  
ARG NH2 HH22 sing N N 37  
ARG OXT HXT  sing N N 38  
ASN N   CA   sing N N 39  
ASN N   H    sing N N 40  
ASN N   H2   sing N N 41  
ASN CA  C    sing N N 42  
ASN CA  CB   sing N N 43  
ASN CA  HA   sing N N 44  
ASN C   O    doub N N 45  
ASN C   OXT  sing N N 46  
ASN CB  CG   sing N N 47  
ASN CB  HB2  sing N N 48  
ASN CB  HB3  sing N N 49  
ASN CG  OD1  doub N N 50  
ASN CG  ND2  sing N N 51  
ASN ND2 HD21 sing N N 52  
ASN ND2 HD22 sing N N 53  
ASN OXT HXT  sing N N 54  
ASP N   CA   sing N N 55  
ASP N   H    sing N N 56  
ASP N   H2   sing N N 57  
ASP CA  C    sing N N 58  
ASP CA  CB   sing N N 59  
ASP CA  HA   sing N N 60  
ASP C   O    doub N N 61  
ASP C   OXT  sing N N 62  
ASP CB  CG   sing N N 63  
ASP CB  HB2  sing N N 64  
ASP CB  HB3  sing N N 65  
ASP CG  OD1  doub N N 66  
ASP CG  OD2  sing N N 67  
ASP OD2 HD2  sing N N 68  
ASP OXT HXT  sing N N 69  
CIT C1  O1   doub N N 70  
CIT C1  O2   sing N N 71  
CIT C1  C2   sing N N 72  
CIT O2  HO2  sing N N 73  
CIT C2  C3   sing N N 74  
CIT C2  H21  sing N N 75  
CIT C2  H22  sing N N 76  
CIT C3  O7   sing N N 77  
CIT C3  C4   sing N N 78  
CIT C3  C6   sing N N 79  
CIT O7  HO7  sing N N 80  
CIT C4  C5   sing N N 81  
CIT C4  H41  sing N N 82  
CIT C4  H42  sing N N 83  
CIT C5  O3   doub N N 84  
CIT C5  O4   sing N N 85  
CIT O4  HO4  sing N N 86  
CIT C6  O5   doub N N 87  
CIT C6  O6   sing N N 88  
CIT O6  HO6  sing N N 89  
CYS N   CA   sing N N 90  
CYS N   H    sing N N 91  
CYS N   H2   sing N N 92  
CYS CA  C    sing N N 93  
CYS CA  CB   sing N N 94  
CYS CA  HA   sing N N 95  
CYS C   O    doub N N 96  
CYS C   OXT  sing N N 97  
CYS CB  SG   sing N N 98  
CYS CB  HB2  sing N N 99  
CYS CB  HB3  sing N N 100 
CYS SG  HG   sing N N 101 
CYS OXT HXT  sing N N 102 
GLY N   CA   sing N N 103 
GLY N   H    sing N N 104 
GLY N   H2   sing N N 105 
GLY CA  C    sing N N 106 
GLY CA  HA2  sing N N 107 
GLY CA  HA3  sing N N 108 
GLY C   O    doub N N 109 
GLY C   OXT  sing N N 110 
GLY OXT HXT  sing N N 111 
HOH O   H1   sing N N 112 
HOH O   H2   sing N N 113 
IDS C1  C2   sing N N 114 
IDS C1  O1   sing N N 115 
IDS C1  O5   sing N N 116 
IDS C1  H1   sing N N 117 
IDS C2  C3   sing N N 118 
IDS C2  O2   sing N N 119 
IDS C2  H2   sing N N 120 
IDS C3  C4   sing N N 121 
IDS C3  O3   sing N N 122 
IDS C3  H3   sing N N 123 
IDS C4  C5   sing N N 124 
IDS C4  O4   sing N N 125 
IDS C4  H4   sing N N 126 
IDS C5  C6   sing N N 127 
IDS C5  O5   sing N N 128 
IDS C5  H5   sing N N 129 
IDS C6  O6A  doub N N 130 
IDS C6  O6B  sing N N 131 
IDS O1  HO1  sing N N 132 
IDS O2  S    sing N N 133 
IDS O3  HO3  sing N N 134 
IDS O4  HO4  sing N N 135 
IDS O6B HO6B sing N N 136 
IDS S   O1S  doub N N 137 
IDS S   O2S  doub N N 138 
IDS S   O3S  sing N N 139 
IDS O3S HOS3 sing N N 140 
ILE N   CA   sing N N 141 
ILE N   H    sing N N 142 
ILE N   H2   sing N N 143 
ILE CA  C    sing N N 144 
ILE CA  CB   sing N N 145 
ILE CA  HA   sing N N 146 
ILE C   O    doub N N 147 
ILE C   OXT  sing N N 148 
ILE CB  CG1  sing N N 149 
ILE CB  CG2  sing N N 150 
ILE CB  HB   sing N N 151 
ILE CG1 CD1  sing N N 152 
ILE CG1 HG12 sing N N 153 
ILE CG1 HG13 sing N N 154 
ILE CG2 HG21 sing N N 155 
ILE CG2 HG22 sing N N 156 
ILE CG2 HG23 sing N N 157 
ILE CD1 HD11 sing N N 158 
ILE CD1 HD12 sing N N 159 
ILE CD1 HD13 sing N N 160 
ILE OXT HXT  sing N N 161 
LEU N   CA   sing N N 162 
LEU N   H    sing N N 163 
LEU N   H2   sing N N 164 
LEU CA  C    sing N N 165 
LEU CA  CB   sing N N 166 
LEU CA  HA   sing N N 167 
LEU C   O    doub N N 168 
LEU C   OXT  sing N N 169 
LEU CB  CG   sing N N 170 
LEU CB  HB2  sing N N 171 
LEU CB  HB3  sing N N 172 
LEU CG  CD1  sing N N 173 
LEU CG  CD2  sing N N 174 
LEU CG  HG   sing N N 175 
LEU CD1 HD11 sing N N 176 
LEU CD1 HD12 sing N N 177 
LEU CD1 HD13 sing N N 178 
LEU CD2 HD21 sing N N 179 
LEU CD2 HD22 sing N N 180 
LEU CD2 HD23 sing N N 181 
LEU OXT HXT  sing N N 182 
LYS N   CA   sing N N 183 
LYS N   H    sing N N 184 
LYS N   H2   sing N N 185 
LYS CA  C    sing N N 186 
LYS CA  CB   sing N N 187 
LYS CA  HA   sing N N 188 
LYS C   O    doub N N 189 
LYS C   OXT  sing N N 190 
LYS CB  CG   sing N N 191 
LYS CB  HB2  sing N N 192 
LYS CB  HB3  sing N N 193 
LYS CG  CD   sing N N 194 
LYS CG  HG2  sing N N 195 
LYS CG  HG3  sing N N 196 
LYS CD  CE   sing N N 197 
LYS CD  HD2  sing N N 198 
LYS CD  HD3  sing N N 199 
LYS CE  NZ   sing N N 200 
LYS CE  HE2  sing N N 201 
LYS CE  HE3  sing N N 202 
LYS NZ  HZ1  sing N N 203 
LYS NZ  HZ2  sing N N 204 
LYS NZ  HZ3  sing N N 205 
LYS OXT HXT  sing N N 206 
MET N   CA   sing N N 207 
MET N   H    sing N N 208 
MET N   H2   sing N N 209 
MET CA  C    sing N N 210 
MET CA  CB   sing N N 211 
MET CA  HA   sing N N 212 
MET C   O    doub N N 213 
MET C   OXT  sing N N 214 
MET CB  CG   sing N N 215 
MET CB  HB2  sing N N 216 
MET CB  HB3  sing N N 217 
MET CG  SD   sing N N 218 
MET CG  HG2  sing N N 219 
MET CG  HG3  sing N N 220 
MET SD  CE   sing N N 221 
MET CE  HE1  sing N N 222 
MET CE  HE2  sing N N 223 
MET CE  HE3  sing N N 224 
MET OXT HXT  sing N N 225 
PHE N   CA   sing N N 226 
PHE N   H    sing N N 227 
PHE N   H2   sing N N 228 
PHE CA  C    sing N N 229 
PHE CA  CB   sing N N 230 
PHE CA  HA   sing N N 231 
PHE C   O    doub N N 232 
PHE C   OXT  sing N N 233 
PHE CB  CG   sing N N 234 
PHE CB  HB2  sing N N 235 
PHE CB  HB3  sing N N 236 
PHE CG  CD1  doub Y N 237 
PHE CG  CD2  sing Y N 238 
PHE CD1 CE1  sing Y N 239 
PHE CD1 HD1  sing N N 240 
PHE CD2 CE2  doub Y N 241 
PHE CD2 HD2  sing N N 242 
PHE CE1 CZ   doub Y N 243 
PHE CE1 HE1  sing N N 244 
PHE CE2 CZ   sing Y N 245 
PHE CE2 HE2  sing N N 246 
PHE CZ  HZ   sing N N 247 
PHE OXT HXT  sing N N 248 
PRO N   CA   sing N N 249 
PRO N   CD   sing N N 250 
PRO N   H    sing N N 251 
PRO CA  C    sing N N 252 
PRO CA  CB   sing N N 253 
PRO CA  HA   sing N N 254 
PRO C   O    doub N N 255 
PRO C   OXT  sing N N 256 
PRO CB  CG   sing N N 257 
PRO CB  HB2  sing N N 258 
PRO CB  HB3  sing N N 259 
PRO CG  CD   sing N N 260 
PRO CG  HG2  sing N N 261 
PRO CG  HG3  sing N N 262 
PRO CD  HD2  sing N N 263 
PRO CD  HD3  sing N N 264 
PRO OXT HXT  sing N N 265 
SER N   CA   sing N N 266 
SER N   H    sing N N 267 
SER N   H2   sing N N 268 
SER CA  C    sing N N 269 
SER CA  CB   sing N N 270 
SER CA  HA   sing N N 271 
SER C   O    doub N N 272 
SER C   OXT  sing N N 273 
SER CB  OG   sing N N 274 
SER CB  HB2  sing N N 275 
SER CB  HB3  sing N N 276 
SER OG  HG   sing N N 277 
SER OXT HXT  sing N N 278 
SGN C1  C2   sing N N 279 
SGN C1  O1   sing N N 280 
SGN C1  O5   sing N N 281 
SGN C1  H1   sing N N 282 
SGN C2  C3   sing N N 283 
SGN C2  N2   sing N N 284 
SGN C2  H2   sing N N 285 
SGN C3  C4   sing N N 286 
SGN C3  O3   sing N N 287 
SGN C3  H3   sing N N 288 
SGN C4  C5   sing N N 289 
SGN C4  O4   sing N N 290 
SGN C4  H4   sing N N 291 
SGN C5  C6   sing N N 292 
SGN C5  O5   sing N N 293 
SGN C5  H5   sing N N 294 
SGN C6  O6   sing N N 295 
SGN C6  H61  sing N N 296 
SGN C6  H62  sing N N 297 
SGN N2  S1   sing N N 298 
SGN N2  HN21 sing N N 299 
SGN O1  HO1  sing N N 300 
SGN O3  HO3  sing N N 301 
SGN O4  HO4  sing N N 302 
SGN O6  S2   sing N N 303 
SGN S1  O1S  doub N N 304 
SGN S1  O2S  doub N N 305 
SGN S1  O3S  sing N N 306 
SGN O3S HOS3 sing N N 307 
SGN S2  O4S  doub N N 308 
SGN S2  O5S  doub N N 309 
SGN S2  O6S  sing N N 310 
SGN O6S HOS6 sing N N 311 
THR N   CA   sing N N 312 
THR N   H    sing N N 313 
THR N   H2   sing N N 314 
THR CA  C    sing N N 315 
THR CA  CB   sing N N 316 
THR CA  HA   sing N N 317 
THR C   O    doub N N 318 
THR C   OXT  sing N N 319 
THR CB  OG1  sing N N 320 
THR CB  CG2  sing N N 321 
THR CB  HB   sing N N 322 
THR OG1 HG1  sing N N 323 
THR CG2 HG21 sing N N 324 
THR CG2 HG22 sing N N 325 
THR CG2 HG23 sing N N 326 
THR OXT HXT  sing N N 327 
TYR N   CA   sing N N 328 
TYR N   H    sing N N 329 
TYR N   H2   sing N N 330 
TYR CA  C    sing N N 331 
TYR CA  CB   sing N N 332 
TYR CA  HA   sing N N 333 
TYR C   O    doub N N 334 
TYR C   OXT  sing N N 335 
TYR CB  CG   sing N N 336 
TYR CB  HB2  sing N N 337 
TYR CB  HB3  sing N N 338 
TYR CG  CD1  doub Y N 339 
TYR CG  CD2  sing Y N 340 
TYR CD1 CE1  sing Y N 341 
TYR CD1 HD1  sing N N 342 
TYR CD2 CE2  doub Y N 343 
TYR CD2 HD2  sing N N 344 
TYR CE1 CZ   doub Y N 345 
TYR CE1 HE1  sing N N 346 
TYR CE2 CZ   sing Y N 347 
TYR CE2 HE2  sing N N 348 
TYR CZ  OH   sing N N 349 
TYR OH  HH   sing N N 350 
TYR OXT HXT  sing N N 351 
VAL N   CA   sing N N 352 
VAL N   H    sing N N 353 
VAL N   H2   sing N N 354 
VAL CA  C    sing N N 355 
VAL CA  CB   sing N N 356 
VAL CA  HA   sing N N 357 
VAL C   O    doub N N 358 
VAL C   OXT  sing N N 359 
VAL CB  CG1  sing N N 360 
VAL CB  CG2  sing N N 361 
VAL CB  HB   sing N N 362 
VAL CG1 HG11 sing N N 363 
VAL CG1 HG12 sing N N 364 
VAL CG1 HG13 sing N N 365 
VAL CG2 HG21 sing N N 366 
VAL CG2 HG22 sing N N 367 
VAL CG2 HG23 sing N N 368 
VAL OXT HXT  sing N N 369 
# 
loop_
_pdbx_entity_branch_list.entity_id 
_pdbx_entity_branch_list.comp_id 
_pdbx_entity_branch_list.num 
_pdbx_entity_branch_list.hetero 
2 SGN 1 n 
2 IDS 2 n 
2 SGN 3 n 
2 IDS 4 n 
2 SGN 5 n 
2 IDS 6 n 
# 
_atom_sites.entry_id                    1XT3 
_atom_sites.fract_transf_matrix[1][1]   0.00730645 
_atom_sites.fract_transf_matrix[1][2]   0.01589028 
_atom_sites.fract_transf_matrix[1][3]   -0.01459132 
_atom_sites.fract_transf_matrix[2][1]   0.00051882 
_atom_sites.fract_transf_matrix[2][2]   0.01124226 
_atom_sites.fract_transf_matrix[2][3]   0.01250288 
_atom_sites.fract_transf_matrix[3][1]   0.00959904 
_atom_sites.fract_transf_matrix[3][2]   -0.00261792 
_atom_sites.fract_transf_matrix[3][3]   0.00195564 
_atom_sites.fract_transf_vector[1]      0.204388 
_atom_sites.fract_transf_vector[2]      0.452235 
_atom_sites.fract_transf_vector[3]      0.247740 
# 
loop_
_atom_type.symbol 
C 
N 
O 
S 
# 
loop_
_atom_site.group_PDB 
_atom_site.id 
_atom_site.type_symbol 
_atom_site.label_atom_id 
_atom_site.label_alt_id 
_atom_site.label_comp_id 
_atom_site.label_asym_id 
_atom_site.label_entity_id 
_atom_site.label_seq_id 
_atom_site.pdbx_PDB_ins_code 
_atom_site.Cartn_x 
_atom_site.Cartn_y 
_atom_site.Cartn_z 
_atom_site.occupancy 
_atom_site.B_iso_or_equiv 
_atom_site.pdbx_formal_charge 
_atom_site.auth_seq_id 
_atom_site.auth_comp_id 
_atom_site.auth_asym_id 
_atom_site.auth_atom_id 
_atom_site.pdbx_PDB_model_num 
ATOM   1    N N   . LEU A 1 1  ? 17.484  -9.459  -2.172  1.00 58.64  ? 1   LEU A N   1 
ATOM   2    C CA  . LEU A 1 1  ? 16.225  -8.902  -1.604  1.00 55.98  ? 1   LEU A CA  1 
ATOM   3    C C   . LEU A 1 1  ? 15.891  -7.557  -2.229  1.00 55.38  ? 1   LEU A C   1 
ATOM   4    O O   . LEU A 1 1  ? 16.765  -6.716  -2.430  1.00 54.48  ? 1   LEU A O   1 
ATOM   5    C CB  . LEU A 1 1  ? 16.350  -8.744  -0.089  0.10 78.75  ? 1   LEU A CB  1 
ATOM   6    C CG  . LEU A 1 1  ? 15.111  -8.189  0.618   1.00 78.20  ? 1   LEU A CG  1 
ATOM   7    C CD1 . LEU A 1 1  ? 13.921  -9.107  0.371   0.10 79.39  ? 1   LEU A CD1 1 
ATOM   8    C CD2 . LEU A 1 1  ? 15.387  -8.061  2.107   0.10 77.67  ? 1   LEU A CD2 1 
ATOM   9    N N   . LYS A 1 2  ? 14.614  -7.368  -2.538  1.00 43.23  ? 2   LYS A N   1 
ATOM   10   C CA  . LYS A 1 2  ? 14.135  -6.133  -3.141  1.00 40.19  ? 2   LYS A CA  1 
ATOM   11   C C   . LYS A 1 2  ? 12.991  -5.556  -2.324  1.00 37.43  ? 2   LYS A C   1 
ATOM   12   O O   . LYS A 1 2  ? 12.086  -6.279  -1.916  1.00 37.78  ? 2   LYS A O   1 
ATOM   13   C CB  . LYS A 1 2  ? 13.665  -6.389  -4.574  1.00 67.95  ? 2   LYS A CB  1 
ATOM   14   C CG  . LYS A 1 2  ? 14.783  -6.745  -5.540  0.10 71.44  ? 2   LYS A CG  1 
ATOM   15   C CD  . LYS A 1 2  ? 14.247  -6.959  -6.945  0.10 73.63  ? 2   LYS A CD  1 
ATOM   16   C CE  . LYS A 1 2  ? 15.377  -7.152  -7.944  1.00 75.79  ? 2   LYS A CE  1 
ATOM   17   N NZ  . LYS A 1 2  ? 16.273  -5.964  -8.001  0.10 73.24  ? 2   LYS A NZ  1 
ATOM   18   N N   . CYS A 1 3  ? 13.042  -4.250  -2.083  1.00 36.80  ? 3   CYS A N   1 
ATOM   19   C CA  . CYS A 1 3  ? 12.016  -3.566  -1.316  1.00 36.61  ? 3   CYS A CA  1 
ATOM   20   C C   . CYS A 1 3  ? 11.457  -2.382  -2.097  1.00 36.09  ? 3   CYS A C   1 
ATOM   21   O O   . CYS A 1 3  ? 12.168  -1.735  -2.865  1.00 37.51  ? 3   CYS A O   1 
ATOM   22   C CB  . CYS A 1 3  ? 12.590  -3.040  0.001   0.10 36.02  ? 3   CYS A CB  1 
ATOM   23   S SG  . CYS A 1 3  ? 13.324  -4.270  1.121   1.00 36.56  ? 3   CYS A SG  1 
ATOM   24   N N   . ASN A 1 4  ? 10.186  -2.081  -1.877  1.00 31.07  ? 4   ASN A N   1 
ATOM   25   C CA  . ASN A 1 4  ? 9.565   -0.963  -2.560  1.00 30.64  ? 4   ASN A CA  1 
ATOM   26   C C   . ASN A 1 4  ? 10.036  0.365   -1.985  1.00 30.31  ? 4   ASN A C   1 
ATOM   27   O O   . ASN A 1 4  ? 10.615  0.416   -0.904  1.00 31.26  ? 4   ASN A O   1 
ATOM   28   C CB  . ASN A 1 4  ? 8.042   -1.070  -2.463  1.00 43.97  ? 4   ASN A CB  1 
ATOM   29   C CG  . ASN A 1 4  ? 7.500   -2.280  -3.204  1.00 45.13  ? 4   ASN A CG  1 
ATOM   30   O OD1 . ASN A 1 4  ? 7.633   -2.389  -4.422  1.00 43.58  ? 4   ASN A OD1 1 
ATOM   31   N ND2 . ASN A 1 4  ? 6.892   -3.196  -2.469  1.00 42.76  ? 4   ASN A ND2 1 
ATOM   32   N N   . LYS A 1 5  ? 9.802   1.434   -2.741  1.00 35.73  ? 5   LYS A N   1 
ATOM   33   C CA  . LYS A 1 5  ? 10.175  2.782   -2.333  1.00 36.33  ? 5   LYS A CA  1 
ATOM   34   C C   . LYS A 1 5  ? 8.886   3.467   -1.932  1.00 35.45  ? 5   LYS A C   1 
ATOM   35   O O   . LYS A 1 5  ? 7.812   2.912   -2.162  1.00 32.43  ? 5   LYS A O   1 
ATOM   36   C CB  . LYS A 1 5  ? 10.785  3.552   -3.504  1.00 56.33  ? 5   LYS A CB  1 
ATOM   37   C CG  . LYS A 1 5  ? 11.998  2.919   -4.164  1.00 60.43  ? 5   LYS A CG  1 
ATOM   38   C CD  . LYS A 1 5  ? 12.476  3.834   -5.288  1.00 61.87  ? 5   LYS A CD  1 
ATOM   39   C CE  . LYS A 1 5  ? 13.624  3.243   -6.079  1.00 66.72  ? 5   LYS A CE  1 
ATOM   40   N NZ  . LYS A 1 5  ? 13.929  4.107   -7.256  1.00 69.02  ? 5   LYS A NZ  1 
ATOM   41   N N   . LEU A 1 6  ? 8.985   4.660   -1.347  1.00 39.89  ? 6   LEU A N   1 
ATOM   42   C CA  . LEU A 1 6  ? 7.790   5.409   -0.949  1.00 40.93  ? 6   LEU A CA  1 
ATOM   43   C C   . LEU A 1 6  ? 6.731   5.124   -1.997  1.00 41.38  ? 6   LEU A C   1 
ATOM   44   O O   . LEU A 1 6  ? 5.677   4.574   -1.690  1.00 42.17  ? 6   LEU A O   1 
ATOM   45   C CB  . LEU A 1 6  ? 8.071   6.912   -0.901  1.00 33.45  ? 6   LEU A CB  1 
ATOM   46   C CG  . LEU A 1 6  ? 6.893   7.807   -0.500  1.00 34.81  ? 6   LEU A CG  1 
ATOM   47   C CD1 . LEU A 1 6  ? 6.361   7.442   0.899   1.00 28.06  ? 6   LEU A CD1 1 
ATOM   48   C CD2 . LEU A 1 6  ? 7.343   9.247   -0.549  1.00 36.55  ? 6   LEU A CD2 1 
ATOM   49   N N   . VAL A 1 7  ? 7.028   5.476   -3.244  1.00 33.57  ? 7   VAL A N   1 
ATOM   50   C CA  . VAL A 1 7  ? 6.098   5.202   -4.332  1.00 36.04  ? 7   VAL A CA  1 
ATOM   51   C C   . VAL A 1 7  ? 6.210   3.709   -4.642  1.00 38.13  ? 7   VAL A C   1 
ATOM   52   O O   . VAL A 1 7  ? 7.265   3.235   -5.049  1.00 37.48  ? 7   VAL A O   1 
ATOM   53   C CB  . VAL A 1 7  ? 6.460   5.989   -5.595  1.00 46.58  ? 7   VAL A CB  1 
ATOM   54   C CG1 . VAL A 1 7  ? 5.379   5.801   -6.650  1.00 48.74  ? 7   VAL A CG1 1 
ATOM   55   C CG2 . VAL A 1 7  ? 6.641   7.447   -5.257  1.00 48.13  ? 7   VAL A CG2 1 
ATOM   56   N N   . PRO A 1 8  ? 5.119   2.954   -4.448  1.00 56.61  ? 8   PRO A N   1 
ATOM   57   C CA  . PRO A 1 8  ? 5.062   1.508   -4.692  1.00 58.33  ? 8   PRO A CA  1 
ATOM   58   C C   . PRO A 1 8  ? 5.617   1.061   -6.042  1.00 58.15  ? 8   PRO A C   1 
ATOM   59   O O   . PRO A 1 8  ? 6.280   0.032   -6.134  1.00 57.05  ? 8   PRO A O   1 
ATOM   60   C CB  . PRO A 1 8  ? 3.575   1.199   -4.554  1.00 60.31  ? 8   PRO A CB  1 
ATOM   61   C CG  . PRO A 1 8  ? 3.142   2.174   -3.519  1.00 57.63  ? 8   PRO A CG  1 
ATOM   62   C CD  . PRO A 1 8  ? 3.814   3.448   -3.977  1.00 58.19  ? 8   PRO A CD  1 
ATOM   63   N N   . LEU A 1 9  ? 5.336   1.840   -7.081  1.00 56.03  ? 9   LEU A N   1 
ATOM   64   C CA  . LEU A 1 9  ? 5.790   1.534   -8.437  1.00 58.25  ? 9   LEU A CA  1 
ATOM   65   C C   . LEU A 1 9  ? 7.297   1.469   -8.614  1.00 58.52  ? 9   LEU A C   1 
ATOM   66   O O   . LEU A 1 9  ? 7.785   1.262   -9.718  1.00 60.38  ? 9   LEU A O   1 
ATOM   67   C CB  . LEU A 1 9  ? 5.228   2.557   -9.415  1.00 36.09  ? 9   LEU A CB  1 
ATOM   68   C CG  . LEU A 1 9  ? 3.942   2.162   -10.138 1.00 38.35  ? 9   LEU A CG  1 
ATOM   69   C CD1 . LEU A 1 9  ? 2.905   1.666   -9.144  1.00 37.83  ? 9   LEU A CD1 1 
ATOM   70   C CD2 . LEU A 1 9  ? 3.431   3.365   -10.923 1.00 34.61  ? 9   LEU A CD2 1 
ATOM   71   N N   . PHE A 1 10 ? 8.036   1.646   -7.530  1.00 46.50  ? 10  PHE A N   1 
ATOM   72   C CA  . PHE A 1 10 ? 9.483   1.602   -7.604  1.00 47.39  ? 10  PHE A CA  1 
ATOM   73   C C   . PHE A 1 10 ? 10.064  0.833   -6.434  1.00 48.19  ? 10  PHE A C   1 
ATOM   74   O O   . PHE A 1 10 ? 9.488   0.798   -5.350  1.00 49.03  ? 10  PHE A O   1 
ATOM   75   C CB  . PHE A 1 10 ? 10.055  3.018   -7.617  1.00 49.60  ? 10  PHE A CB  1 
ATOM   76   C CG  . PHE A 1 10 ? 9.578   3.854   -8.766  1.00 49.14  ? 10  PHE A CG  1 
ATOM   77   C CD1 . PHE A 1 10 ? 9.747   3.416   -10.079 1.00 46.98  ? 10  PHE A CD1 1 
ATOM   78   C CD2 . PHE A 1 10 ? 8.962   5.079   -8.539  1.00 46.39  ? 10  PHE A CD2 1 
ATOM   79   C CE1 . PHE A 1 10 ? 9.311   4.185   -11.146 1.00 47.21  ? 10  PHE A CE1 1 
ATOM   80   C CE2 . PHE A 1 10 ? 8.523   5.857   -9.596  1.00 44.46  ? 10  PHE A CE2 1 
ATOM   81   C CZ  . PHE A 1 10 ? 8.696   5.410   -10.906 1.00 46.72  ? 10  PHE A CZ  1 
ATOM   82   N N   . TYR A 1 11 ? 11.213  0.214   -6.659  1.00 45.36  ? 11  TYR A N   1 
ATOM   83   C CA  . TYR A 1 11 ? 11.870  -0.542  -5.614  1.00 46.98  ? 11  TYR A CA  1 
ATOM   84   C C   . TYR A 1 11 ? 13.368  -0.477  -5.793  1.00 47.80  ? 11  TYR A C   1 
ATOM   85   O O   . TYR A 1 11 ? 13.867  0.089   -6.766  1.00 49.00  ? 11  TYR A O   1 
ATOM   86   C CB  . TYR A 1 11 ? 11.422  -2.002  -5.637  1.00 49.18  ? 11  TYR A CB  1 
ATOM   87   C CG  . TYR A 1 11 ? 11.667  -2.698  -6.953  1.00 53.08  ? 11  TYR A CG  1 
ATOM   88   C CD1 . TYR A 1 11 ? 10.799  -2.526  -8.029  1.00 53.31  ? 11  TYR A CD1 1 
ATOM   89   C CD2 . TYR A 1 11 ? 12.780  -3.516  -7.127  1.00 52.86  ? 11  TYR A CD2 1 
ATOM   90   C CE1 . TYR A 1 11 ? 11.036  -3.154  -9.250  1.00 55.11  ? 11  TYR A CE1 1 
ATOM   91   C CE2 . TYR A 1 11 ? 13.024  -4.144  -8.339  1.00 54.61  ? 11  TYR A CE2 1 
ATOM   92   C CZ  . TYR A 1 11 ? 12.151  -3.959  -9.396  1.00 55.92  ? 11  TYR A CZ  1 
ATOM   93   O OH  . TYR A 1 11 ? 12.409  -4.575  -10.598 1.00 60.14  ? 11  TYR A OH  1 
ATOM   94   N N   . LYS A 1 12 ? 14.086  -1.050  -4.839  1.00 51.35  ? 12  LYS A N   1 
ATOM   95   C CA  . LYS A 1 12 ? 15.532  -1.074  -4.901  1.00 50.43  ? 12  LYS A CA  1 
ATOM   96   C C   . LYS A 1 12 ? 16.021  -2.369  -4.277  1.00 48.98  ? 12  LYS A C   1 
ATOM   97   O O   . LYS A 1 12 ? 15.275  -3.051  -3.580  1.00 48.28  ? 12  LYS A O   1 
ATOM   98   C CB  . LYS A 1 12 ? 16.125  0.134   -4.163  1.00 89.12  ? 12  LYS A CB  1 
ATOM   99   C CG  . LYS A 1 12 ? 16.090  0.048   -2.647  1.00 89.33  ? 12  LYS A CG  1 
ATOM   100  C CD  . LYS A 1 12 ? 16.678  1.306   -2.019  1.00 89.53  ? 12  LYS A CD  1 
ATOM   101  C CE  . LYS A 1 12 ? 16.873  1.144   -0.518  1.00 89.58  ? 12  LYS A CE  1 
ATOM   102  N NZ  . LYS A 1 12 ? 17.411  2.385   0.121   1.00 92.38  ? 12  LYS A NZ  1 
ATOM   103  N N   . THR A 1 13 ? 17.272  -2.710  -4.550  1.00 47.44  ? 13  THR A N   1 
ATOM   104  C CA  . THR A 1 13 ? 17.866  -3.916  -4.001  1.00 47.49  ? 13  THR A CA  1 
ATOM   105  C C   . THR A 1 13 ? 18.625  -3.520  -2.739  1.00 45.49  ? 13  THR A C   1 
ATOM   106  O O   . THR A 1 13 ? 19.476  -2.617  -2.764  1.00 45.31  ? 13  THR A O   1 
ATOM   107  C CB  . THR A 1 13 ? 18.822  -4.567  -5.021  1.00 54.92  ? 13  THR A CB  1 
ATOM   108  O OG1 . THR A 1 13 ? 18.095  -4.878  -6.219  1.00 57.72  ? 13  THR A OG1 1 
ATOM   109  C CG2 . THR A 1 13 ? 19.426  -5.841  -4.455  1.00 54.88  ? 13  THR A CG2 1 
ATOM   110  N N   . CYS A 1 14 ? 18.302  -4.178  -1.630  1.00 61.74  ? 14  CYS A N   1 
ATOM   111  C CA  . CYS A 1 14 ? 18.944  -3.875  -0.359  1.00 63.25  ? 14  CYS A CA  1 
ATOM   112  C C   . CYS A 1 14 ? 20.435  -4.176  -0.381  1.00 65.90  ? 14  CYS A C   1 
ATOM   113  O O   . CYS A 1 14 ? 20.880  -5.160  -0.973  1.00 64.20  ? 14  CYS A O   1 
ATOM   114  C CB  . CYS A 1 14 ? 18.302  -4.663  0.787   1.00 48.59  ? 14  CYS A CB  1 
ATOM   115  S SG  . CYS A 1 14 ? 16.529  -4.360  1.084   1.00 48.22  ? 14  CYS A SG  1 
ATOM   116  N N   . PRO A 1 15 ? 21.230  -3.320  0.271   1.00 54.40  ? 15  PRO A N   1 
ATOM   117  C CA  . PRO A 1 15 ? 22.680  -3.492  0.335   1.00 55.29  ? 15  PRO A CA  1 
ATOM   118  C C   . PRO A 1 15 ? 23.017  -4.546  1.384   1.00 55.89  ? 15  PRO A C   1 
ATOM   119  O O   . PRO A 1 15 ? 22.313  -4.671  2.386   1.00 54.17  ? 15  PRO A O   1 
ATOM   120  C CB  . PRO A 1 15 ? 23.158  -2.107  0.726   1.00 42.08  ? 15  PRO A CB  1 
ATOM   121  C CG  . PRO A 1 15 ? 22.077  -1.659  1.656   1.00 42.43  ? 15  PRO A CG  1 
ATOM   122  C CD  . PRO A 1 15 ? 20.821  -2.062  0.925   1.00 41.26  ? 15  PRO A CD  1 
ATOM   123  N N   . ALA A 1 16 ? 24.086  -5.301  1.141   1.00 52.80  ? 16  ALA A N   1 
ATOM   124  C CA  . ALA A 1 16 ? 24.525  -6.359  2.046   1.00 53.94  ? 16  ALA A CA  1 
ATOM   125  C C   . ALA A 1 16 ? 24.198  -6.040  3.499   1.00 54.42  ? 16  ALA A C   1 
ATOM   126  O O   . ALA A 1 16 ? 24.413  -4.916  3.956   1.00 55.59  ? 16  ALA A O   1 
ATOM   127  C CB  . ALA A 1 16 ? 26.015  -6.578  1.889   1.00 34.63  ? 16  ALA A CB  1 
ATOM   128  N N   . GLY A 1 17 ? 23.680  -7.029  4.220   1.00 55.50  ? 17  GLY A N   1 
ATOM   129  C CA  . GLY A 1 17 ? 23.334  -6.816  5.614   1.00 57.35  ? 17  GLY A CA  1 
ATOM   130  C C   . GLY A 1 17 ? 21.861  -6.508  5.800   1.00 58.16  ? 17  GLY A C   1 
ATOM   131  O O   . GLY A 1 17 ? 21.112  -7.343  6.304   0.10 58.92  ? 17  GLY A O   1 
ATOM   132  N N   . LYS A 1 18 ? 21.448  -5.308  5.398   1.00 54.41  ? 18  LYS A N   1 
ATOM   133  C CA  . LYS A 1 18 ? 20.054  -4.898  5.510   1.00 52.31  ? 18  LYS A CA  1 
ATOM   134  C C   . LYS A 1 18 ? 19.182  -5.956  4.865   1.00 51.60  ? 18  LYS A C   1 
ATOM   135  O O   . LYS A 1 18 ? 18.938  -5.910  3.668   1.00 50.98  ? 18  LYS A O   1 
ATOM   136  C CB  . LYS A 1 18 ? 19.824  -3.564  4.794   1.00 45.87  ? 18  LYS A CB  1 
ATOM   137  C CG  . LYS A 1 18 ? 20.707  -2.431  5.281   1.00 42.82  ? 18  LYS A CG  1 
ATOM   138  C CD  . LYS A 1 18 ? 20.284  -1.095  4.682   1.00 42.61  ? 18  LYS A CD  1 
ATOM   139  C CE  . LYS A 1 18 ? 21.096  0.036   5.277   1.00 43.94  ? 18  LYS A CE  1 
ATOM   140  N NZ  . LYS A 1 18 ? 20.654  1.376   4.816   1.00 43.40  ? 18  LYS A NZ  1 
ATOM   141  N N   . ASN A 1 19 ? 18.710  -6.908  5.660   1.00 48.63  ? 19  ASN A N   1 
ATOM   142  C CA  . ASN A 1 19 ? 17.876  -7.981  5.139   1.00 50.25  ? 19  ASN A CA  1 
ATOM   143  C C   . ASN A 1 19 ? 16.405  -7.817  5.501   1.00 49.54  ? 19  ASN A C   1 
ATOM   144  O O   . ASN A 1 19 ? 15.773  -8.753  5.986   1.00 49.51  ? 19  ASN A O   1 
ATOM   145  C CB  . ASN A 1 19 ? 18.388  -9.331  5.648   1.00 53.32  ? 19  ASN A CB  1 
ATOM   146  C CG  . ASN A 1 19 ? 18.523  -9.370  7.157   0.10 59.22  ? 19  ASN A CG  1 
ATOM   147  O OD1 . ASN A 1 19 ? 17.549  -9.186  7.886   0.10 60.81  ? 19  ASN A OD1 1 
ATOM   148  N ND2 . ASN A 1 19 ? 19.738  -9.613  7.636   0.10 56.72  ? 19  ASN A ND2 1 
ATOM   149  N N   . LEU A 1 20 ? 15.857  -6.629  5.261   1.00 50.68  ? 20  LEU A N   1 
ATOM   150  C CA  . LEU A 1 20 ? 14.444  -6.385  5.558   1.00 46.27  ? 20  LEU A CA  1 
ATOM   151  C C   . LEU A 1 20 ? 13.815  -5.224  4.799   1.00 44.66  ? 20  LEU A C   1 
ATOM   152  O O   . LEU A 1 20 ? 14.495  -4.309  4.346   1.00 42.93  ? 20  LEU A O   1 
ATOM   153  C CB  . LEU A 1 20 ? 14.239  -6.151  7.061   1.00 50.44  ? 20  LEU A CB  1 
ATOM   154  C CG  . LEU A 1 20 ? 14.244  -7.372  7.981   1.00 48.89  ? 20  LEU A CG  1 
ATOM   155  C CD1 . LEU A 1 20 ? 13.974  -6.945  9.411   1.00 47.80  ? 20  LEU A CD1 1 
ATOM   156  C CD2 . LEU A 1 20 ? 13.186  -8.360  7.510   1.00 48.21  ? 20  LEU A CD2 1 
ATOM   157  N N   . CYS A 1 21 ? 12.499  -5.288  4.661   1.00 42.54  ? 21  CYS A N   1 
ATOM   158  C CA  . CYS A 1 21 ? 11.722  -4.245  4.007   1.00 40.74  ? 21  CYS A CA  1 
ATOM   159  C C   . CYS A 1 21 ? 10.809  -3.707  5.104   1.00 39.26  ? 21  CYS A C   1 
ATOM   160  O O   . CYS A 1 21 ? 10.178  -4.484  5.830   1.00 39.98  ? 21  CYS A O   1 
ATOM   161  C CB  . CYS A 1 21 ? 10.883  -4.823  2.867   1.00 51.36  ? 21  CYS A CB  1 
ATOM   162  S SG  . CYS A 1 21 ? 11.804  -5.563  1.475   1.00 49.91  ? 21  CYS A SG  1 
ATOM   163  N N   . TYR A 1 22 ? 10.740  -2.385  5.234   1.00 37.71  ? 22  TYR A N   1 
ATOM   164  C CA  . TYR A 1 22 ? 9.921   -1.783  6.274   1.00 34.31  ? 22  TYR A CA  1 
ATOM   165  C C   . TYR A 1 22 ? 8.922   -0.784  5.709   1.00 34.63  ? 22  TYR A C   1 
ATOM   166  O O   . TYR A 1 22 ? 9.084   -0.279  4.605   1.00 36.21  ? 22  TYR A O   1 
ATOM   167  C CB  . TYR A 1 22 ? 10.826  -1.101  7.315   1.00 29.69  ? 22  TYR A CB  1 
ATOM   168  C CG  . TYR A 1 22 ? 11.332  0.266   6.904   1.00 25.15  ? 22  TYR A CG  1 
ATOM   169  C CD1 . TYR A 1 22 ? 10.566  1.410   7.134   1.00 21.21  ? 22  TYR A CD1 1 
ATOM   170  C CD2 . TYR A 1 22 ? 12.563  0.416   6.259   1.00 23.89  ? 22  TYR A CD2 1 
ATOM   171  C CE1 . TYR A 1 22 ? 11.010  2.662   6.741   1.00 23.29  ? 22  TYR A CE1 1 
ATOM   172  C CE2 . TYR A 1 22 ? 13.018  1.673   5.853   1.00 19.52  ? 22  TYR A CE2 1 
ATOM   173  C CZ  . TYR A 1 22 ? 12.239  2.788   6.101   1.00 21.21  ? 22  TYR A CZ  1 
ATOM   174  O OH  . TYR A 1 22 ? 12.688  4.038   5.735   1.00 27.11  ? 22  TYR A OH  1 
ATOM   175  N N   . LYS A 1 23 ? 7.894   -0.500  6.497   1.00 29.63  ? 23  LYS A N   1 
ATOM   176  C CA  . LYS A 1 23 ? 6.838   0.428   6.116   1.00 29.23  ? 23  LYS A CA  1 
ATOM   177  C C   . LYS A 1 23 ? 6.734   1.360   7.309   1.00 29.69  ? 23  LYS A C   1 
ATOM   178  O O   . LYS A 1 23 ? 6.943   0.926   8.430   1.00 28.56  ? 23  LYS A O   1 
ATOM   179  C CB  . LYS A 1 23 ? 5.527   -0.347  5.942   1.00 34.56  ? 23  LYS A CB  1 
ATOM   180  C CG  . LYS A 1 23 ? 4.437   0.328   5.128   1.00 40.06  ? 23  LYS A CG  1 
ATOM   181  C CD  . LYS A 1 23 ? 3.081   -0.366  5.330   1.00 45.11  ? 23  LYS A CD  1 
ATOM   182  C CE  . LYS A 1 23 ? 3.145   -1.892  5.202   1.00 48.13  ? 23  LYS A CE  1 
ATOM   183  N NZ  . LYS A 1 23 ? 3.524   -2.381  3.848   1.00 50.21  ? 23  LYS A NZ  1 
ATOM   184  N N   . MET A 1 24 ? 6.447   2.635   7.076   1.00 35.68  ? 24  MET A N   1 
ATOM   185  C CA  . MET A 1 24 ? 6.311   3.595   8.169   1.00 36.29  ? 24  MET A CA  1 
ATOM   186  C C   . MET A 1 24 ? 5.168   4.552   7.911   1.00 36.88  ? 24  MET A C   1 
ATOM   187  O O   . MET A 1 24 ? 5.186   5.294   6.937   1.00 33.91  ? 24  MET A O   1 
ATOM   188  C CB  . MET A 1 24 ? 7.588   4.414   8.371   1.00 44.56  ? 24  MET A CB  1 
ATOM   189  C CG  . MET A 1 24 ? 7.458   5.426   9.505   1.00 48.19  ? 24  MET A CG  1 
ATOM   190  S SD  . MET A 1 24 ? 8.930   6.407   9.827   1.00 52.50  ? 24  MET A SD  1 
ATOM   191  C CE  . MET A 1 24 ? 8.403   8.043   9.259   1.00 53.88  ? 24  MET A CE  1 
ATOM   192  N N   . PHE A 1 25 ? 4.194   4.546   8.814   1.00 34.14  ? 25  PHE A N   1 
ATOM   193  C CA  . PHE A 1 25 ? 3.019   5.404   8.696   1.00 38.39  ? 25  PHE A CA  1 
ATOM   194  C C   . PHE A 1 25 ? 2.593   5.944   10.058  1.00 41.50  ? 25  PHE A C   1 
ATOM   195  O O   . PHE A 1 25 ? 2.986   5.418   11.095  1.00 43.09  ? 25  PHE A O   1 
ATOM   196  C CB  . PHE A 1 25 ? 1.871   4.597   8.095   1.00 43.24  ? 25  PHE A CB  1 
ATOM   197  C CG  . PHE A 1 25 ? 1.487   3.400   8.920   1.00 40.28  ? 25  PHE A CG  1 
ATOM   198  C CD1 . PHE A 1 25 ? 0.689   3.546   10.054  1.00 40.27  ? 25  PHE A CD1 1 
ATOM   199  C CD2 . PHE A 1 25 ? 1.977   2.140   8.606   1.00 37.46  ? 25  PHE A CD2 1 
ATOM   200  C CE1 . PHE A 1 25 ? 0.387   2.451   10.864  1.00 38.89  ? 25  PHE A CE1 1 
ATOM   201  C CE2 . PHE A 1 25 ? 1.685   1.035   9.408   1.00 38.91  ? 25  PHE A CE2 1 
ATOM   202  C CZ  . PHE A 1 25 ? 0.890   1.187   10.538  1.00 39.70  ? 25  PHE A CZ  1 
ATOM   203  N N   . MET A 1 26 ? 1.781   6.997   10.046  1.00 52.44  ? 26  MET A N   1 
ATOM   204  C CA  . MET A 1 26 ? 1.278   7.590   11.281  1.00 55.98  ? 26  MET A CA  1 
ATOM   205  C C   . MET A 1 26 ? 0.133   6.696   11.742  1.00 57.34  ? 26  MET A C   1 
ATOM   206  O O   . MET A 1 26 ? -0.489  6.018   10.929  1.00 56.68  ? 26  MET A O   1 
ATOM   207  C CB  . MET A 1 26 ? 0.739   8.997   11.020  1.00 56.47  ? 26  MET A CB  1 
ATOM   208  C CG  . MET A 1 26 ? 1.728   9.960   10.375  1.00 62.70  ? 26  MET A CG  1 
ATOM   209  S SD  . MET A 1 26 ? 3.075   10.521  11.451  1.00 69.26  ? 26  MET A SD  1 
ATOM   210  C CE  . MET A 1 26 ? 4.469   9.571   10.795  1.00 64.76  ? 26  MET A CE  1 
ATOM   211  N N   . VAL A 1 27 ? -0.151  6.691   13.038  1.00 49.69  ? 27  VAL A N   1 
ATOM   212  C CA  . VAL A 1 27 ? -1.236  5.865   13.549  1.00 51.24  ? 27  VAL A CA  1 
ATOM   213  C C   . VAL A 1 27 ? -2.561  6.370   12.976  1.00 52.78  ? 27  VAL A C   1 
ATOM   214  O O   . VAL A 1 27 ? -3.437  5.580   12.628  1.00 52.84  ? 27  VAL A O   1 
ATOM   215  C CB  . VAL A 1 27 ? -1.300  5.909   15.096  1.00 31.92  ? 27  VAL A CB  1 
ATOM   216  C CG1 . VAL A 1 27 ? -1.689  7.292   15.557  1.00 33.29  ? 27  VAL A CG1 1 
ATOM   217  C CG2 . VAL A 1 27 ? -2.288  4.874   15.607  0.10 31.37  ? 27  VAL A CG2 1 
ATOM   218  N N   . ALA A 1 28 ? -2.690  7.690   12.872  1.00 52.70  ? 28  ALA A N   1 
ATOM   219  C CA  . ALA A 1 28 ? -3.896  8.317   12.349  1.00 53.36  ? 28  ALA A CA  1 
ATOM   220  C C   . ALA A 1 28 ? -4.267  7.749   10.989  1.00 55.08  ? 28  ALA A C   1 
ATOM   221  O O   . ALA A 1 28 ? -5.357  7.209   10.813  1.00 56.01  ? 28  ALA A O   1 
ATOM   222  C CB  . ALA A 1 28 ? -3.696  9.822   12.246  1.00 63.80  ? 28  ALA A CB  1 
ATOM   223  N N   . THR A 1 29 ? -3.361  7.879   10.027  1.00 91.71  ? 29  THR A N   1 
ATOM   224  C CA  . THR A 1 29 ? -3.595  7.370   8.681   1.00 92.22  ? 29  THR A CA  1 
ATOM   225  C C   . THR A 1 29 ? -2.711  6.153   8.446   1.00 92.12  ? 29  THR A C   1 
ATOM   226  O O   . THR A 1 29 ? -1.591  6.278   7.956   1.00 92.76  ? 29  THR A O   1 
ATOM   227  C CB  . THR A 1 29 ? -3.264  8.430   7.614   1.00 59.88  ? 29  THR A CB  1 
ATOM   228  O OG1 . THR A 1 29 ? -1.871  8.755   7.677   1.00 60.38  ? 29  THR A OG1 1 
ATOM   229  C CG2 . THR A 1 29 ? -4.083  9.688   7.843   1.00 59.72  ? 29  THR A CG2 1 
ATOM   230  N N   . PRO A 1 30 ? -3.210  4.956   8.793   1.00 73.27  ? 30  PRO A N   1 
ATOM   231  C CA  . PRO A 1 30 ? -2.493  3.686   8.641   1.00 71.82  ? 30  PRO A CA  1 
ATOM   232  C C   . PRO A 1 30 ? -2.306  3.199   7.210   1.00 71.71  ? 30  PRO A C   1 
ATOM   233  O O   . PRO A 1 30 ? -1.326  2.521   6.903   1.00 73.15  ? 30  PRO A O   1 
ATOM   234  C CB  . PRO A 1 30 ? -3.339  2.723   9.462   1.00 49.25  ? 30  PRO A CB  1 
ATOM   235  C CG  . PRO A 1 30 ? -4.711  3.232   9.221   1.00 49.78  ? 30  PRO A CG  1 
ATOM   236  C CD  . PRO A 1 30 ? -4.537  4.725   9.390   1.00 49.79  ? 30  PRO A CD  1 
ATOM   237  N N   . LYS A 1 31 ? -3.245  3.533   6.333   1.00 57.49  ? 31  LYS A N   1 
ATOM   238  C CA  . LYS A 1 31 ? -3.143  3.094   4.952   1.00 55.97  ? 31  LYS A CA  1 
ATOM   239  C C   . LYS A 1 31 ? -2.382  4.077   4.073   1.00 54.05  ? 31  LYS A C   1 
ATOM   240  O O   . LYS A 1 31 ? -2.227  3.858   2.872   1.00 55.84  ? 31  LYS A O   1 
ATOM   241  C CB  . LYS A 1 31 ? -4.536  2.831   4.377   1.00 85.48  ? 31  LYS A CB  1 
ATOM   242  C CG  . LYS A 1 31 ? -4.687  1.424   3.820   1.00 88.15  ? 31  LYS A CG  1 
ATOM   243  C CD  . LYS A 1 31 ? -4.255  0.393   4.856   1.00 89.63  ? 31  LYS A CD  1 
ATOM   244  C CE  . LYS A 1 31 ? -4.171  -1.006  4.273   1.00 92.86  ? 31  LYS A CE  1 
ATOM   245  N NZ  . LYS A 1 31 ? -3.669  -1.982  5.282   1.00 89.44  ? 31  LYS A NZ  1 
ATOM   246  N N   . VAL A 1 32 ? -1.896  5.154   4.683   1.00 50.66  ? 32  VAL A N   1 
ATOM   247  C CA  . VAL A 1 32 ? -1.141  6.170   3.962   1.00 47.75  ? 32  VAL A CA  1 
ATOM   248  C C   . VAL A 1 32 ? 0.330   6.121   4.371   1.00 46.05  ? 32  VAL A C   1 
ATOM   249  O O   . VAL A 1 32 ? 0.766   6.888   5.227   1.00 45.34  ? 32  VAL A O   1 
ATOM   250  C CB  . VAL A 1 32 ? -1.689  7.584   4.253   0.10 53.37  ? 32  VAL A CB  1 
ATOM   251  C CG1 . VAL A 1 32 ? -0.930  8.617   3.438   0.10 50.19  ? 32  VAL A CG1 1 
ATOM   252  C CG2 . VAL A 1 32 ? -3.174  7.639   3.936   0.10 52.19  ? 32  VAL A CG2 1 
ATOM   253  N N   . PRO A 1 33 ? 1.114   5.213   3.762   1.00 44.53  ? 33  PRO A N   1 
ATOM   254  C CA  . PRO A 1 33 ? 2.538   5.087   4.085   1.00 42.27  ? 33  PRO A CA  1 
ATOM   255  C C   . PRO A 1 33 ? 3.292   6.371   3.756   1.00 38.32  ? 33  PRO A C   1 
ATOM   256  O O   . PRO A 1 33 ? 2.940   7.089   2.822   1.00 39.02  ? 33  PRO A O   1 
ATOM   257  C CB  . PRO A 1 33 ? 2.982   3.903   3.233   1.00 53.93  ? 33  PRO A CB  1 
ATOM   258  C CG  . PRO A 1 33 ? 2.084   4.000   2.042   1.00 55.72  ? 33  PRO A CG  1 
ATOM   259  C CD  . PRO A 1 33 ? 0.746   4.300   2.666   1.00 55.12  ? 33  PRO A CD  1 
ATOM   260  N N   . VAL A 1 34 ? 4.328   6.657   4.534   1.00 32.94  ? 34  VAL A N   1 
ATOM   261  C CA  . VAL A 1 34 ? 5.103   7.869   4.337   1.00 32.93  ? 34  VAL A CA  1 
ATOM   262  C C   . VAL A 1 34 ? 6.601   7.625   4.251   1.00 29.28  ? 34  VAL A C   1 
ATOM   263  O O   . VAL A 1 34 ? 7.365   8.549   4.035   1.00 29.21  ? 34  VAL A O   1 
ATOM   264  C CB  . VAL A 1 34 ? 4.836   8.865   5.476   1.00 56.22  ? 34  VAL A CB  1 
ATOM   265  C CG1 . VAL A 1 34 ? 3.372   9.227   5.496   1.00 55.14  ? 34  VAL A CG1 1 
ATOM   266  C CG2 . VAL A 1 34 ? 5.229   8.250   6.817   1.00 52.71  ? 34  VAL A CG2 1 
ATOM   267  N N   . LYS A 1 35 ? 7.010   6.377   4.419   1.00 18.72  ? 35  LYS A N   1 
ATOM   268  C CA  . LYS A 1 35 ? 8.414   6.013   4.370   1.00 19.53  ? 35  LYS A CA  1 
ATOM   269  C C   . LYS A 1 35 ? 8.491   4.561   3.954   1.00 18.62  ? 35  LYS A C   1 
ATOM   270  O O   . LYS A 1 35 ? 7.758   3.739   4.495   1.00 17.90  ? 35  LYS A O   1 
ATOM   271  C CB  . LYS A 1 35 ? 9.043   6.174   5.753   1.00 37.41  ? 35  LYS A CB  1 
ATOM   272  C CG  . LYS A 1 35 ? 9.868   7.423   5.946   1.00 37.70  ? 35  LYS A CG  1 
ATOM   273  C CD  . LYS A 1 35 ? 11.346  7.113   5.820   1.00 39.42  ? 35  LYS A CD  1 
ATOM   274  C CE  . LYS A 1 35 ? 12.191  8.346   6.047   1.00 40.00  ? 35  LYS A CE  1 
ATOM   275  N NZ  . LYS A 1 35 ? 13.624  7.989   6.180   1.00 37.33  ? 35  LYS A NZ  1 
ATOM   276  N N   . ARG A 1 36 ? 9.377   4.249   3.000   1.00 27.23  ? 36  ARG A N   1 
ATOM   277  C CA  . ARG A 1 36 ? 9.560   2.880   2.508   1.00 30.39  ? 36  ARG A CA  1 
ATOM   278  C C   . ARG A 1 36 ? 11.009  2.591   2.152   1.00 29.28  ? 36  ARG A C   1 
ATOM   279  O O   . ARG A 1 36 ? 11.705  3.469   1.644   1.00 30.22  ? 36  ARG A O   1 
ATOM   280  C CB  . ARG A 1 36 ? 8.715   2.625   1.262   1.00 37.33  ? 36  ARG A CB  1 
ATOM   281  C CG  . ARG A 1 36 ? 7.284   2.207   1.526   1.00 36.18  ? 36  ARG A CG  1 
ATOM   282  C CD  . ARG A 1 36 ? 6.698   1.547   0.278   1.00 40.82  ? 36  ARG A CD  1 
ATOM   283  N NE  . ARG A 1 36 ? 5.316   1.133   0.474   1.00 39.88  ? 36  ARG A NE  1 
ATOM   284  C CZ  . ARG A 1 36 ? 4.289   1.969   0.512   1.00 40.95  ? 36  ARG A CZ  1 
ATOM   285  N NH1 . ARG A 1 36 ? 3.065   1.504   0.701   1.00 38.88  ? 36  ARG A NH1 1 
ATOM   286  N NH2 . ARG A 1 36 ? 4.481   3.270   0.350   1.00 40.42  ? 36  ARG A NH2 1 
ATOM   287  N N   . GLY A 1 37 ? 11.458  1.363   2.405   1.00 28.18  ? 37  GLY A N   1 
ATOM   288  C CA  . GLY A 1 37 ? 12.829  1.003   2.080   1.00 29.63  ? 37  GLY A CA  1 
ATOM   289  C C   . GLY A 1 37 ? 13.400  -0.229  2.769   1.00 30.87  ? 37  GLY A C   1 
ATOM   290  O O   . GLY A 1 37 ? 12.672  -1.087  3.268   1.00 29.84  ? 37  GLY A O   1 
ATOM   291  N N   . CYS A 1 38 ? 14.727  -0.300  2.802   1.00 39.32  ? 38  CYS A N   1 
ATOM   292  C CA  . CYS A 1 38 ? 15.435  -1.407  3.433   1.00 41.87  ? 38  CYS A CA  1 
ATOM   293  C C   . CYS A 1 38 ? 15.863  -1.058  4.858   1.00 41.87  ? 38  CYS A C   1 
ATOM   294  O O   . CYS A 1 38 ? 15.962  0.117   5.215   0.10 43.69  ? 38  CYS A O   1 
ATOM   295  C CB  . CYS A 1 38 ? 16.669  -1.763  2.609   1.00 42.74  ? 38  CYS A CB  1 
ATOM   296  S SG  . CYS A 1 38 ? 16.313  -2.349  0.925   1.00 45.88  ? 38  CYS A SG  1 
ATOM   297  N N   . ILE A 1 39 ? 16.119  -2.083  5.666   1.00 36.60  ? 39  ILE A N   1 
ATOM   298  C CA  . ILE A 1 39 ? 16.550  -1.877  7.048   1.00 39.61  ? 39  ILE A CA  1 
ATOM   299  C C   . ILE A 1 39 ? 17.127  -3.160  7.679   1.00 40.92  ? 39  ILE A C   1 
ATOM   300  O O   . ILE A 1 39 ? 16.822  -4.270  7.250   1.00 38.90  ? 39  ILE A O   1 
ATOM   301  C CB  . ILE A 1 39 ? 15.374  -1.347  7.915   1.00 58.61  ? 39  ILE A CB  1 
ATOM   302  C CG1 . ILE A 1 39 ? 15.872  -0.979  9.313   0.10 60.52  ? 39  ILE A CG1 1 
ATOM   303  C CG2 . ILE A 1 39 ? 14.269  -2.383  7.989   1.00 58.73  ? 39  ILE A CG2 1 
ATOM   304  C CD1 . ILE A 1 39 ? 16.699  0.303   9.382   1.00 67.34  ? 39  ILE A CD1 1 
ATOM   305  N N   . ASP A 1 40 ? 17.970  -2.993  8.692   1.00 38.38  ? 40  ASP A N   1 
ATOM   306  C CA  . ASP A 1 40 ? 18.592  -4.118  9.384   1.00 40.64  ? 40  ASP A CA  1 
ATOM   307  C C   . ASP A 1 40 ? 17.684  -4.667  10.475  1.00 40.46  ? 40  ASP A C   1 
ATOM   308  O O   . ASP A 1 40 ? 17.315  -5.841  10.450  1.00 39.61  ? 40  ASP A O   1 
ATOM   309  C CB  . ASP A 1 40 ? 19.928  -3.688  9.997   1.00 52.74  ? 40  ASP A CB  1 
ATOM   310  C CG  . ASP A 1 40 ? 19.863  -2.312  10.652  1.00 58.26  ? 40  ASP A CG  1 
ATOM   311  O OD1 . ASP A 1 40 ? 20.808  -1.964  11.387  1.00 61.98  ? 40  ASP A OD1 1 
ATOM   312  O OD2 . ASP A 1 40 ? 18.880  -1.575  10.429  1.00 59.86  ? 40  ASP A OD2 1 
ATOM   313  N N   . VAL A 1 41 ? 17.341  -3.812  11.434  1.00 43.46  ? 41  VAL A N   1 
ATOM   314  C CA  . VAL A 1 41 ? 16.457  -4.176  12.538  1.00 43.19  ? 41  VAL A CA  1 
ATOM   315  C C   . VAL A 1 41 ? 15.251  -3.241  12.521  1.00 42.11  ? 41  VAL A C   1 
ATOM   316  O O   . VAL A 1 41 ? 15.400  -2.022  12.489  1.00 40.60  ? 41  VAL A O   1 
ATOM   317  C CB  . VAL A 1 41 ? 17.171  -4.053  13.903  1.00 54.00  ? 41  VAL A CB  1 
ATOM   318  C CG1 . VAL A 1 41 ? 17.758  -2.644  14.068  1.00 56.12  ? 41  VAL A CG1 1 
ATOM   319  C CG2 . VAL A 1 41 ? 16.187  -4.361  15.034  1.00 52.90  ? 41  VAL A CG2 1 
ATOM   320  N N   . CYS A 1 42 ? 14.056  -3.819  12.538  1.00 43.09  ? 42  CYS A N   1 
ATOM   321  C CA  . CYS A 1 42 ? 12.836  -3.029  12.500  1.00 44.29  ? 42  CYS A CA  1 
ATOM   322  C C   . CYS A 1 42 ? 12.814  -1.977  13.599  1.00 45.64  ? 42  CYS A C   1 
ATOM   323  O O   . CYS A 1 42 ? 12.976  -2.285  14.781  1.00 45.68  ? 42  CYS A O   1 
ATOM   324  C CB  . CYS A 1 42 ? 11.609  -3.930  12.630  1.00 42.10  ? 42  CYS A CB  1 
ATOM   325  S SG  . CYS A 1 42 ? 10.096  -3.245  11.880  1.00 41.69  ? 42  CYS A SG  1 
ATOM   326  N N   . PRO A 1 43 ? 12.618  -0.710  13.216  1.00 33.15  ? 43  PRO A N   1 
ATOM   327  C CA  . PRO A 1 43 ? 12.575  0.379   14.183  1.00 33.38  ? 43  PRO A CA  1 
ATOM   328  C C   . PRO A 1 43 ? 11.470  0.155   15.208  1.00 34.59  ? 43  PRO A C   1 
ATOM   329  O O   . PRO A 1 43 ? 10.414  -0.385  14.885  1.00 32.19  ? 43  PRO A O   1 
ATOM   330  C CB  . PRO A 1 43 ? 12.315  1.600   13.307  1.00 39.18  ? 43  PRO A CB  1 
ATOM   331  C CG  . PRO A 1 43 ? 12.966  1.230   12.014  1.00 37.97  ? 43  PRO A CG  1 
ATOM   332  C CD  . PRO A 1 43 ? 12.533  -0.195  11.841  1.00 38.93  ? 43  PRO A CD  1 
ATOM   333  N N   . LYS A 1 44 ? 11.725  0.569   16.443  1.00 53.46  ? 44  LYS A N   1 
ATOM   334  C CA  . LYS A 1 44 ? 10.752  0.424   17.515  1.00 54.94  ? 44  LYS A CA  1 
ATOM   335  C C   . LYS A 1 44 ? 9.527   1.287   17.237  1.00 52.58  ? 44  LYS A C   1 
ATOM   336  O O   . LYS A 1 44 ? 9.643   2.477   16.930  1.00 49.27  ? 44  LYS A O   1 
ATOM   337  C CB  . LYS A 1 44 ? 11.374  0.843   18.852  0.10 68.32  ? 44  LYS A CB  1 
ATOM   338  C CG  . LYS A 1 44 ? 12.593  0.034   19.266  0.10 76.05  ? 44  LYS A CG  1 
ATOM   339  C CD  . LYS A 1 44 ? 12.235  -1.417  19.544  0.10 82.92  ? 44  LYS A CD  1 
ATOM   340  C CE  . LYS A 1 44 ? 13.450  -2.202  20.014  0.10 86.17  ? 44  LYS A CE  1 
ATOM   341  N NZ  . LYS A 1 44 ? 13.118  -3.622  20.309  0.10 91.06  ? 44  LYS A NZ  1 
ATOM   342  N N   . SER A 1 45 ? 8.351   0.685   17.346  1.00 38.69  ? 45  SER A N   1 
ATOM   343  C CA  . SER A 1 45 ? 7.121   1.417   17.120  1.00 35.68  ? 45  SER A CA  1 
ATOM   344  C C   . SER A 1 45 ? 6.691   2.104   18.413  1.00 33.23  ? 45  SER A C   1 
ATOM   345  O O   . SER A 1 45 ? 6.637   1.477   19.470  0.10 32.30  ? 45  SER A O   1 
ATOM   346  C CB  . SER A 1 45 ? 6.020   0.468   16.638  1.00 42.47  ? 45  SER A CB  1 
ATOM   347  O OG  . SER A 1 45 ? 6.398   -0.184  15.439  1.00 44.24  ? 45  SER A OG  1 
ATOM   348  N N   . SER A 1 46 ? 6.387   3.395   18.321  1.00 41.52  ? 46  SER A N   1 
ATOM   349  C CA  . SER A 1 46 ? 5.958   4.160   19.480  1.00 40.89  ? 46  SER A CA  1 
ATOM   350  C C   . SER A 1 46 ? 4.441   4.171   19.567  1.00 40.92  ? 46  SER A C   1 
ATOM   351  O O   . SER A 1 46 ? 3.805   3.140   19.413  1.00 41.28  ? 46  SER A O   1 
ATOM   352  C CB  . SER A 1 46 ? 6.483   5.589   19.395  1.00 34.78  ? 46  SER A CB  1 
ATOM   353  O OG  . SER A 1 46 ? 5.985   6.232   18.242  1.00 39.30  ? 46  SER A OG  1 
ATOM   354  N N   . LEU A 1 47 ? 3.864   5.339   19.810  1.00 47.13  ? 47  LEU A N   1 
ATOM   355  C CA  . LEU A 1 47 ? 2.420   5.455   19.928  1.00 46.84  ? 47  LEU A CA  1 
ATOM   356  C C   . LEU A 1 47 ? 1.803   5.939   18.629  1.00 44.82  ? 47  LEU A C   1 
ATOM   357  O O   . LEU A 1 47 ? 1.015   5.236   18.013  1.00 46.36  ? 47  LEU A O   1 
ATOM   358  C CB  . LEU A 1 47 ? 2.055   6.425   21.056  1.00 43.62  ? 47  LEU A CB  1 
ATOM   359  C CG  . LEU A 1 47 ? 0.566   6.545   21.410  1.00 44.04  ? 47  LEU A CG  1 
ATOM   360  C CD1 . LEU A 1 47 ? 0.154   5.352   22.261  1.00 40.85  ? 47  LEU A CD1 1 
ATOM   361  C CD2 . LEU A 1 47 ? 0.308   7.836   22.166  1.00 42.05  ? 47  LEU A CD2 1 
ATOM   362  N N   . LEU A 1 48 ? 2.159   7.143   18.211  1.00 38.75  ? 48  LEU A N   1 
ATOM   363  C CA  . LEU A 1 48 ? 1.607   7.702   16.979  1.00 38.52  ? 48  LEU A CA  1 
ATOM   364  C C   . LEU A 1 48 ? 2.360   7.253   15.728  1.00 39.74  ? 48  LEU A C   1 
ATOM   365  O O   . LEU A 1 48 ? 1.890   7.448   14.612  1.00 36.98  ? 48  LEU A O   1 
ATOM   366  C CB  . LEU A 1 48 ? 1.615   9.232   17.054  1.00 31.23  ? 48  LEU A CB  1 
ATOM   367  C CG  . LEU A 1 48 ? 0.805   9.850   18.206  1.00 33.84  ? 48  LEU A CG  1 
ATOM   368  C CD1 . LEU A 1 48 ? 0.911   11.367  18.153  1.00 35.51  ? 48  LEU A CD1 1 
ATOM   369  C CD2 . LEU A 1 48 ? -0.658  9.401   18.109  1.00 31.05  ? 48  LEU A CD2 1 
ATOM   370  N N   . VAL A 1 49 ? 3.528   6.648   15.924  1.00 30.06  ? 49  VAL A N   1 
ATOM   371  C CA  . VAL A 1 49 ? 4.351   6.205   14.818  1.00 29.57  ? 49  VAL A CA  1 
ATOM   372  C C   . VAL A 1 49 ? 4.560   4.692   14.807  1.00 32.09  ? 49  VAL A C   1 
ATOM   373  O O   . VAL A 1 49 ? 5.103   4.115   15.759  1.00 32.33  ? 49  VAL A O   1 
ATOM   374  C CB  . VAL A 1 49 ? 5.718   6.911   14.872  1.00 29.91  ? 49  VAL A CB  1 
ATOM   375  C CG1 . VAL A 1 49 ? 6.561   6.544   13.665  1.00 26.01  ? 49  VAL A CG1 1 
ATOM   376  C CG2 . VAL A 1 49 ? 5.507   8.404   14.953  1.00 31.11  ? 49  VAL A CG2 1 
ATOM   377  N N   . LYS A 1 50 ? 4.135   4.058   13.714  1.00 35.73  ? 50  LYS A N   1 
ATOM   378  C CA  . LYS A 1 50 ? 4.264   2.610   13.563  1.00 38.64  ? 50  LYS A CA  1 
ATOM   379  C C   . LYS A 1 50 ? 5.280   2.178   12.517  1.00 38.57  ? 50  LYS A C   1 
ATOM   380  O O   . LYS A 1 50 ? 5.468   2.831   11.493  1.00 36.52  ? 50  LYS A O   1 
ATOM   381  C CB  . LYS A 1 50 ? 2.910   1.982   13.223  1.00 51.76  ? 50  LYS A CB  1 
ATOM   382  C CG  . LYS A 1 50 ? 1.881   2.070   14.336  1.00 55.74  ? 50  LYS A CG  1 
ATOM   383  C CD  . LYS A 1 50 ? 2.367   1.347   15.571  1.00 58.01  ? 50  LYS A CD  1 
ATOM   384  C CE  . LYS A 1 50 ? 1.415   1.546   16.731  1.00 58.49  ? 50  LYS A CE  1 
ATOM   385  N NZ  . LYS A 1 50 ? 1.946   0.956   17.991  0.10 58.70  ? 50  LYS A NZ  1 
ATOM   386  N N   . TYR A 1 51 ? 5.939   1.063   12.795  1.00 54.15  ? 51  TYR A N   1 
ATOM   387  C CA  . TYR A 1 51 ? 6.922   0.492   11.895  1.00 54.36  ? 51  TYR A CA  1 
ATOM   388  C C   . TYR A 1 51 ? 6.493   -0.937  11.606  1.00 55.56  ? 51  TYR A C   1 
ATOM   389  O O   . TYR A 1 51 ? 6.241   -1.711  12.532  1.00 55.87  ? 51  TYR A O   1 
ATOM   390  C CB  . TYR A 1 51 ? 8.319   0.508   12.543  1.00 38.09  ? 51  TYR A CB  1 
ATOM   391  C CG  . TYR A 1 51 ? 9.019   1.851   12.463  1.00 38.76  ? 51  TYR A CG  1 
ATOM   392  C CD1 . TYR A 1 51 ? 9.498   2.336   11.243  1.00 37.91  ? 51  TYR A CD1 1 
ATOM   393  C CD2 . TYR A 1 51 ? 9.149   2.663   13.589  1.00 35.85  ? 51  TYR A CD2 1 
ATOM   394  C CE1 . TYR A 1 51 ? 10.081  3.590   11.147  1.00 34.74  ? 51  TYR A CE1 1 
ATOM   395  C CE2 . TYR A 1 51 ? 9.731   3.922   13.505  1.00 33.37  ? 51  TYR A CE2 1 
ATOM   396  C CZ  . TYR A 1 51 ? 10.193  4.381   12.283  1.00 35.35  ? 51  TYR A CZ  1 
ATOM   397  O OH  . TYR A 1 51 ? 10.758  5.632   12.183  1.00 37.58  ? 51  TYR A OH  1 
ATOM   398  N N   . VAL A 1 52 ? 6.377   -1.270  10.323  1.00 51.06  ? 52  VAL A N   1 
ATOM   399  C CA  . VAL A 1 52 ? 6.010   -2.618  9.904   1.00 51.55  ? 52  VAL A CA  1 
ATOM   400  C C   . VAL A 1 52 ? 7.125   -3.158  9.012   1.00 53.13  ? 52  VAL A C   1 
ATOM   401  O O   . VAL A 1 52 ? 7.579   -2.478  8.097   1.00 52.94  ? 52  VAL A O   1 
ATOM   402  C CB  . VAL A 1 52 ? 4.672   -2.620  9.146   1.00 29.18  ? 52  VAL A CB  1 
ATOM   403  C CG1 . VAL A 1 52 ? 4.433   -3.963  8.486   1.00 28.17  ? 52  VAL A CG1 1 
ATOM   404  C CG2 . VAL A 1 52 ? 3.545   -2.341  10.117  1.00 26.70  ? 52  VAL A CG2 1 
ATOM   405  N N   . CYS A 1 53 ? 7.573   -4.379  9.296   1.00 56.20  ? 53  CYS A N   1 
ATOM   406  C CA  . CYS A 1 53 ? 8.654   -4.988  8.535   1.00 58.57  ? 53  CYS A CA  1 
ATOM   407  C C   . CYS A 1 53 ? 8.330   -6.404  8.073   1.00 60.85  ? 53  CYS A C   1 
ATOM   408  O O   . CYS A 1 53 ? 7.608   -7.138  8.747   1.00 60.23  ? 53  CYS A O   1 
ATOM   409  C CB  . CYS A 1 53 ? 9.931   -5.000  9.376   1.00 41.41  ? 53  CYS A CB  1 
ATOM   410  S SG  . CYS A 1 53 ? 10.504  -3.348  9.895   1.00 43.24  ? 53  CYS A SG  1 
ATOM   411  N N   . CYS A 1 54 ? 8.874   -6.779  6.918   1.00 38.01  ? 54  CYS A N   1 
ATOM   412  C CA  . CYS A 1 54 ? 8.658   -8.105  6.345   1.00 39.27  ? 54  CYS A CA  1 
ATOM   413  C C   . CYS A 1 54 ? 9.957   -8.575  5.707   1.00 40.79  ? 54  CYS A C   1 
ATOM   414  O O   . CYS A 1 54 ? 10.870  -7.782  5.519   1.00 39.65  ? 54  CYS A O   1 
ATOM   415  C CB  . CYS A 1 54 ? 7.550   -8.040  5.297   1.00 52.90  ? 54  CYS A CB  1 
ATOM   416  S SG  . CYS A 1 54 ? 7.821   -6.718  4.082   1.00 55.30  ? 54  CYS A SG  1 
ATOM   417  N N   . ASN A 1 55 ? 10.041  -9.857  5.374   1.00 56.15  ? 55  ASN A N   1 
ATOM   418  C CA  . ASN A 1 55 ? 11.261  -10.387 4.779   1.00 58.61  ? 55  ASN A CA  1 
ATOM   419  C C   . ASN A 1 55 ? 11.087  -10.919 3.359   1.00 60.56  ? 55  ASN A C   1 
ATOM   420  O O   . ASN A 1 55 ? 11.955  -11.620 2.838   1.00 61.54  ? 55  ASN A O   1 
ATOM   421  C CB  . ASN A 1 55 ? 11.847  -11.472 5.686   1.00 49.72  ? 55  ASN A CB  1 
ATOM   422  C CG  . ASN A 1 55 ? 10.858  -12.574 5.995   1.00 50.39  ? 55  ASN A CG  1 
ATOM   423  O OD1 . ASN A 1 55 ? 11.043  -13.333 6.945   1.00 49.92  ? 55  ASN A OD1 1 
ATOM   424  N ND2 . ASN A 1 55 ? 9.806   -12.675 5.189   1.00 49.25  ? 55  ASN A ND2 1 
ATOM   425  N N   . THR A 1 56 ? 9.968   -10.578 2.733   1.00 69.50  ? 56  THR A N   1 
ATOM   426  C CA  . THR A 1 56 ? 9.703   -11.024 1.373   1.00 69.99  ? 56  THR A CA  1 
ATOM   427  C C   . THR A 1 56 ? 9.990   -9.882  0.403   0.10 71.03  ? 56  THR A C   1 
ATOM   428  O O   . THR A 1 56 ? 10.112  -8.730  0.815   0.10 72.43  ? 56  THR A O   1 
ATOM   429  C CB  . THR A 1 56 ? 8.241   -11.466 1.217   1.00 111.49 ? 56  THR A CB  1 
ATOM   430  O OG1 . THR A 1 56 ? 7.935   -12.445 2.217   1.00 111.66 ? 56  THR A OG1 1 
ATOM   431  C CG2 . THR A 1 56 ? 8.008   -12.072 -0.160  1.00 110.67 ? 56  THR A CG2 1 
ATOM   432  N N   . ASP A 1 57 ? 10.111  -10.199 -0.881  1.00 56.34  ? 57  ASP A N   1 
ATOM   433  C CA  . ASP A 1 57 ? 10.381  -9.172  -1.880  1.00 53.95  ? 57  ASP A CA  1 
ATOM   434  C C   . ASP A 1 57 ? 9.153   -8.325  -2.144  1.00 51.13  ? 57  ASP A C   1 
ATOM   435  O O   . ASP A 1 57 ? 8.075   -8.843  -2.441  1.00 49.74  ? 57  ASP A O   1 
ATOM   436  C CB  . ASP A 1 57 ? 10.855  -9.795  -3.195  1.00 77.59  ? 57  ASP A CB  1 
ATOM   437  C CG  . ASP A 1 57 ? 12.275  -10.306 -3.120  1.00 79.92  ? 57  ASP A CG  1 
ATOM   438  O OD1 . ASP A 1 57 ? 12.516  -11.308 -2.414  1.00 81.98  ? 57  ASP A OD1 1 
ATOM   439  O OD2 . ASP A 1 57 ? 13.152  -9.697  -3.763  1.00 80.11  ? 57  ASP A OD2 1 
ATOM   440  N N   . ARG A 1 58 ? 9.328   -7.013  -2.029  1.00 68.90  ? 58  ARG A N   1 
ATOM   441  C CA  . ARG A 1 58 ? 8.250   -6.064  -2.265  1.00 65.98  ? 58  ARG A CA  1 
ATOM   442  C C   . ARG A 1 58 ? 6.994   -6.434  -1.476  1.00 64.00  ? 58  ARG A C   1 
ATOM   443  O O   . ARG A 1 58 ? 5.976   -6.819  -2.049  1.00 65.57  ? 58  ARG A O   1 
ATOM   444  C CB  . ARG A 1 58 ? 7.939   -5.995  -3.765  0.10 60.98  ? 58  ARG A CB  1 
ATOM   445  C CG  . ARG A 1 58 ? 9.177   -5.782  -4.639  1.00 61.66  ? 58  ARG A CG  1 
ATOM   446  C CD  . ARG A 1 58 ? 8.819   -5.508  -6.090  1.00 59.39  ? 58  ARG A CD  1 
ATOM   447  N NE  . ARG A 1 58 ? 8.051   -4.275  -6.215  1.00 59.04  ? 58  ARG A NE  1 
ATOM   448  C CZ  . ARG A 1 58 ? 7.673   -3.736  -7.368  1.00 58.66  ? 58  ARG A CZ  1 
ATOM   449  N NH1 . ARG A 1 58 ? 6.974   -2.609  -7.374  1.00 59.17  ? 58  ARG A NH1 1 
ATOM   450  N NH2 . ARG A 1 58 ? 7.992   -4.318  -8.513  1.00 59.50  ? 58  ARG A NH2 1 
ATOM   451  N N   . CYS A 1 59 ? 7.082   -6.317  -0.155  1.00 72.64  ? 59  CYS A N   1 
ATOM   452  C CA  . CYS A 1 59 ? 5.964   -6.618  0.731   1.00 70.15  ? 59  CYS A CA  1 
ATOM   453  C C   . CYS A 1 59 ? 5.622   -5.376  1.549   1.00 67.84  ? 59  CYS A C   1 
ATOM   454  O O   . CYS A 1 59 ? 4.483   -5.187  1.984   1.00 69.27  ? 59  CYS A O   1 
ATOM   455  C CB  . CYS A 1 59 ? 6.326   -7.782  1.659   1.00 46.35  ? 59  CYS A CB  1 
ATOM   456  S SG  . CYS A 1 59 ? 8.020   -7.706  2.328   1.00 44.90  ? 59  CYS A SG  1 
ATOM   457  N N   . ASN A 1 60 ? 6.624   -4.525  1.733   1.00 39.98  ? 60  ASN A N   1 
ATOM   458  C CA  . ASN A 1 60 ? 6.479   -3.292  2.493   1.00 38.54  ? 60  ASN A CA  1 
ATOM   459  C C   . ASN A 1 60 ? 5.739   -2.234  1.686   1.00 38.76  ? 60  ASN A C   1 
ATOM   460  O O   . ASN A 1 60 ? 5.370   -2.538  0.539   1.00 53.74  ? 60  ASN A O   1 
ATOM   461  C CB  . ASN A 1 60 ? 7.857   -2.760  2.871   1.00 43.13  ? 60  ASN A CB  1 
ATOM   462  C CG  . ASN A 1 60 ? 8.627   -2.242  1.671   1.00 42.04  ? 60  ASN A CG  1 
ATOM   463  O OD1 . ASN A 1 60 ? 8.880   -2.982  0.713   1.00 42.27  ? 60  ASN A OD1 1 
ATOM   464  N ND2 . ASN A 1 60 ? 8.997   -0.962  1.710   1.00 42.66  ? 60  ASN A ND2 1 
ATOM   465  O OXT . ASN A 1 60 ? 5.600   -1.105  2.189   1.00 47.13  ? 60  ASN A OXT 1 
ATOM   466  N N   . LEU B 1 1  ? -16.265 11.043  -0.358  1.00 45.03  ? 1   LEU B N   1 
ATOM   467  C CA  . LEU B 1 1  ? -15.562 9.747   -0.173  1.00 44.55  ? 1   LEU B CA  1 
ATOM   468  C C   . LEU B 1 1  ? -14.104 9.887   -0.576  1.00 46.27  ? 1   LEU B C   1 
ATOM   469  O O   . LEU B 1 1  ? -13.783 9.950   -1.764  1.00 46.60  ? 1   LEU B O   1 
ATOM   470  C CB  . LEU B 1 1  ? -16.233 8.665   -1.017  1.00 52.23  ? 1   LEU B CB  1 
ATOM   471  C CG  . LEU B 1 1  ? -15.570 7.287   -1.073  1.00 48.98  ? 1   LEU B CG  1 
ATOM   472  C CD1 . LEU B 1 1  ? -15.462 6.687   0.315   1.00 46.25  ? 1   LEU B CD1 1 
ATOM   473  C CD2 . LEU B 1 1  ? -16.380 6.390   -1.980  1.00 46.84  ? 1   LEU B CD2 1 
ATOM   474  N N   . LYS B 1 2  ? -13.226 9.939   0.421   1.00 51.86  ? 2   LYS B N   1 
ATOM   475  C CA  . LYS B 1 2  ? -11.797 10.071  0.176   1.00 54.33  ? 2   LYS B CA  1 
ATOM   476  C C   . LYS B 1 2  ? -11.233 8.763   -0.358  1.00 52.65  ? 2   LYS B C   1 
ATOM   477  O O   . LYS B 1 2  ? -11.225 7.749   0.333   1.00 49.20  ? 2   LYS B O   1 
ATOM   478  C CB  . LYS B 1 2  ? -11.075 10.473  1.463   0.10 112.12 ? 2   LYS B CB  1 
ATOM   479  C CG  . LYS B 1 2  ? -11.448 11.856  1.969   0.10 120.11 ? 2   LYS B CG  1 
ATOM   480  C CD  . LYS B 1 2  ? -10.646 12.232  3.203   0.10 125.04 ? 2   LYS B CD  1 
ATOM   481  C CE  . LYS B 1 2  ? -10.975 13.642  3.664   0.10 128.01 ? 2   LYS B CE  1 
ATOM   482  N NZ  . LYS B 1 2  ? -10.679 14.653  2.611   0.10 132.24 ? 2   LYS B NZ  1 
ATOM   483  N N   . CYS B 1 3  ? -10.770 8.808   -1.603  1.00 77.82  ? 3   CYS B N   1 
ATOM   484  C CA  . CYS B 1 3  ? -10.207 7.649   -2.286  1.00 76.27  ? 3   CYS B CA  1 
ATOM   485  C C   . CYS B 1 3  ? -8.743  7.878   -2.669  1.00 74.04  ? 3   CYS B C   1 
ATOM   486  O O   . CYS B 1 3  ? -8.414  8.882   -3.302  1.00 74.28  ? 3   CYS B O   1 
ATOM   487  C CB  . CYS B 1 3  ? -11.010 7.356   -3.556  1.00 65.51  ? 3   CYS B CB  1 
ATOM   488  S SG  . CYS B 1 3  ? -12.614 6.504   -3.352  1.00 67.11  ? 3   CYS B SG  1 
ATOM   489  N N   . ASN B 1 4  ? -7.861  6.955   -2.292  1.00 66.90  ? 4   ASN B N   1 
ATOM   490  C CA  . ASN B 1 4  ? -6.453  7.098   -2.643  1.00 64.49  ? 4   ASN B CA  1 
ATOM   491  C C   . ASN B 1 4  ? -6.248  6.732   -4.111  1.00 63.61  ? 4   ASN B C   1 
ATOM   492  O O   . ASN B 1 4  ? -7.105  6.097   -4.720  1.00 64.53  ? 4   ASN B O   1 
ATOM   493  C CB  . ASN B 1 4  ? -5.572  6.217   -1.753  0.10 55.98  ? 4   ASN B CB  1 
ATOM   494  C CG  . ASN B 1 4  ? -5.387  6.796   -0.364  1.00 55.95  ? 4   ASN B CG  1 
ATOM   495  O OD1 . ASN B 1 4  ? -5.119  7.985   -0.212  1.00 57.48  ? 4   ASN B OD1 1 
ATOM   496  N ND2 . ASN B 1 4  ? -5.518  5.958   0.654   1.00 54.06  ? 4   ASN B ND2 1 
ATOM   497  N N   . LYS B 1 5  ? -5.115  7.131   -4.677  1.00 39.34  ? 5   LYS B N   1 
ATOM   498  C CA  . LYS B 1 5  ? -4.827  6.848   -6.075  1.00 37.93  ? 5   LYS B CA  1 
ATOM   499  C C   . LYS B 1 5  ? -3.716  5.816   -6.257  1.00 36.58  ? 5   LYS B C   1 
ATOM   500  O O   . LYS B 1 5  ? -3.134  5.323   -5.291  1.00 32.27  ? 5   LYS B O   1 
ATOM   501  C CB  . LYS B 1 5  ? -4.442  8.139   -6.800  1.00 58.01  ? 5   LYS B CB  1 
ATOM   502  C CG  . LYS B 1 5  ? -5.475  9.250   -6.685  1.00 63.63  ? 5   LYS B CG  1 
ATOM   503  C CD  . LYS B 1 5  ? -5.056  10.468  -7.487  0.10 67.61  ? 5   LYS B CD  1 
ATOM   504  C CE  . LYS B 1 5  ? -6.089  11.573  -7.384  0.10 68.10  ? 5   LYS B CE  1 
ATOM   505  N NZ  . LYS B 1 5  ? -5.719  12.756  -8.205  1.00 71.36  ? 5   LYS B NZ  1 
ATOM   506  N N   . LEU B 1 6  ? -3.422  5.503   -7.514  1.00 49.67  ? 6   LEU B N   1 
ATOM   507  C CA  . LEU B 1 6  ? -2.384  4.532   -7.833  1.00 49.90  ? 6   LEU B CA  1 
ATOM   508  C C   . LEU B 1 6  ? -1.137  4.888   -7.044  1.00 51.20  ? 6   LEU B C   1 
ATOM   509  O O   . LEU B 1 6  ? -0.296  4.038   -6.753  1.00 52.69  ? 6   LEU B O   1 
ATOM   510  C CB  . LEU B 1 6  ? -2.092  4.549   -9.340  1.00 39.44  ? 6   LEU B CB  1 
ATOM   511  C CG  . LEU B 1 6  ? -1.129  3.469   -9.840  1.00 38.25  ? 6   LEU B CG  1 
ATOM   512  C CD1 . LEU B 1 6  ? -1.567  2.102   -9.313  1.00 35.48  ? 6   LEU B CD1 1 
ATOM   513  C CD2 . LEU B 1 6  ? -1.085  3.479   -11.365 1.00 38.05  ? 6   LEU B CD2 1 
ATOM   514  N N   . VAL B 1 7  ? -1.042  6.166   -6.700  1.00 58.27  ? 7   VAL B N   1 
ATOM   515  C CA  . VAL B 1 7  ? 0.068   6.699   -5.930  1.00 58.75  ? 7   VAL B CA  1 
ATOM   516  C C   . VAL B 1 7  ? -0.533  7.285   -4.657  1.00 59.84  ? 7   VAL B C   1 
ATOM   517  O O   . VAL B 1 7  ? -1.045  8.401   -4.659  1.00 59.60  ? 7   VAL B O   1 
ATOM   518  C CB  . VAL B 1 7  ? 0.796   7.805   -6.714  1.00 90.35  ? 7   VAL B CB  1 
ATOM   519  C CG1 . VAL B 1 7  ? 2.034   8.263   -5.951  1.00 89.28  ? 7   VAL B CG1 1 
ATOM   520  C CG2 . VAL B 1 7  ? 1.170   7.293   -8.099  1.00 89.89  ? 7   VAL B CG2 1 
ATOM   521  N N   . PRO B 1 8  ? -0.486  6.520   -3.554  1.00 101.12 ? 8   PRO B N   1 
ATOM   522  C CA  . PRO B 1 8  ? -1.012  6.898   -2.239  1.00 102.40 ? 8   PRO B CA  1 
ATOM   523  C C   . PRO B 1 8  ? -0.878  8.369   -1.852  1.00 103.45 ? 8   PRO B C   1 
ATOM   524  O O   . PRO B 1 8  ? -1.802  8.944   -1.275  1.00 105.58 ? 8   PRO B O   1 
ATOM   525  C CB  . PRO B 1 8  ? -0.250  5.974   -1.297  1.00 78.10  ? 8   PRO B CB  1 
ATOM   526  C CG  . PRO B 1 8  ? -0.171  4.722   -2.099  1.00 76.97  ? 8   PRO B CG  1 
ATOM   527  C CD  . PRO B 1 8  ? 0.233   5.236   -3.468  1.00 76.95  ? 8   PRO B CD  1 
ATOM   528  N N   . LEU B 1 9  ? 0.262   8.976   -2.169  1.00 63.94  ? 9   LEU B N   1 
ATOM   529  C CA  . LEU B 1 9  ? 0.490   10.378  -1.833  1.00 63.26  ? 9   LEU B CA  1 
ATOM   530  C C   . LEU B 1 9  ? -0.634  11.254  -2.360  1.00 63.38  ? 9   LEU B C   1 
ATOM   531  O O   . LEU B 1 9  ? -0.808  12.387  -1.922  1.00 64.08  ? 9   LEU B O   1 
ATOM   532  C CB  . LEU B 1 9  ? 1.822   10.860  -2.410  1.00 59.29  ? 9   LEU B CB  1 
ATOM   533  C CG  . LEU B 1 9  ? 3.045   9.987   -2.133  1.00 59.65  ? 9   LEU B CG  1 
ATOM   534  C CD1 . LEU B 1 9  ? 4.304   10.759  -2.493  1.00 59.70  ? 9   LEU B CD1 1 
ATOM   535  C CD2 . LEU B 1 9  ? 3.073   9.579   -0.676  1.00 61.11  ? 9   LEU B CD2 1 
ATOM   536  N N   . PHE B 1 10 ? -1.398  10.723  -3.304  1.00 49.79  ? 10  PHE B N   1 
ATOM   537  C CA  . PHE B 1 10 ? -2.506  11.466  -3.879  1.00 51.56  ? 10  PHE B CA  1 
ATOM   538  C C   . PHE B 1 10 ? -3.814  10.760  -3.596  1.00 54.71  ? 10  PHE B C   1 
ATOM   539  O O   . PHE B 1 10 ? -3.836  9.555   -3.367  1.00 55.65  ? 10  PHE B O   1 
ATOM   540  C CB  . PHE B 1 10 ? -2.290  11.622  -5.376  1.00 69.39  ? 10  PHE B CB  1 
ATOM   541  C CG  . PHE B 1 10 ? -1.006  12.303  -5.707  1.00 68.73  ? 10  PHE B CG  1 
ATOM   542  C CD1 . PHE B 1 10 ? -0.835  13.651  -5.421  1.00 67.63  ? 10  PHE B CD1 1 
ATOM   543  C CD2 . PHE B 1 10 ? 0.063   11.584  -6.219  1.00 67.76  ? 10  PHE B CD2 1 
ATOM   544  C CE1 . PHE B 1 10 ? 0.384   14.271  -5.633  1.00 65.61  ? 10  PHE B CE1 1 
ATOM   545  C CE2 . PHE B 1 10 ? 1.287   12.196  -6.433  1.00 67.75  ? 10  PHE B CE2 1 
ATOM   546  C CZ  . PHE B 1 10 ? 1.450   13.542  -6.139  1.00 65.86  ? 10  PHE B CZ  1 
ATOM   547  N N   . TYR B 1 11 ? -4.899  11.525  -3.584  1.00 52.57  ? 11  TYR B N   1 
ATOM   548  C CA  . TYR B 1 11 ? -6.222  10.973  -3.333  1.00 56.37  ? 11  TYR B CA  1 
ATOM   549  C C   . TYR B 1 11 ? -7.283  11.905  -3.890  1.00 57.93  ? 11  TYR B C   1 
ATOM   550  O O   . TYR B 1 11 ? -7.239  13.113  -3.668  1.00 58.99  ? 11  TYR B O   1 
ATOM   551  C CB  . TYR B 1 11 ? -6.445  10.771  -1.830  0.10 117.56 ? 11  TYR B CB  1 
ATOM   552  C CG  . TYR B 1 11 ? -6.532  12.052  -1.030  0.10 120.07 ? 11  TYR B CG  1 
ATOM   553  C CD1 . TYR B 1 11 ? -5.443  12.918  -0.938  0.10 121.50 ? 11  TYR B CD1 1 
ATOM   554  C CD2 . TYR B 1 11 ? -7.710  12.402  -0.369  0.10 121.59 ? 11  TYR B CD2 1 
ATOM   555  C CE1 . TYR B 1 11 ? -5.525  14.101  -0.206  0.10 122.55 ? 11  TYR B CE1 1 
ATOM   556  C CE2 . TYR B 1 11 ? -7.801  13.582  0.363   0.10 123.72 ? 11  TYR B CE2 1 
ATOM   557  C CZ  . TYR B 1 11 ? -6.707  14.427  0.440   1.00 123.74 ? 11  TYR B CZ  1 
ATOM   558  O OH  . TYR B 1 11 ? -6.792  15.594  1.163   0.10 124.52 ? 11  TYR B OH  1 
ATOM   559  N N   . LYS B 1 12 ? -8.232  11.346  -4.630  1.00 96.47  ? 12  LYS B N   1 
ATOM   560  C CA  . LYS B 1 12 ? -9.299  12.148  -5.209  1.00 98.46  ? 12  LYS B CA  1 
ATOM   561  C C   . LYS B 1 12 ? -10.659 11.735  -4.662  1.00 100.49 ? 12  LYS B C   1 
ATOM   562  O O   . LYS B 1 12 ? -11.062 10.575  -4.776  1.00 100.36 ? 12  LYS B O   1 
ATOM   563  C CB  . LYS B 1 12 ? -9.294  12.032  -6.740  1.00 97.54  ? 12  LYS B CB  1 
ATOM   564  C CG  . LYS B 1 12 ? -9.461  10.624  -7.286  1.00 97.32  ? 12  LYS B CG  1 
ATOM   565  C CD  . LYS B 1 12 ? -9.460  10.635  -8.808  1.00 97.77  ? 12  LYS B CD  1 
ATOM   566  C CE  . LYS B 1 12 ? -9.547  9.227   -9.375  1.00 98.90  ? 12  LYS B CE  1 
ATOM   567  N NZ  . LYS B 1 12 ? -10.778 8.523   -8.923  1.00 98.51  ? 12  LYS B NZ  1 
ATOM   568  N N   . THR B 1 13 ? -11.356 12.694  -4.059  1.00 84.97  ? 13  THR B N   1 
ATOM   569  C CA  . THR B 1 13 ? -12.671 12.443  -3.495  1.00 85.37  ? 13  THR B CA  1 
ATOM   570  C C   . THR B 1 13 ? -13.534 11.744  -4.536  1.00 86.61  ? 13  THR B C   1 
ATOM   571  O O   . THR B 1 13 ? -14.010 12.371  -5.482  1.00 86.88  ? 13  THR B O   1 
ATOM   572  C CB  . THR B 1 13 ? -13.356 13.759  -3.075  1.00 79.63  ? 13  THR B CB  1 
ATOM   573  O OG1 . THR B 1 13 ? -12.556 14.420  -2.087  1.00 79.59  ? 13  THR B OG1 1 
ATOM   574  C CG2 . THR B 1 13 ? -14.737 13.482  -2.500  0.10 79.91  ? 13  THR B CG2 1 
ATOM   575  N N   . CYS B 1 14 ? -13.713 10.439  -4.363  1.00 89.61  ? 14  CYS B N   1 
ATOM   576  C CA  . CYS B 1 14 ? -14.518 9.651   -5.285  1.00 91.53  ? 14  CYS B CA  1 
ATOM   577  C C   . CYS B 1 14 ? -15.801 10.420  -5.621  1.00 93.29  ? 14  CYS B C   1 
ATOM   578  O O   . CYS B 1 14 ? -16.645 10.651  -4.757  1.00 93.55  ? 14  CYS B O   1 
ATOM   579  C CB  . CYS B 1 14 ? -14.841 8.284   -4.665  1.00 87.66  ? 14  CYS B CB  1 
ATOM   580  S SG  . CYS B 1 14 ? -13.658 6.938   -5.038  1.00 83.68  ? 14  CYS B SG  1 
ATOM   581  N N   . PRO B 1 15 ? -15.954 10.829  -6.891  1.00 83.99  ? 15  PRO B N   1 
ATOM   582  C CA  . PRO B 1 15 ? -17.115 11.581  -7.378  1.00 85.12  ? 15  PRO B CA  1 
ATOM   583  C C   . PRO B 1 15 ? -18.469 10.899  -7.219  0.10 85.98  ? 15  PRO B C   1 
ATOM   584  O O   . PRO B 1 15 ? -18.566 9.790   -6.692  0.10 88.93  ? 15  PRO B O   1 
ATOM   585  C CB  . PRO B 1 15 ? -16.765 11.838  -8.841  1.00 68.49  ? 15  PRO B CB  1 
ATOM   586  C CG  . PRO B 1 15 ? -15.969 10.637  -9.201  1.00 66.96  ? 15  PRO B CG  1 
ATOM   587  C CD  . PRO B 1 15 ? -15.056 10.494  -8.010  1.00 66.65  ? 15  PRO B CD  1 
ATOM   588  N N   . ALA B 1 16 ? -19.512 11.583  -7.683  0.10 116.71 ? 16  ALA B N   1 
ATOM   589  C CA  . ALA B 1 16 ? -20.875 11.076  -7.610  0.10 115.85 ? 16  ALA B CA  1 
ATOM   590  C C   . ALA B 1 16 ? -20.968 9.691   -8.234  1.00 114.96 ? 16  ALA B C   1 
ATOM   591  O O   . ALA B 1 16 ? -20.126 9.309   -9.045  1.00 116.51 ? 16  ALA B O   1 
ATOM   592  C CB  . ALA B 1 16 ? -21.826 12.032  -8.318  0.10 112.78 ? 16  ALA B CB  1 
ATOM   593  N N   . GLY B 1 17 ? -22.000 8.947   -7.855  1.00 120.02 ? 17  GLY B N   1 
ATOM   594  C CA  . GLY B 1 17 ? -22.172 7.608   -8.384  1.00 117.35 ? 17  GLY B CA  1 
ATOM   595  C C   . GLY B 1 17 ? -21.222 6.649   -7.699  1.00 115.83 ? 17  GLY B C   1 
ATOM   596  O O   . GLY B 1 17 ? -21.642 5.790   -6.924  1.00 115.08 ? 17  GLY B O   1 
ATOM   597  N N   . LYS B 1 18 ? -19.932 6.800   -7.984  1.00 88.71  ? 18  LYS B N   1 
ATOM   598  C CA  . LYS B 1 18 ? -18.914 5.947   -7.388  1.00 86.16  ? 18  LYS B CA  1 
ATOM   599  C C   . LYS B 1 18 ? -18.840 6.192   -5.885  1.00 84.05  ? 18  LYS B C   1 
ATOM   600  O O   . LYS B 1 18 ? -18.425 7.261   -5.442  1.00 83.91  ? 18  LYS B O   1 
ATOM   601  C CB  . LYS B 1 18 ? -17.549 6.225   -8.024  1.00 112.19 ? 18  LYS B CB  1 
ATOM   602  C CG  . LYS B 1 18 ? -17.502 5.990   -9.525  1.00 113.73 ? 18  LYS B CG  1 
ATOM   603  C CD  . LYS B 1 18 ? -17.889 4.561   -9.878  1.00 115.65 ? 18  LYS B CD  1 
ATOM   604  C CE  . LYS B 1 18 ? -17.869 4.330   -11.381 1.00 116.29 ? 18  LYS B CE  1 
ATOM   605  N NZ  . LYS B 1 18 ? -18.262 2.937   -11.738 1.00 117.68 ? 18  LYS B NZ  1 
ATOM   606  N N   . ASN B 1 19 ? -19.249 5.195   -5.107  1.00 56.61  ? 19  ASN B N   1 
ATOM   607  C CA  . ASN B 1 19 ? -19.234 5.298   -3.657  1.00 52.79  ? 19  ASN B CA  1 
ATOM   608  C C   . ASN B 1 19 ? -18.424 4.153   -3.059  1.00 50.41  ? 19  ASN B C   1 
ATOM   609  O O   . ASN B 1 19 ? -18.847 3.504   -2.103  1.00 49.51  ? 19  ASN B O   1 
ATOM   610  C CB  . ASN B 1 19 ? -20.666 5.275   -3.119  1.00 61.75  ? 19  ASN B CB  1 
ATOM   611  C CG  . ASN B 1 19 ? -21.593 6.205   -3.884  1.00 63.25  ? 19  ASN B CG  1 
ATOM   612  O OD1 . ASN B 1 19 ? -21.285 7.377   -4.091  1.00 63.26  ? 19  ASN B OD1 1 
ATOM   613  N ND2 . ASN B 1 19 ? -22.737 5.685   -4.301  1.00 61.22  ? 19  ASN B ND2 1 
ATOM   614  N N   . LEU B 1 20 ? -17.248 3.919   -3.634  1.00 72.85  ? 20  LEU B N   1 
ATOM   615  C CA  . LEU B 1 20 ? -16.347 2.863   -3.184  1.00 67.62  ? 20  LEU B CA  1 
ATOM   616  C C   . LEU B 1 20 ? -14.926 3.130   -3.673  1.00 64.75  ? 20  LEU B C   1 
ATOM   617  O O   . LEU B 1 20 ? -14.724 3.528   -4.818  1.00 64.74  ? 20  LEU B O   1 
ATOM   618  C CB  . LEU B 1 20 ? -16.802 1.505   -3.730  0.10 52.77  ? 20  LEU B CB  1 
ATOM   619  C CG  . LEU B 1 20 ? -18.155 0.935   -3.297  1.00 51.33  ? 20  LEU B CG  1 
ATOM   620  C CD1 . LEU B 1 20 ? -18.493 -0.283  -4.143  1.00 48.82  ? 20  LEU B CD1 1 
ATOM   621  C CD2 . LEU B 1 20 ? -18.111 0.575   -1.820  0.10 48.73  ? 20  LEU B CD2 1 
ATOM   622  N N   . CYS B 1 21 ? -13.945 2.922   -2.803  1.00 80.92  ? 21  CYS B N   1 
ATOM   623  C CA  . CYS B 1 21 ? -12.547 3.103   -3.184  0.10 77.30  ? 21  CYS B CA  1 
ATOM   624  C C   . CYS B 1 21 ? -11.984 1.695   -3.315  1.00 73.24  ? 21  CYS B C   1 
ATOM   625  O O   . CYS B 1 21 ? -12.207 0.860   -2.439  1.00 70.76  ? 21  CYS B O   1 
ATOM   626  C CB  . CYS B 1 21 ? -11.765 3.860   -2.105  1.00 53.46  ? 21  CYS B CB  1 
ATOM   627  S SG  . CYS B 1 21 ? -12.442 5.476   -1.613  1.00 54.06  ? 21  CYS B SG  1 
ATOM   628  N N   . TYR B 1 22 ? -11.263 1.417   -4.394  1.00 61.51  ? 22  TYR B N   1 
ATOM   629  C CA  . TYR B 1 22 ? -10.719 0.076   -4.572  1.00 58.11  ? 22  TYR B CA  1 
ATOM   630  C C   . TYR B 1 22 ? -9.217  0.028   -4.803  1.00 58.38  ? 22  TYR B C   1 
ATOM   631  O O   . TYR B 1 22 ? -8.570  1.032   -5.086  1.00 59.46  ? 22  TYR B O   1 
ATOM   632  C CB  . TYR B 1 22 ? -11.425 -0.629  -5.734  1.00 37.36  ? 22  TYR B CB  1 
ATOM   633  C CG  . TYR B 1 22 ? -10.929 -0.200  -7.088  1.00 32.07  ? 22  TYR B CG  1 
ATOM   634  C CD1 . TYR B 1 22 ? -9.984  -0.956  -7.775  1.00 32.45  ? 22  TYR B CD1 1 
ATOM   635  C CD2 . TYR B 1 22 ? -11.368 0.988   -7.668  1.00 30.64  ? 22  TYR B CD2 1 
ATOM   636  C CE1 . TYR B 1 22 ? -9.484  -0.544  -9.006  1.00 28.91  ? 22  TYR B CE1 1 
ATOM   637  C CE2 . TYR B 1 22 ? -10.874 1.409   -8.897  1.00 31.61  ? 22  TYR B CE2 1 
ATOM   638  C CZ  . TYR B 1 22 ? -9.933  0.636   -9.557  1.00 31.67  ? 22  TYR B CZ  1 
ATOM   639  O OH  . TYR B 1 22 ? -9.437  1.045   -10.764 1.00 36.02  ? 22  TYR B OH  1 
ATOM   640  N N   . LYS B 1 23 ? -8.683  -1.178  -4.680  1.00 58.67  ? 23  LYS B N   1 
ATOM   641  C CA  . LYS B 1 23 ? -7.272  -1.458  -4.880  1.00 56.86  ? 23  LYS B CA  1 
ATOM   642  C C   . LYS B 1 23 ? -7.241  -2.661  -5.812  1.00 56.33  ? 23  LYS B C   1 
ATOM   643  O O   . LYS B 1 23 ? -7.991  -3.615  -5.616  1.00 55.78  ? 23  LYS B O   1 
ATOM   644  C CB  . LYS B 1 23 ? -6.615  -1.833  -3.554  1.00 45.03  ? 23  LYS B CB  1 
ATOM   645  C CG  . LYS B 1 23 ? -5.118  -2.044  -3.633  1.00 47.23  ? 23  LYS B CG  1 
ATOM   646  C CD  . LYS B 1 23 ? -4.543  -2.593  -2.331  1.00 49.29  ? 23  LYS B CD  1 
ATOM   647  C CE  . LYS B 1 23 ? -4.991  -4.030  -2.091  1.00 52.07  ? 23  LYS B CE  1 
ATOM   648  N NZ  . LYS B 1 23 ? -4.242  -4.706  -0.991  1.00 52.54  ? 23  LYS B NZ  1 
ATOM   649  N N   . MET B 1 24 ? -6.400  -2.614  -6.836  1.00 40.60  ? 24  MET B N   1 
ATOM   650  C CA  . MET B 1 24 ? -6.297  -3.739  -7.749  1.00 40.41  ? 24  MET B CA  1 
ATOM   651  C C   . MET B 1 24 ? -4.864  -4.247  -7.754  1.00 43.80  ? 24  MET B C   1 
ATOM   652  O O   . MET B 1 24 ? -3.940  -3.541  -8.161  1.00 43.75  ? 24  MET B O   1 
ATOM   653  C CB  . MET B 1 24 ? -6.702  -3.339  -9.167  1.00 44.56  ? 24  MET B CB  1 
ATOM   654  C CG  . MET B 1 24 ? -6.798  -4.522  -10.115 1.00 42.70  ? 24  MET B CG  1 
ATOM   655  S SD  . MET B 1 24 ? -6.766  -4.024  -11.830 1.00 42.87  ? 24  MET B SD  1 
ATOM   656  C CE  . MET B 1 24 ? -6.487  -5.586  -12.643 1.00 40.04  ? 24  MET B CE  1 
ATOM   657  N N   . PHE B 1 25 ? -4.685  -5.481  -7.299  1.00 51.42  ? 25  PHE B N   1 
ATOM   658  C CA  . PHE B 1 25 ? -3.364  -6.080  -7.251  1.00 52.04  ? 25  PHE B CA  1 
ATOM   659  C C   . PHE B 1 25 ? -3.418  -7.478  -7.827  1.00 53.18  ? 25  PHE B C   1 
ATOM   660  O O   . PHE B 1 25 ? -4.490  -8.060  -7.960  1.00 51.08  ? 25  PHE B O   1 
ATOM   661  C CB  . PHE B 1 25 ? -2.863  -6.128  -5.809  1.00 51.93  ? 25  PHE B CB  1 
ATOM   662  C CG  . PHE B 1 25 ? -3.616  -7.089  -4.937  1.00 51.25  ? 25  PHE B CG  1 
ATOM   663  C CD1 . PHE B 1 25 ? -3.277  -8.436  -4.913  0.10 52.91  ? 25  PHE B CD1 1 
ATOM   664  C CD2 . PHE B 1 25 ? -4.660  -6.646  -4.136  0.10 51.88  ? 25  PHE B CD2 1 
ATOM   665  C CE1 . PHE B 1 25 ? -3.965  -9.326  -4.103  1.00 49.76  ? 25  PHE B CE1 1 
ATOM   666  C CE2 . PHE B 1 25 ? -5.354  -7.532  -3.323  1.00 51.13  ? 25  PHE B CE2 1 
ATOM   667  C CZ  . PHE B 1 25 ? -5.004  -8.874  -3.306  1.00 50.54  ? 25  PHE B CZ  1 
ATOM   668  N N   . MET B 1 26 ? -2.253  -8.011  -8.172  1.00 53.47  ? 26  MET B N   1 
ATOM   669  C CA  . MET B 1 26 ? -2.169  -9.349  -8.736  1.00 55.23  ? 26  MET B CA  1 
ATOM   670  C C   . MET B 1 26 ? -1.724  -10.282 -7.620  1.00 56.20  ? 26  MET B C   1 
ATOM   671  O O   . MET B 1 26 ? -0.571  -10.235 -7.200  1.00 54.54  ? 26  MET B O   1 
ATOM   672  C CB  . MET B 1 26 ? -1.164  -9.360  -9.891  1.00 68.57  ? 26  MET B CB  1 
ATOM   673  C CG  . MET B 1 26 ? -1.305  -10.534 -10.844 1.00 72.68  ? 26  MET B CG  1 
ATOM   674  S SD  . MET B 1 26 ? -0.598  -12.057 -10.213 1.00 78.02  ? 26  MET B SD  1 
ATOM   675  C CE  . MET B 1 26 ? 0.867   -12.184 -11.241 0.10 72.27  ? 26  MET B CE  1 
ATOM   676  N N   . VAL B 1 27 ? -2.653  -11.108 -7.139  1.00 75.19  ? 27  VAL B N   1 
ATOM   677  C CA  . VAL B 1 27 ? -2.405  -12.059 -6.052  1.00 76.38  ? 27  VAL B CA  1 
ATOM   678  C C   . VAL B 1 27 ? -0.933  -12.396 -5.827  1.00 76.23  ? 27  VAL B C   1 
ATOM   679  O O   . VAL B 1 27 ? -0.476  -12.453 -4.686  1.00 76.41  ? 27  VAL B O   1 
ATOM   680  C CB  . VAL B 1 27 ? -3.187  -13.376 -6.274  1.00 46.72  ? 27  VAL B CB  1 
ATOM   681  C CG1 . VAL B 1 27 ? -2.772  -14.017 -7.584  1.00 46.08  ? 27  VAL B CG1 1 
ATOM   682  C CG2 . VAL B 1 27 ? -2.947  -14.326 -5.112  0.10 48.21  ? 27  VAL B CG2 1 
ATOM   683  N N   . ALA B 1 28 ? -0.201  -12.612 -6.916  1.00 78.44  ? 28  ALA B N   1 
ATOM   684  C CA  . ALA B 1 28 ? 1.221   -12.936 -6.851  1.00 80.40  ? 28  ALA B CA  1 
ATOM   685  C C   . ALA B 1 28 ? 2.029   -11.801 -6.228  1.00 83.39  ? 28  ALA B C   1 
ATOM   686  O O   . ALA B 1 28 ? 3.195   -11.979 -5.876  1.00 85.32  ? 28  ALA B O   1 
ATOM   687  C CB  . ALA B 1 28 ? 1.747   -13.236 -8.249  1.00 39.03  ? 28  ALA B CB  1 
ATOM   688  N N   . THR B 1 29 ? 1.404   -10.634 -6.103  1.00 78.20  ? 29  THR B N   1 
ATOM   689  C CA  . THR B 1 29 ? 2.043   -9.453  -5.534  1.00 76.93  ? 29  THR B CA  1 
ATOM   690  C C   . THR B 1 29 ? 0.980   -8.581  -4.862  1.00 77.02  ? 29  THR B C   1 
ATOM   691  O O   . THR B 1 29 ? 0.605   -7.527  -5.372  1.00 76.98  ? 29  THR B O   1 
ATOM   692  C CB  . THR B 1 29 ? 2.749   -8.623  -6.629  1.00 64.04  ? 29  THR B CB  1 
ATOM   693  O OG1 . THR B 1 29 ? 1.775   -8.094  -7.536  1.00 64.03  ? 29  THR B OG1 1 
ATOM   694  C CG2 . THR B 1 29 ? 3.736   -9.488  -7.401  1.00 64.63  ? 29  THR B CG2 1 
ATOM   695  N N   . PRO B 1 30 ? 0.484   -9.015  -3.699  1.00 63.32  ? 30  PRO B N   1 
ATOM   696  C CA  . PRO B 1 30 ? -0.542  -8.281  -2.956  1.00 62.19  ? 30  PRO B CA  1 
ATOM   697  C C   . PRO B 1 30 ? -0.194  -6.854  -2.531  1.00 61.60  ? 30  PRO B C   1 
ATOM   698  O O   . PRO B 1 30 ? -1.087  -6.020  -2.366  1.00 59.19  ? 30  PRO B O   1 
ATOM   699  C CB  . PRO B 1 30 ? -0.813  -9.196  -1.762  1.00 68.64  ? 30  PRO B CB  1 
ATOM   700  C CG  . PRO B 1 30 ? 0.502   -9.869  -1.551  1.00 70.03  ? 30  PRO B CG  1 
ATOM   701  C CD  . PRO B 1 30 ? 0.905   -10.215 -2.958  1.00 69.89  ? 30  PRO B CD  1 
ATOM   702  N N   . LYS B 1 31 ? 1.095   -6.571  -2.359  1.00 71.48  ? 31  LYS B N   1 
ATOM   703  C CA  . LYS B 1 31 ? 1.525   -5.242  -1.934  1.00 69.43  ? 31  LYS B CA  1 
ATOM   704  C C   . LYS B 1 31 ? 1.822   -4.261  -3.064  1.00 65.69  ? 31  LYS B C   1 
ATOM   705  O O   . LYS B 1 31 ? 1.990   -3.067  -2.823  1.00 66.51  ? 31  LYS B O   1 
ATOM   706  C CB  . LYS B 1 31 ? 2.749   -5.350  -1.020  0.10 70.53  ? 31  LYS B CB  1 
ATOM   707  C CG  . LYS B 1 31 ? 3.321   -4.000  -0.609  0.10 73.84  ? 31  LYS B CG  1 
ATOM   708  C CD  . LYS B 1 31 ? 2.235   -3.093  -0.044  0.10 76.35  ? 31  LYS B CD  1 
ATOM   709  C CE  . LYS B 1 31 ? 2.720   -1.670  0.170   0.10 77.30  ? 31  LYS B CE  1 
ATOM   710  N NZ  . LYS B 1 31 ? 1.644   -0.807  0.729   0.10 76.81  ? 31  LYS B NZ  1 
ATOM   711  N N   . VAL B 1 32 ? 1.883   -4.757  -4.291  1.00 41.46  ? 32  VAL B N   1 
ATOM   712  C CA  . VAL B 1 32 ? 2.162   -3.908  -5.444  1.00 37.61  ? 32  VAL B CA  1 
ATOM   713  C C   . VAL B 1 32 ? 0.879   -3.615  -6.218  1.00 34.69  ? 32  VAL B C   1 
ATOM   714  O O   . VAL B 1 32 ? 0.746   -4.002  -7.369  1.00 31.40  ? 32  VAL B O   1 
ATOM   715  C CB  . VAL B 1 32 ? 3.173   -4.597  -6.398  1.00 45.07  ? 32  VAL B CB  1 
ATOM   716  C CG1 . VAL B 1 32 ? 3.523   -3.678  -7.563  1.00 44.11  ? 32  VAL B CG1 1 
ATOM   717  C CG2 . VAL B 1 32 ? 4.420   -4.990  -5.629  1.00 45.42  ? 32  VAL B CG2 1 
ATOM   718  N N   . PRO B 1 33 ? -0.077  -2.910  -5.600  1.00 43.69  ? 33  PRO B N   1 
ATOM   719  C CA  . PRO B 1 33 ? -1.318  -2.622  -6.325  1.00 42.70  ? 33  PRO B CA  1 
ATOM   720  C C   . PRO B 1 33 ? -1.038  -2.045  -7.707  1.00 39.63  ? 33  PRO B C   1 
ATOM   721  O O   . PRO B 1 33 ? -0.076  -1.306  -7.891  1.00 38.26  ? 33  PRO B O   1 
ATOM   722  C CB  . PRO B 1 33 ? -2.027  -1.636  -5.400  1.00 49.56  ? 33  PRO B CB  1 
ATOM   723  C CG  . PRO B 1 33 ? -0.885  -0.924  -4.742  1.00 48.98  ? 33  PRO B CG  1 
ATOM   724  C CD  . PRO B 1 33 ? 0.035   -2.059  -4.405  1.00 47.82  ? 33  PRO B CD  1 
ATOM   725  N N   . VAL B 1 34 ? -1.878  -2.394  -8.675  1.00 40.10  ? 34  VAL B N   1 
ATOM   726  C CA  . VAL B 1 34 ? -1.705  -1.923  -10.045 1.00 36.47  ? 34  VAL B CA  1 
ATOM   727  C C   . VAL B 1 34 ? -2.773  -0.917  -10.449 1.00 36.44  ? 34  VAL B C   1 
ATOM   728  O O   . VAL B 1 34 ? -2.698  -0.293  -11.507 1.00 33.77  ? 34  VAL B O   1 
ATOM   729  C CB  . VAL B 1 34 ? -1.740  -3.094  -11.040 1.00 52.66  ? 34  VAL B CB  1 
ATOM   730  C CG1 . VAL B 1 34 ? -0.594  -4.042  -10.752 1.00 48.23  ? 34  VAL B CG1 1 
ATOM   731  C CG2 . VAL B 1 34 ? -3.077  -3.815  -10.946 1.00 49.84  ? 34  VAL B CG2 1 
ATOM   732  N N   . LYS B 1 35 ? -3.778  -0.763  -9.605  1.00 30.39  ? 35  LYS B N   1 
ATOM   733  C CA  . LYS B 1 35 ? -4.825  0.182   -9.900  1.00 34.40  ? 35  LYS B CA  1 
ATOM   734  C C   . LYS B 1 35 ? -5.514  0.568   -8.607  1.00 36.03  ? 35  LYS B C   1 
ATOM   735  O O   . LYS B 1 35 ? -5.563  -0.217  -7.662  1.00 33.87  ? 35  LYS B O   1 
ATOM   736  C CB  . LYS B 1 35 ? -5.814  -0.429  -10.894 1.00 53.36  ? 35  LYS B CB  1 
ATOM   737  C CG  . LYS B 1 35 ? -6.612  0.611   -11.670 1.00 54.71  ? 35  LYS B CG  1 
ATOM   738  C CD  . LYS B 1 35 ? -7.349  0.016   -12.864 1.00 54.61  ? 35  LYS B CD  1 
ATOM   739  C CE  . LYS B 1 35 ? -6.388  -0.448  -13.958 1.00 55.57  ? 35  LYS B CE  1 
ATOM   740  N NZ  . LYS B 1 35 ? -7.104  -0.861  -15.215 1.00 56.67  ? 35  LYS B NZ  1 
ATOM   741  N N   . ARG B 1 36 ? -6.009  1.800   -8.571  1.00 49.58  ? 36  ARG B N   1 
ATOM   742  C CA  . ARG B 1 36 ? -6.723  2.356   -7.423  1.00 55.19  ? 36  ARG B CA  1 
ATOM   743  C C   . ARG B 1 36 ? -7.598  3.484   -7.963  1.00 59.25  ? 36  ARG B C   1 
ATOM   744  O O   . ARG B 1 36 ? -7.175  4.214   -8.861  1.00 61.29  ? 36  ARG B O   1 
ATOM   745  C CB  . ARG B 1 36 ? -5.752  2.948   -6.391  1.00 49.73  ? 36  ARG B CB  1 
ATOM   746  C CG  . ARG B 1 36 ? -5.098  1.974   -5.420  1.00 49.17  ? 36  ARG B CG  1 
ATOM   747  C CD  . ARG B 1 36 ? -4.666  2.730   -4.156  1.00 47.27  ? 36  ARG B CD  1 
ATOM   748  N NE  . ARG B 1 36 ? -3.846  1.949   -3.231  1.00 49.17  ? 36  ARG B NE  1 
ATOM   749  C CZ  . ARG B 1 36 ? -2.591  1.579   -3.472  1.00 53.53  ? 36  ARG B CZ  1 
ATOM   750  N NH1 . ARG B 1 36 ? -1.920  0.872   -2.574  1.00 53.56  ? 36  ARG B NH1 1 
ATOM   751  N NH2 . ARG B 1 36 ? -2.004  1.913   -4.614  1.00 53.98  ? 36  ARG B NH2 1 
ATOM   752  N N   . GLY B 1 37 ? -8.807  3.630   -7.431  1.00 45.58  ? 37  GLY B N   1 
ATOM   753  C CA  . GLY B 1 37 ? -9.677  4.696   -7.907  1.00 51.08  ? 37  GLY B CA  1 
ATOM   754  C C   . GLY B 1 37 ? -11.094 4.714   -7.362  1.00 53.93  ? 37  GLY B C   1 
ATOM   755  O O   . GLY B 1 37 ? -11.310 4.599   -6.156  1.00 52.84  ? 37  GLY B O   1 
ATOM   756  N N   . CYS B 1 38 ? -12.059 4.869   -8.264  1.00 58.65  ? 38  CYS B N   1 
ATOM   757  C CA  . CYS B 1 38 ? -13.474 4.909   -7.905  1.00 63.33  ? 38  CYS B CA  1 
ATOM   758  C C   . CYS B 1 38 ? -14.283 4.034   -8.845  1.00 64.69  ? 38  CYS B C   1 
ATOM   759  O O   . CYS B 1 38 ? -14.353 4.293   -10.044 1.00 64.03  ? 38  CYS B O   1 
ATOM   760  C CB  . CYS B 1 38 ? -13.976 6.348   -7.958  1.00 83.33  ? 38  CYS B CB  1 
ATOM   761  S SG  . CYS B 1 38 ? -12.953 7.390   -6.883  1.00 88.99  ? 38  CYS B SG  1 
ATOM   762  N N   . ILE B 1 39 ? -14.894 2.993   -8.290  1.00 98.58  ? 39  ILE B N   1 
ATOM   763  C CA  . ILE B 1 39 ? -15.684 2.069   -9.088  1.00 104.26 ? 39  ILE B CA  1 
ATOM   764  C C   . ILE B 1 39 ? -17.055 1.810   -8.466  0.10 104.29 ? 39  ILE B C   1 
ATOM   765  O O   . ILE B 1 39 ? -17.194 1.762   -7.244  0.10 105.77 ? 39  ILE B O   1 
ATOM   766  C CB  . ILE B 1 39 ? -14.938 0.727   -9.255  1.00 137.26 ? 39  ILE B CB  1 
ATOM   767  C CG1 . ILE B 1 39 ? -15.725 -0.200  -10.182 1.00 140.58 ? 39  ILE B CG1 1 
ATOM   768  C CG2 . ILE B 1 39 ? -14.723 0.079   -7.894  1.00 138.96 ? 39  ILE B CG2 1 
ATOM   769  C CD1 . ILE B 1 39 ? -15.674 0.176   -11.660 1.00 88.90  ? 39  ILE B CD1 1 
ATOM   770  N N   . ASP B 1 40 ? -18.062 1.649   -9.319  0.10 81.12  ? 40  ASP B N   1 
ATOM   771  C CA  . ASP B 1 40 ? -19.425 1.391   -8.870  1.00 81.60  ? 40  ASP B CA  1 
ATOM   772  C C   . ASP B 1 40 ? -19.501 0.086   -8.084  1.00 79.14  ? 40  ASP B C   1 
ATOM   773  O O   . ASP B 1 40 ? -19.325 0.079   -6.866  1.00 77.96  ? 40  ASP B O   1 
ATOM   774  C CB  . ASP B 1 40 ? -20.375 1.349   -10.074 1.00 107.92 ? 40  ASP B CB  1 
ATOM   775  C CG  . ASP B 1 40 ? -19.872 0.449   -11.191 1.00 110.67 ? 40  ASP B CG  1 
ATOM   776  O OD1 . ASP B 1 40 ? -20.529 0.400   -12.251 1.00 113.79 ? 40  ASP B OD1 1 
ATOM   777  O OD2 . ASP B 1 40 ? -18.826 -0.209  -11.015 1.00 113.62 ? 40  ASP B OD2 1 
ATOM   778  N N   . VAL B 1 41 ? -19.770 -1.012  -8.780  1.00 108.22 ? 41  VAL B N   1 
ATOM   779  C CA  . VAL B 1 41 ? -19.839 -2.319  -8.141  1.00 107.46 ? 41  VAL B CA  1 
ATOM   780  C C   . VAL B 1 41 ? -18.451 -2.945  -8.232  1.00 105.83 ? 41  VAL B C   1 
ATOM   781  O O   . VAL B 1 41 ? -17.897 -3.087  -9.322  1.00 106.68 ? 41  VAL B O   1 
ATOM   782  C CB  . VAL B 1 41 ? -20.872 -3.235  -8.841  0.10 107.81 ? 41  VAL B CB  1 
ATOM   783  C CG1 . VAL B 1 41 ? -20.545 -3.361  -10.320 0.10 108.70 ? 41  VAL B CG1 1 
ATOM   784  C CG2 . VAL B 1 41 ? -20.885 -4.603  -8.177  0.10 109.99 ? 41  VAL B CG2 1 
ATOM   785  N N   . CYS B 1 42 ? -17.887 -3.304  -7.084  1.00 80.77  ? 42  CYS B N   1 
ATOM   786  C CA  . CYS B 1 42 ? -16.555 -3.897  -7.037  1.00 78.33  ? 42  CYS B CA  1 
ATOM   787  C C   . CYS B 1 42 ? -16.424 -5.069  -8.006  1.00 77.86  ? 42  CYS B C   1 
ATOM   788  O O   . CYS B 1 42 ? -17.020 -6.127  -7.805  1.00 76.83  ? 42  CYS B O   1 
ATOM   789  C CB  . CYS B 1 42 ? -16.246 -4.373  -5.621  1.00 81.44  ? 42  CYS B CB  1 
ATOM   790  S SG  . CYS B 1 42 ? -14.470 -4.435  -5.224  1.00 81.35  ? 42  CYS B SG  1 
ATOM   791  N N   . PRO B 1 43 ? -15.633 -4.894  -9.076  1.00 96.67  ? 43  PRO B N   1 
ATOM   792  C CA  . PRO B 1 43 ? -15.433 -5.950  -10.071 1.00 96.25  ? 43  PRO B CA  1 
ATOM   793  C C   . PRO B 1 43 ? -15.091 -7.300  -9.444  1.00 96.88  ? 43  PRO B C   1 
ATOM   794  O O   . PRO B 1 43 ? -14.336 -7.377  -8.478  1.00 96.33  ? 43  PRO B O   1 
ATOM   795  C CB  . PRO B 1 43 ? -14.293 -5.402  -10.921 1.00 79.70  ? 43  PRO B CB  1 
ATOM   796  C CG  . PRO B 1 43 ? -14.547 -3.934  -10.890 1.00 79.78  ? 43  PRO B CG  1 
ATOM   797  C CD  . PRO B 1 43 ? -14.858 -3.692  -9.430  1.00 79.51  ? 43  PRO B CD  1 
ATOM   798  N N   . LYS B 1 44 ? -15.660 -8.359  -10.005 0.10 64.78  ? 44  LYS B N   1 
ATOM   799  C CA  . LYS B 1 44 ? -15.421 -9.715  -9.528  1.00 65.71  ? 44  LYS B CA  1 
ATOM   800  C C   . LYS B 1 44 ? -14.097 -10.211 -10.092 1.00 62.71  ? 44  LYS B C   1 
ATOM   801  O O   . LYS B 1 44 ? -13.920 -10.266 -11.308 1.00 61.94  ? 44  LYS B O   1 
ATOM   802  C CB  . LYS B 1 44 ? -16.567 -10.614 -9.986  0.10 124.87 ? 44  LYS B CB  1 
ATOM   803  C CG  . LYS B 1 44 ? -16.973 -10.358 -11.428 0.10 131.48 ? 44  LYS B CG  1 
ATOM   804  C CD  . LYS B 1 44 ? -18.471 -10.488 -11.618 0.10 136.99 ? 44  LYS B CD  1 
ATOM   805  C CE  . LYS B 1 44 ? -18.903 -9.883  -12.943 0.10 139.34 ? 44  LYS B CE  1 
ATOM   806  N NZ  . LYS B 1 44 ? -18.557 -8.437  -13.033 0.10 143.16 ? 44  LYS B NZ  1 
ATOM   807  N N   . SER B 1 45 ? -13.174 -10.574 -9.204  1.00 60.92  ? 45  SER B N   1 
ATOM   808  C CA  . SER B 1 45 ? -11.846 -11.043 -9.598  1.00 58.80  ? 45  SER B CA  1 
ATOM   809  C C   . SER B 1 45 ? -11.775 -12.510 -10.025 1.00 57.14  ? 45  SER B C   1 
ATOM   810  O O   . SER B 1 45 ? -12.782 -13.112 -10.389 1.00 57.18  ? 45  SER B O   1 
ATOM   811  C CB  . SER B 1 45 ? -10.859 -10.802 -8.456  0.10 74.17  ? 45  SER B CB  1 
ATOM   812  O OG  . SER B 1 45 ? -10.816 -9.431  -8.108  0.10 72.60  ? 45  SER B OG  1 
ATOM   813  N N   . SER B 1 46 ? -10.567 -13.067 -9.977  1.00 60.20  ? 46  SER B N   1 
ATOM   814  C CA  . SER B 1 46 ? -10.317 -14.452 -10.359 1.00 57.03  ? 46  SER B CA  1 
ATOM   815  C C   . SER B 1 46 ? -9.173  -15.034 -9.528  1.00 54.64  ? 46  SER B C   1 
ATOM   816  O O   . SER B 1 46 ? -8.870  -14.540 -8.447  1.00 55.78  ? 46  SER B O   1 
ATOM   817  C CB  . SER B 1 46 ? -9.959  -14.537 -11.844 1.00 69.42  ? 46  SER B CB  1 
ATOM   818  O OG  . SER B 1 46 ? -8.681  -13.978 -12.095 1.00 73.67  ? 46  SER B OG  1 
ATOM   819  N N   . LEU B 1 47 ? -8.532  -16.082 -10.040 1.00 60.01  ? 47  LEU B N   1 
ATOM   820  C CA  . LEU B 1 47 ? -7.435  -16.721 -9.316  1.00 58.35  ? 47  LEU B CA  1 
ATOM   821  C C   . LEU B 1 47 ? -6.165  -15.896 -9.310  1.00 56.24  ? 47  LEU B C   1 
ATOM   822  O O   . LEU B 1 47 ? -5.430  -15.894 -8.329  1.00 55.25  ? 47  LEU B O   1 
ATOM   823  C CB  . LEU B 1 47 ? -7.116  -18.097 -9.909  1.00 51.29  ? 47  LEU B CB  1 
ATOM   824  C CG  . LEU B 1 47 ? -5.915  -18.816 -9.271  1.00 51.74  ? 47  LEU B CG  1 
ATOM   825  C CD1 . LEU B 1 47 ? -6.262  -19.226 -7.853  1.00 49.71  ? 47  LEU B CD1 1 
ATOM   826  C CD2 . LEU B 1 47 ? -5.538  -20.040 -10.080 1.00 51.92  ? 47  LEU B CD2 1 
ATOM   827  N N   . LEU B 1 48 ? -5.900  -15.201 -10.408 1.00 56.32  ? 48  LEU B N   1 
ATOM   828  C CA  . LEU B 1 48 ? -4.689  -14.402 -10.495 1.00 56.01  ? 48  LEU B CA  1 
ATOM   829  C C   . LEU B 1 48 ? -4.884  -12.916 -10.247 1.00 55.26  ? 48  LEU B C   1 
ATOM   830  O O   . LEU B 1 48 ? -3.959  -12.229 -9.821  1.00 55.88  ? 48  LEU B O   1 
ATOM   831  C CB  . LEU B 1 48 ? -4.024  -14.608 -11.855 1.00 52.67  ? 48  LEU B CB  1 
ATOM   832  C CG  . LEU B 1 48 ? -3.533  -16.028 -12.122 1.00 53.19  ? 48  LEU B CG  1 
ATOM   833  C CD1 . LEU B 1 48 ? -2.697  -16.023 -13.390 1.00 52.51  ? 48  LEU B CD1 1 
ATOM   834  C CD2 . LEU B 1 48 ? -2.711  -16.534 -10.937 1.00 52.78  ? 48  LEU B CD2 1 
ATOM   835  N N   . VAL B 1 49 ? -6.082  -12.422 -10.521 1.00 50.23  ? 49  VAL B N   1 
ATOM   836  C CA  . VAL B 1 49 ? -6.378  -11.015 -10.320 1.00 51.70  ? 49  VAL B CA  1 
ATOM   837  C C   . VAL B 1 49 ? -7.259  -10.870 -9.093  1.00 54.10  ? 49  VAL B C   1 
ATOM   838  O O   . VAL B 1 49 ? -8.072  -11.749 -8.802  1.00 54.69  ? 49  VAL B O   1 
ATOM   839  C CB  . VAL B 1 49 ? -7.104  -10.424 -11.543 1.00 29.44  ? 49  VAL B CB  1 
ATOM   840  C CG1 . VAL B 1 49 ? -7.492  -8.988  -11.282 1.00 29.33  ? 49  VAL B CG1 1 
ATOM   841  C CG2 . VAL B 1 49 ? -6.216  -10.503 -12.755 1.00 25.88  ? 49  VAL B CG2 1 
ATOM   842  N N   . LYS B 1 50 ? -7.087  -9.764  -8.372  1.00 70.37  ? 50  LYS B N   1 
ATOM   843  C CA  . LYS B 1 50 ? -7.872  -9.499  -7.172  1.00 72.56  ? 50  LYS B CA  1 
ATOM   844  C C   . LYS B 1 50 ? -8.271  -8.034  -7.040  1.00 72.79  ? 50  LYS B C   1 
ATOM   845  O O   . LYS B 1 50 ? -7.478  -7.130  -7.300  1.00 73.07  ? 50  LYS B O   1 
ATOM   846  C CB  . LYS B 1 50 ? -7.098  -9.922  -5.923  1.00 70.36  ? 50  LYS B CB  1 
ATOM   847  C CG  . LYS B 1 50 ? -6.844  -11.418 -5.812  1.00 72.32  ? 50  LYS B CG  1 
ATOM   848  C CD  . LYS B 1 50 ? -8.144  -12.205 -5.770  1.00 73.27  ? 50  LYS B CD  1 
ATOM   849  C CE  . LYS B 1 50 ? -7.875  -13.693 -5.649  1.00 73.50  ? 50  LYS B CE  1 
ATOM   850  N NZ  . LYS B 1 50 ? -9.123  -14.492 -5.751  1.00 73.20  ? 50  LYS B NZ  1 
ATOM   851  N N   . TYR B 1 51 ? -9.513  -7.815  -6.622  1.00 59.73  ? 51  TYR B N   1 
ATOM   852  C CA  . TYR B 1 51 ? -10.064 -6.480  -6.431  1.00 60.05  ? 51  TYR B CA  1 
ATOM   853  C C   . TYR B 1 51 ? -10.530 -6.339  -4.988  1.00 61.74  ? 51  TYR B C   1 
ATOM   854  O O   . TYR B 1 51 ? -11.167 -7.240  -4.447  1.00 63.49  ? 51  TYR B O   1 
ATOM   855  C CB  . TYR B 1 51 ? -11.254 -6.262  -7.363  1.00 53.30  ? 51  TYR B CB  1 
ATOM   856  C CG  . TYR B 1 51 ? -10.903 -5.976  -8.807  1.00 51.48  ? 51  TYR B CG  1 
ATOM   857  C CD1 . TYR B 1 51 ? -10.422 -4.725  -9.193  1.00 49.85  ? 51  TYR B CD1 1 
ATOM   858  C CD2 . TYR B 1 51 ? -11.103 -6.936  -9.795  1.00 48.00  ? 51  TYR B CD2 1 
ATOM   859  C CE1 . TYR B 1 51 ? -10.158 -4.438  -10.531 1.00 48.28  ? 51  TYR B CE1 1 
ATOM   860  C CE2 . TYR B 1 51 ? -10.840 -6.661  -11.129 1.00 47.85  ? 51  TYR B CE2 1 
ATOM   861  C CZ  . TYR B 1 51 ? -10.369 -5.411  -11.496 1.00 48.25  ? 51  TYR B CZ  1 
ATOM   862  O OH  . TYR B 1 51 ? -10.108 -5.141  -12.829 1.00 45.19  ? 51  TYR B OH  1 
ATOM   863  N N   . VAL B 1 52 ? -10.208 -5.211  -4.364  1.00 64.41  ? 52  VAL B N   1 
ATOM   864  C CA  . VAL B 1 52 ? -10.610 -4.971  -2.983  1.00 63.95  ? 52  VAL B CA  1 
ATOM   865  C C   . VAL B 1 52 ? -11.249 -3.599  -2.861  1.00 65.32  ? 52  VAL B C   1 
ATOM   866  O O   . VAL B 1 52 ? -10.669 -2.594  -3.270  1.00 64.35  ? 52  VAL B O   1 
ATOM   867  C CB  . VAL B 1 52 ? -9.407  -5.052  -2.026  1.00 62.98  ? 52  VAL B CB  1 
ATOM   868  C CG1 . VAL B 1 52 ? -9.877  -4.883  -0.586  1.00 61.54  ? 52  VAL B CG1 1 
ATOM   869  C CG2 . VAL B 1 52 ? -8.705  -6.387  -2.196  1.00 64.42  ? 52  VAL B CG2 1 
ATOM   870  N N   . CYS B 1 53 ? -12.451 -3.565  -2.298  1.00 82.03  ? 53  CYS B N   1 
ATOM   871  C CA  . CYS B 1 53 ? -13.177 -2.314  -2.137  1.00 84.99  ? 53  CYS B CA  1 
ATOM   872  C C   . CYS B 1 53 ? -13.597 -2.038  -0.694  1.00 85.01  ? 53  CYS B C   1 
ATOM   873  O O   . CYS B 1 53 ? -13.608 -2.936  0.148   1.00 85.70  ? 53  CYS B O   1 
ATOM   874  C CB  . CYS B 1 53 ? -14.412 -2.318  -3.036  1.00 87.27  ? 53  CYS B CB  1 
ATOM   875  S SG  . CYS B 1 53 ? -14.047 -2.492  -4.813  1.00 92.55  ? 53  CYS B SG  1 
ATOM   876  N N   . CYS B 1 54 ? -13.936 -0.780  -0.430  1.00 52.89  ? 54  CYS B N   1 
ATOM   877  C CA  . CYS B 1 54 ? -14.375 -0.322  0.886   1.00 54.34  ? 54  CYS B CA  1 
ATOM   878  C C   . CYS B 1 54 ? -14.946 1.068   0.662   1.00 55.48  ? 54  CYS B C   1 
ATOM   879  O O   . CYS B 1 54 ? -14.684 1.677   -0.381  1.00 54.17  ? 54  CYS B O   1 
ATOM   880  C CB  . CYS B 1 54 ? -13.193 -0.270  1.855   1.00 74.31  ? 54  CYS B CB  1 
ATOM   881  S SG  . CYS B 1 54 ? -11.696 0.484   1.150   1.00 76.73  ? 54  CYS B SG  1 
ATOM   882  N N   . ASN B 1 55 ? -15.727 1.565   1.619   0.10 69.45  ? 55  ASN B N   1 
ATOM   883  C CA  . ASN B 1 55 ? -16.347 2.883   1.494   0.10 70.37  ? 55  ASN B CA  1 
ATOM   884  C C   . ASN B 1 55 ? -16.053 3.817   2.662   1.00 72.03  ? 55  ASN B C   1 
ATOM   885  O O   . ASN B 1 55 ? -16.863 4.688   2.985   1.00 71.41  ? 55  ASN B O   1 
ATOM   886  C CB  . ASN B 1 55 ? -17.863 2.737   1.353   1.00 71.84  ? 55  ASN B CB  1 
ATOM   887  C CG  . ASN B 1 55 ? -18.511 2.146   2.593   1.00 70.77  ? 55  ASN B CG  1 
ATOM   888  O OD1 . ASN B 1 55 ? -19.734 2.041   2.674   0.10 71.26  ? 55  ASN B OD1 1 
ATOM   889  N ND2 . ASN B 1 55 ? -17.694 1.752   3.563   0.10 68.54  ? 55  ASN B ND2 1 
ATOM   890  N N   . THR B 1 56 ? -14.899 3.639   3.293   1.00 65.83  ? 56  THR B N   1 
ATOM   891  C CA  . THR B 1 56 ? -14.508 4.469   4.426   1.00 68.21  ? 56  THR B CA  1 
ATOM   892  C C   . THR B 1 56 ? -13.628 5.615   3.934   1.00 70.89  ? 56  THR B C   1 
ATOM   893  O O   . THR B 1 56 ? -13.277 5.672   2.760   1.00 71.28  ? 56  THR B O   1 
ATOM   894  C CB  . THR B 1 56 ? -13.723 3.642   5.465   1.00 134.88 ? 56  THR B CB  1 
ATOM   895  O OG1 . THR B 1 56 ? -14.416 2.412   5.717   1.00 136.66 ? 56  THR B OG1 1 
ATOM   896  C CG2 . THR B 1 56 ? -13.587 4.409   6.771   0.10 135.21 ? 56  THR B CG2 1 
ATOM   897  N N   . ASP B 1 57 ? -13.279 6.530   4.830   1.00 77.11  ? 57  ASP B N   1 
ATOM   898  C CA  . ASP B 1 57 ? -12.434 7.661   4.464   0.10 78.32  ? 57  ASP B CA  1 
ATOM   899  C C   . ASP B 1 57 ? -10.996 7.196   4.243   1.00 76.26  ? 57  ASP B C   1 
ATOM   900  O O   . ASP B 1 57 ? -10.338 6.723   5.172   1.00 77.06  ? 57  ASP B O   1 
ATOM   901  C CB  . ASP B 1 57 ? -12.482 8.724   5.562   0.10 79.48  ? 57  ASP B CB  1 
ATOM   902  C CG  . ASP B 1 57 ? -13.891 9.210   5.838   1.00 83.21  ? 57  ASP B CG  1 
ATOM   903  O OD1 . ASP B 1 57 ? -14.735 8.388   6.256   1.00 84.02  ? 57  ASP B OD1 1 
ATOM   904  O OD2 . ASP B 1 57 ? -14.158 10.412  5.634   1.00 84.26  ? 57  ASP B OD2 1 
ATOM   905  N N   . ARG B 1 58 ? -10.521 7.332   3.008   1.00 79.83  ? 58  ARG B N   1 
ATOM   906  C CA  . ARG B 1 58 ? -9.169  6.920   2.633   1.00 76.05  ? 58  ARG B CA  1 
ATOM   907  C C   . ARG B 1 58 ? -8.871  5.516   3.147   1.00 74.28  ? 58  ARG B C   1 
ATOM   908  O O   . ARG B 1 58 ? -7.919  5.309   3.895   1.00 73.80  ? 58  ARG B O   1 
ATOM   909  C CB  . ARG B 1 58 ? -8.124  7.899   3.180   0.10 68.56  ? 58  ARG B CB  1 
ATOM   910  C CG  . ARG B 1 58 ? -8.345  9.347   2.773   0.10 66.39  ? 58  ARG B CG  1 
ATOM   911  C CD  . ARG B 1 58 ? -7.082  10.185  2.932   0.10 65.53  ? 58  ARG B CD  1 
ATOM   912  N NE  . ARG B 1 58 ? -6.127  9.951   1.850   0.10 63.94  ? 58  ARG B NE  1 
ATOM   913  C CZ  . ARG B 1 58 ? -4.957  10.572  1.733   1.00 62.51  ? 58  ARG B CZ  1 
ATOM   914  N NH1 . ARG B 1 58 ? -4.156  10.296  0.714   1.00 62.46  ? 58  ARG B NH1 1 
ATOM   915  N NH2 . ARG B 1 58 ? -4.584  11.466  2.637   1.00 61.35  ? 58  ARG B NH2 1 
ATOM   916  N N   . CYS B 1 59 ? -9.686  4.554   2.734   1.00 66.57  ? 59  CYS B N   1 
ATOM   917  C CA  . CYS B 1 59 ? -9.517  3.173   3.163   1.00 64.27  ? 59  CYS B CA  1 
ATOM   918  C C   . CYS B 1 59 ? -8.615  2.363   2.234   1.00 61.22  ? 59  CYS B C   1 
ATOM   919  O O   . CYS B 1 59 ? -7.801  1.563   2.697   0.10 60.38  ? 59  CYS B O   1 
ATOM   920  C CB  . CYS B 1 59 ? -10.886 2.494   3.277   1.00 79.82  ? 59  CYS B CB  1 
ATOM   921  S SG  . CYS B 1 59 ? -11.812 2.430   1.712   1.00 82.07  ? 59  CYS B SG  1 
ATOM   922  N N   . ASN B 1 60 ? -8.761  2.567   0.929   0.10 88.62  ? 60  ASN B N   1 
ATOM   923  C CA  . ASN B 1 60 ? -7.957  1.839   -0.050  1.00 86.28  ? 60  ASN B CA  1 
ATOM   924  C C   . ASN B 1 60 ? -6.487  2.241   0.020   1.00 87.72  ? 60  ASN B C   1 
ATOM   925  O O   . ASN B 1 60 ? -5.627  1.355   -0.171  1.00 63.28  ? 60  ASN B O   1 
ATOM   926  C CB  . ASN B 1 60 ? -8.498  2.071   -1.467  1.00 56.28  ? 60  ASN B CB  1 
ATOM   927  C CG  . ASN B 1 60 ? -8.143  3.436   -2.015  1.00 52.84  ? 60  ASN B CG  1 
ATOM   928  O OD1 . ASN B 1 60 ? -8.009  4.401   -1.268  1.00 51.27  ? 60  ASN B OD1 1 
ATOM   929  N ND2 . ASN B 1 60 ? -8.007  3.526   -3.329  1.00 51.45  ? 60  ASN B ND2 1 
ATOM   930  O OXT . ASN B 1 60 ? -6.212  3.435   0.264   0.80 62.95  ? 60  ASN B OXT 1 
HETATM 931  C C1  . SGN C 2 .  ? 33.591  11.379  9.179   0.80 36.50  ? 1   SGN C C1  1 
HETATM 932  C C2  . SGN C 2 .  ? 32.519  10.344  9.579   0.80 38.34  ? 1   SGN C C2  1 
HETATM 933  C C3  . SGN C 2 .  ? 31.132  10.834  9.154   0.80 37.10  ? 1   SGN C C3  1 
HETATM 934  C C4  . SGN C 2 .  ? 30.856  12.189  9.827   0.80 36.10  ? 1   SGN C C4  1 
HETATM 935  C C5  . SGN C 2 .  ? 31.962  13.205  9.501   0.80 36.69  ? 1   SGN C C5  1 
HETATM 936  C C6  . SGN C 2 .  ? 31.710  14.527  10.250  0.80 38.26  ? 1   SGN C C6  1 
HETATM 937  N N2  . SGN C 2 .  ? 32.762  9.047   8.932   0.80 38.90  ? 1   SGN C N2  1 
HETATM 938  O O1  . SGN C 2 .  ? 33.549  11.518  7.745   0.80 37.17  ? 1   SGN C O1  1 
HETATM 939  O O3  . SGN C 2 .  ? 30.178  9.877   9.612   0.80 36.07  ? 1   SGN C O3  1 
HETATM 940  O O4  . SGN C 2 .  ? 29.513  12.748  9.442   0.80 31.65  ? 1   SGN C O4  1 
HETATM 941  O O5  . SGN C 2 .  ? 33.270  12.639  9.856   0.80 38.76  ? 1   SGN C O5  1 
HETATM 942  O O6  . SGN C 2 .  ? 31.712  14.314  11.681  0.80 36.33  ? 1   SGN C O6  1 
HETATM 943  S S1  . SGN C 2 .  ? 34.393  8.493   8.473   0.80 40.14  ? 1   SGN C S1  1 
HETATM 944  O O1S . SGN C 2 .  ? 34.266  7.151   7.924   0.80 42.14  ? 1   SGN C O1S 1 
HETATM 945  O O2S . SGN C 2 .  ? 35.196  8.499   9.681   0.80 36.23  ? 1   SGN C O2S 1 
HETATM 946  O O3S . SGN C 2 .  ? 34.991  9.330   7.444   0.80 39.16  ? 1   SGN C O3S 1 
HETATM 947  S S2  . SGN C 2 .  ? 30.249  14.679  12.628  0.80 42.32  ? 1   SGN C S2  1 
HETATM 948  O O4S . SGN C 2 .  ? 29.147  13.817  12.222  0.80 36.35  ? 1   SGN C O4S 1 
HETATM 949  O O5S . SGN C 2 .  ? 29.921  16.085  12.414  0.80 37.15  ? 1   SGN C O5S 1 
HETATM 950  O O6S . SGN C 2 .  ? 30.537  14.453  14.030  0.80 41.54  ? 1   SGN C O6S 1 
HETATM 951  C C1  . IDS C 2 .  ? 28.097  12.746  9.546   0.80 34.89  ? 2   IDS C C1  1 
HETATM 952  C C2  . IDS C 2 .  ? 28.120  13.918  8.519   0.80 37.87  ? 2   IDS C C2  1 
HETATM 953  C C3  . IDS C 2 .  ? 27.132  13.639  7.432   0.80 36.50  ? 2   IDS C C3  1 
HETATM 954  C C4  . IDS C 2 .  ? 27.537  12.359  6.664   0.80 35.76  ? 2   IDS C C4  1 
HETATM 955  C C5  . IDS C 2 .  ? 28.312  11.313  7.539   0.80 37.90  ? 2   IDS C C5  1 
HETATM 956  C C6  . IDS C 2 .  ? 28.095  9.837   7.112   0.80 39.46  ? 2   IDS C C6  1 
HETATM 957  O O2  . IDS C 2 .  ? 27.705  15.126  9.137   0.80 45.51  ? 2   IDS C O2  1 
HETATM 958  O O3  . IDS C 2 .  ? 27.143  14.707  6.538   0.80 35.13  ? 2   IDS C O3  1 
HETATM 959  O O4  . IDS C 2 .  ? 26.803  11.514  5.774   0.80 34.43  ? 2   IDS C O4  1 
HETATM 960  O O5  . IDS C 2 .  ? 27.968  11.426  8.955   0.80 33.13  ? 2   IDS C O5  1 
HETATM 961  O O6A . IDS C 2 .  ? 28.276  9.578   5.896   0.80 37.98  ? 2   IDS C O6A 1 
HETATM 962  O O6B . IDS C 2 .  ? 27.776  8.977   7.987   0.80 36.13  ? 2   IDS C O6B 1 
HETATM 963  S S   . IDS C 2 .  ? 28.406  16.615  8.448   0.80 52.01  ? 2   IDS C S   1 
HETATM 964  O O1S . IDS C 2 .  ? 27.371  17.382  7.756   0.80 53.22  ? 2   IDS C O1S 1 
HETATM 965  O O2S . IDS C 2 .  ? 29.420  16.189  7.504   0.80 52.27  ? 2   IDS C O2S 1 
HETATM 966  O O3S . IDS C 2 .  ? 29.027  17.421  9.494   0.80 49.58  ? 2   IDS C O3S 1 
HETATM 967  C C1  . SGN C 2 .  ? 26.942  11.618  4.357   0.80 37.15  ? 3   SGN C C1  1 
HETATM 968  C C2  . SGN C 2 .  ? 25.645  12.176  3.830   0.80 37.35  ? 3   SGN C C2  1 
HETATM 969  C C3  . SGN C 2 .  ? 24.540  11.223  4.166   0.80 34.65  ? 3   SGN C C3  1 
HETATM 970  C C4  . SGN C 2 .  ? 24.834  9.861   3.483   0.80 33.61  ? 3   SGN C C4  1 
HETATM 971  C C5  . SGN C 2 .  ? 26.155  9.323   4.063   0.80 38.70  ? 3   SGN C C5  1 
HETATM 972  C C6  . SGN C 2 .  ? 26.497  7.991   3.430   0.80 46.27  ? 3   SGN C C6  1 
HETATM 973  N N2  . SGN C 2 .  ? 25.398  13.443  4.472   0.80 45.60  ? 3   SGN C N2  1 
HETATM 974  O O3  . SGN C 2 .  ? 23.379  11.788  3.675   0.80 26.92  ? 3   SGN C O3  1 
HETATM 975  O O4  . SGN C 2 .  ? 23.797  8.921   3.800   0.80 27.78  ? 3   SGN C O4  1 
HETATM 976  O O5  . SGN C 2 .  ? 27.174  10.322  3.764   0.80 38.53  ? 3   SGN C O5  1 
HETATM 977  O O6  . SGN C 2 .  ? 27.701  8.072   2.680   0.80 57.47  ? 3   SGN C O6  1 
HETATM 978  S S1  . SGN C 2 .  ? 24.494  14.710  3.626   0.80 50.01  ? 3   SGN C S1  1 
HETATM 979  O O1S . SGN C 2 .  ? 25.348  15.421  2.689   0.80 44.83  ? 3   SGN C O1S 1 
HETATM 980  O O2S . SGN C 2 .  ? 24.032  15.584  4.669   0.80 51.59  ? 3   SGN C O2S 1 
HETATM 981  O O3S . SGN C 2 .  ? 23.352  14.160  2.918   0.80 51.48  ? 3   SGN C O3S 1 
HETATM 982  S S2  . SGN C 2 .  ? 27.624  8.843   1.074   0.80 60.71  ? 3   SGN C S2  1 
HETATM 983  O O4S . SGN C 2 .  ? 26.690  8.096   0.272   0.80 61.84  ? 3   SGN C O4S 1 
HETATM 984  O O5S . SGN C 2 .  ? 28.935  8.801   0.484   0.80 62.10  ? 3   SGN C O5S 1 
HETATM 985  O O6S . SGN C 2 .  ? 27.193  10.223  1.172   0.80 62.07  ? 3   SGN C O6S 1 
HETATM 986  C C1  . IDS C 2 .  ? 22.868  8.416   2.792   0.80 21.30  ? 4   IDS C C1  1 
HETATM 987  C C2  . IDS C 2 .  ? 21.912  7.456   3.552   0.80 16.12  ? 4   IDS C C2  1 
HETATM 988  C C3  . IDS C 2 .  ? 21.186  8.215   4.670   0.80 12.52  ? 4   IDS C C3  1 
HETATM 989  C C4  . IDS C 2 .  ? 20.380  9.438   4.051   0.80 17.09  ? 4   IDS C C4  1 
HETATM 990  C C5  . IDS C 2 .  ? 21.329  10.290  3.166   0.80 17.63  ? 4   IDS C C5  1 
HETATM 991  C C6  . IDS C 2 .  ? 20.722  11.498  2.458   0.80 18.62  ? 4   IDS C C6  1 
HETATM 992  O O2  . IDS C 2 .  ? 20.955  6.861   2.716   0.80 17.35  ? 4   IDS C O2  1 
HETATM 993  O O3  . IDS C 2 .  ? 22.212  8.683   5.517   0.80 14.89  ? 4   IDS C O3  1 
HETATM 994  O O4  . IDS C 2 .  ? 19.261  9.050   3.263   0.80 14.62  ? 4   IDS C O4  1 
HETATM 995  O O5  . IDS C 2 .  ? 22.060  9.452   2.178   0.80 17.46  ? 4   IDS C O5  1 
HETATM 996  O O6A . IDS C 2 .  ? 20.057  12.308  3.102   0.80 21.09  ? 4   IDS C O6A 1 
HETATM 997  O O6B . IDS C 2 .  ? 20.966  11.633  1.257   0.80 22.41  ? 4   IDS C O6B 1 
HETATM 998  S S   . IDS C 2 .  ? 21.550  5.975   1.306   0.80 14.69  ? 4   IDS C S   1 
HETATM 999  O O1S . IDS C 2 .  ? 20.370  5.434   0.657   0.80 15.93  ? 4   IDS C O1S 1 
HETATM 1000 O O2S . IDS C 2 .  ? 22.432  4.933   1.817   0.80 23.97  ? 4   IDS C O2S 1 
HETATM 1001 O O3S . IDS C 2 .  ? 22.322  6.759   0.387   0.80 16.04  ? 4   IDS C O3S 1 
HETATM 1002 C C1  . SGN C 2 .  ? 18.120  8.784   4.088   0.80 15.59  ? 5   SGN C C1  1 
HETATM 1003 C C2  . SGN C 2 .  ? 17.650  7.367   3.788   0.80 17.99  ? 5   SGN C C2  1 
HETATM 1004 C C3  . SGN C 2 .  ? 16.964  7.257   2.423   0.80 17.95  ? 5   SGN C C3  1 
HETATM 1005 C C4  . SGN C 2 .  ? 15.726  8.167   2.454   0.80 17.17  ? 5   SGN C C4  1 
HETATM 1006 C C5  . SGN C 2 .  ? 16.281  9.593   2.617   0.80 16.71  ? 5   SGN C C5  1 
HETATM 1007 C C6  . SGN C 2 .  ? 15.169  10.615  2.619   0.80 16.34  ? 5   SGN C C6  1 
HETATM 1008 N N2  . SGN C 2 .  ? 18.793  6.513   3.723   0.80 20.77  ? 5   SGN C N2  1 
HETATM 1009 O O3  . SGN C 2 .  ? 16.592  5.917   2.248   0.80 15.00  ? 5   SGN C O3  1 
HETATM 1010 O O4  . SGN C 2 .  ? 15.020  8.108   1.217   0.80 18.63  ? 5   SGN C O4  1 
HETATM 1011 O O5  . SGN C 2 .  ? 17.002  9.704   3.878   0.80 15.05  ? 5   SGN C O5  1 
HETATM 1012 O O6  . SGN C 2 .  ? 14.888  10.896  1.260   0.80 23.25  ? 5   SGN C O6  1 
HETATM 1013 S S1  . SGN C 2 .  ? 19.093  5.533   5.136   0.80 18.90  ? 5   SGN C S1  1 
HETATM 1014 O O1S . SGN C 2 .  ? 20.271  4.733   4.873   0.80 21.21  ? 5   SGN C O1S 1 
HETATM 1015 O O2S . SGN C 2 .  ? 17.917  4.731   5.321   0.80 17.51  ? 5   SGN C O2S 1 
HETATM 1016 O O3S . SGN C 2 .  ? 19.254  6.362   6.307   0.80 20.31  ? 5   SGN C O3S 1 
HETATM 1017 S S2  . SGN C 2 .  ? 14.899  12.596  0.854   0.80 30.41  ? 5   SGN C S2  1 
HETATM 1018 O O4S . SGN C 2 .  ? 13.787  13.251  1.459   0.80 32.30  ? 5   SGN C O4S 1 
HETATM 1019 O O5S . SGN C 2 .  ? 14.795  12.654  -0.578  0.80 36.24  ? 5   SGN C O5S 1 
HETATM 1020 O O6S . SGN C 2 .  ? 16.183  13.174  1.245   0.80 27.09  ? 5   SGN C O6S 1 
HETATM 1021 C C1  . IDS C 2 .  ? 13.694  7.550   1.323   0.80 22.39  ? 6   IDS C C1  1 
HETATM 1022 C C2  . IDS C 2 .  ? 13.042  7.625   -0.054  0.80 22.91  ? 6   IDS C C2  1 
HETATM 1023 C C3  . IDS C 2 .  ? 13.752  6.779   -1.110  0.80 21.73  ? 6   IDS C C3  1 
HETATM 1024 C C4  . IDS C 2 .  ? 14.241  5.481   -0.563  0.80 20.49  ? 6   IDS C C4  1 
HETATM 1025 C C5  . IDS C 2 .  ? 14.167  5.200   0.768   0.80 27.35  ? 6   IDS C C5  1 
HETATM 1026 C C6  . IDS C 2 .  ? 14.375  3.726   1.291   0.80 29.61  ? 6   IDS C C6  1 
HETATM 1027 O O2  . IDS C 2 .  ? 11.694  7.126   -0.003  0.80 28.79  ? 6   IDS C O2  1 
HETATM 1028 O O3  . IDS C 2 .  ? 14.778  7.570   -1.595  0.80 22.99  ? 6   IDS C O3  1 
HETATM 1029 O O5  . IDS C 2 .  ? 13.792  6.154   1.705   0.80 27.16  ? 6   IDS C O5  1 
HETATM 1030 O O6A . IDS C 2 .  ? 14.656  2.828   0.497   0.80 30.78  ? 6   IDS C O6A 1 
HETATM 1031 O O6B . IDS C 2 .  ? 14.219  3.466   2.510   0.80 29.57  ? 6   IDS C O6B 1 
HETATM 1032 S S   . IDS C 2 .  ? 10.779  6.944   1.517   0.80 29.34  ? 6   IDS C S   1 
HETATM 1033 O O1S . IDS C 2 .  ? 11.426  5.932   2.311   0.80 32.67  ? 6   IDS C O1S 1 
HETATM 1034 O O2S . IDS C 2 .  ? 9.473   6.450   1.243   0.80 29.69  ? 6   IDS C O2S 1 
HETATM 1035 O O3S . IDS C 2 .  ? 10.757  8.244   2.170   0.80 29.12  ? 6   IDS C O3S 1 
HETATM 1036 C C1  . CIT D 3 .  ? -3.565  -5.226  4.433   1.00 17.71  ? 101 CIT A C1  1 
HETATM 1037 O O1  . CIT D 3 .  ? -4.154  -4.269  3.910   1.00 17.71  ? 101 CIT A O1  1 
HETATM 1038 O O2  . CIT D 3 .  ? -3.317  -5.282  5.645   1.00 17.71  ? 101 CIT A O2  1 
HETATM 1039 C C2  . CIT D 3 .  ? -3.070  -6.410  3.653   1.00 17.71  ? 101 CIT A C2  1 
HETATM 1040 C C3  . CIT D 3 .  ? -2.040  -5.991  2.633   1.00 17.71  ? 101 CIT A C3  1 
HETATM 1041 O O7  . CIT D 3 .  ? -2.496  -4.853  1.902   1.00 17.71  ? 101 CIT A O7  1 
HETATM 1042 C C4  . CIT D 3 .  ? -0.676  -5.468  3.397   1.00 17.71  ? 101 CIT A C4  1 
HETATM 1043 C C5  . CIT D 3 .  ? 0.685   -5.402  2.606   1.00 17.71  ? 101 CIT A C5  1 
HETATM 1044 O O3  . CIT D 3 .  ? 1.331   -6.458  2.425   1.00 17.71  ? 101 CIT A O3  1 
HETATM 1045 O O4  . CIT D 3 .  ? 1.038   -4.297  2.194   1.00 17.71  ? 101 CIT A O4  1 
HETATM 1046 C C6  . CIT D 3 .  ? -1.807  -7.002  1.614   1.00 17.71  ? 101 CIT A C6  1 
HETATM 1047 O O5  . CIT D 3 .  ? -1.110  -6.677  0.645   1.00 17.71  ? 101 CIT A O5  1 
HETATM 1048 O O6  . CIT D 3 .  ? -2.324  -8.146  1.757   1.00 17.71  ? 101 CIT A O6  1 
HETATM 1049 O O   . HOH E 4 .  ? 22.325  6.691   -3.882  1.00 4.40   ? 102 HOH A O   1 
HETATM 1050 O O   . HOH E 4 .  ? 36.838  13.488  4.413   1.00 4.14   ? 103 HOH A O   1 
HETATM 1051 O O   . HOH E 4 .  ? 26.243  13.586  12.161  1.00 3.96   ? 104 HOH A O   1 
HETATM 1052 O O   . HOH E 4 .  ? 5.683   -4.659  12.513  1.00 3.90   ? 105 HOH A O   1 
HETATM 1053 O O   . HOH E 4 .  ? 34.347  16.862  8.139   1.00 3.42   ? 106 HOH A O   1 
HETATM 1054 O O   . HOH E 4 .  ? 30.246  20.903  14.737  1.00 3.33   ? 107 HOH A O   1 
HETATM 1055 O O   . HOH E 4 .  ? 27.196  21.580  25.094  1.00 3.32   ? 108 HOH A O   1 
HETATM 1056 O O   . HOH E 4 .  ? 31.799  10.246  -0.663  1.00 3.24   ? 109 HOH A O   1 
HETATM 1057 O O   . HOH E 4 .  ? -1.453  -1.758  6.217   1.00 3.19   ? 110 HOH A O   1 
HETATM 1058 O O   . HOH F 4 .  ? -14.165 15.661  -5.768  1.00 3.96   ? 61  HOH B O   1 
# 
